data_6P5M
#
_entry.id   6P5M
#
_cell.length_a   89.456
_cell.length_b   146.416
_cell.length_c   111.876
_cell.angle_alpha   90.000
_cell.angle_beta   97.120
_cell.angle_gamma   90.000
#
_symmetry.space_group_name_H-M   'P 1 21 1'
#
loop_
_entity.id
_entity.type
_entity.pdbx_description
1 polymer 'Rho-associated protein kinase 2'
2 non-polymer 6-(5-methyl-1H-pyrazol-4-yl)-2-[(pyrrolidin-1-yl)methyl]thieno[3,2-d]pyrimidin-4(3H)-one
3 water water
#
_entity_poly.entity_id   1
_entity_poly.type   'polypeptide(L)'
_entity_poly.pdbx_seq_one_letter_code
;GAMGSPGDGAGASRQRKLEALIRDPRSPINVESLLDGLNSLVLDLDFPALRKNKNIDNFLNRYEKIVKKIRGLQMKAEDY
DVVKVIGRGAFGEVQLVRHKASQKVYAMKLLSKFEMIKRSDSAFFWEERDIMAFANSPWVVQLFYAFQDDRYLYMVMEYM
PGGDLVNLMSNYDVPEKWAKFYTAEVVLALDAIHSMGLIHRDVKPDNMLLDKHGHLKLADFGTCMKMDETGMVHCDTAVG
TPDYISPEVLKSQGGDGYYGRECDWWSVGVFLYEMLVGDTPFYADSLVGTYSKIMDHKNSLCFPEDAEISKHAKNLICAF
LTDREVRLGRNGVEEIRQHPFFKNDQWHWDNIRETAAPVVPELSSDIDSSNFDDIEDDKGDVETFPIPKAFVGNQLPFIG
FTYYR
;
_entity_poly.pdbx_strand_id   A,B,C,D
#
loop_
_chem_comp.id
_chem_comp.type
_chem_comp.name
_chem_comp.formula
O1S non-polymer 6-(5-methyl-1H-pyrazol-4-yl)-2-[(pyrrolidin-1-yl)methyl]thieno[3,2-d]pyrimidin-4(3H)-one 'C15 H17 N5 O S'
#
# COMPACT_ATOMS: atom_id res chain seq x y z
N SER A 5 20.77 -0.50 5.73
CA SER A 5 21.13 0.24 4.47
C SER A 5 20.02 1.24 4.11
N PRO A 6 19.90 2.37 4.86
CA PRO A 6 18.79 3.30 4.69
C PRO A 6 19.05 4.46 3.72
N GLY A 7 17.99 5.04 3.16
CA GLY A 7 18.03 6.25 2.32
C GLY A 7 18.10 7.51 3.16
N ASP A 8 18.56 8.61 2.57
CA ASP A 8 18.95 9.87 3.27
C ASP A 8 17.79 10.89 3.22
N GLY A 9 16.55 10.42 3.09
CA GLY A 9 15.34 11.10 3.62
C GLY A 9 14.55 11.81 2.55
N ALA A 10 15.22 12.36 1.54
CA ALA A 10 14.65 13.30 0.55
C ALA A 10 13.66 12.58 -0.37
N GLY A 11 12.56 13.26 -0.73
CA GLY A 11 11.49 12.70 -1.59
C GLY A 11 10.46 11.90 -0.79
N ALA A 12 10.53 11.93 0.54
CA ALA A 12 9.54 11.36 1.48
C ALA A 12 8.28 12.25 1.51
N SER A 13 8.45 13.57 1.54
CA SER A 13 7.37 14.60 1.58
C SER A 13 6.66 14.68 0.23
N ARG A 14 7.20 14.03 -0.80
CA ARG A 14 6.58 13.91 -2.13
C ARG A 14 5.81 12.59 -2.18
N GLN A 15 6.38 11.57 -1.55
CA GLN A 15 5.83 10.18 -1.54
C GLN A 15 4.46 10.20 -0.88
N ARG A 16 4.24 11.11 0.07
CA ARG A 16 2.98 11.23 0.85
C ARG A 16 1.93 11.95 0.00
N LYS A 17 2.33 13.04 -0.66
CA LYS A 17 1.45 13.86 -1.55
C LYS A 17 0.96 12.99 -2.72
N LEU A 18 1.87 12.14 -3.24
CA LEU A 18 1.62 11.26 -4.41
C LEU A 18 0.70 10.11 -4.01
N GLU A 19 0.98 9.44 -2.88
CA GLU A 19 0.18 8.28 -2.40
C GLU A 19 -1.26 8.72 -2.16
N ALA A 20 -1.46 9.99 -1.78
CA ALA A 20 -2.79 10.64 -1.57
C ALA A 20 -3.55 10.75 -2.91
N LEU A 21 -2.88 11.32 -3.92
CA LEU A 21 -3.40 11.49 -5.31
C LEU A 21 -3.79 10.13 -5.90
N ILE A 22 -2.94 9.12 -5.74
CA ILE A 22 -3.07 7.76 -6.34
C ILE A 22 -4.27 7.03 -5.70
N ARG A 23 -4.57 7.32 -4.42
CA ARG A 23 -5.53 6.52 -3.60
C ARG A 23 -6.93 7.14 -3.68
N ASP A 24 -7.05 8.38 -4.17
CA ASP A 24 -8.35 9.01 -4.51
C ASP A 24 -8.96 8.29 -5.73
N PRO A 25 -10.17 7.70 -5.62
CA PRO A 25 -10.78 7.01 -6.77
C PRO A 25 -11.21 7.95 -7.91
N ARG A 26 -11.48 9.23 -7.59
CA ARG A 26 -11.96 10.25 -8.57
C ARG A 26 -10.77 11.06 -9.11
N SER A 27 -9.53 10.62 -8.84
CA SER A 27 -8.27 11.25 -9.33
C SER A 27 -7.94 10.70 -10.72
N PRO A 28 -7.42 11.56 -11.64
CA PRO A 28 -7.02 11.08 -12.96
C PRO A 28 -5.81 10.12 -12.95
N ILE A 29 -5.03 10.10 -11.85
CA ILE A 29 -3.76 9.31 -11.79
C ILE A 29 -3.83 8.29 -10.65
N ASN A 30 -4.94 7.56 -10.52
CA ASN A 30 -4.98 6.31 -9.70
C ASN A 30 -4.12 5.25 -10.39
N VAL A 31 -4.00 4.06 -9.81
CA VAL A 31 -3.10 2.98 -10.30
C VAL A 31 -3.64 2.42 -11.62
N GLU A 32 -4.97 2.22 -11.72
CA GLU A 32 -5.60 1.63 -12.93
C GLU A 32 -5.28 2.54 -14.13
N SER A 33 -5.27 3.85 -13.92
CA SER A 33 -5.05 4.89 -14.96
C SER A 33 -3.60 4.85 -15.44
N LEU A 34 -2.66 4.71 -14.51
CA LEU A 34 -1.22 4.61 -14.85
C LEU A 34 -0.97 3.31 -15.62
N LEU A 35 -1.67 2.22 -15.28
CA LEU A 35 -1.58 0.93 -16.02
C LEU A 35 -2.22 1.08 -17.42
N ASP A 36 -3.40 1.70 -17.50
CA ASP A 36 -4.07 2.04 -18.79
C ASP A 36 -3.06 2.77 -19.67
N GLY A 37 -2.31 3.71 -19.08
CA GLY A 37 -1.33 4.56 -19.78
C GLY A 37 -0.26 3.71 -20.45
N LEU A 38 0.28 2.73 -19.73
CA LEU A 38 1.36 1.85 -20.24
C LEU A 38 0.78 0.87 -21.27
N ASN A 39 -0.38 0.30 -20.98
CA ASN A 39 -1.08 -0.64 -21.89
C ASN A 39 -1.34 0.06 -23.22
N SER A 40 -1.87 1.28 -23.17
CA SER A 40 -2.30 2.08 -24.35
C SER A 40 -1.09 2.45 -25.21
N LEU A 41 0.01 2.84 -24.57
CA LEU A 41 1.27 3.24 -25.24
C LEU A 41 1.82 2.05 -26.03
N VAL A 42 1.74 0.85 -25.46
CA VAL A 42 2.25 -0.40 -26.10
C VAL A 42 1.36 -0.77 -27.30
N LEU A 43 0.04 -0.71 -27.14
CA LEU A 43 -0.92 -1.02 -28.23
C LEU A 43 -0.73 -0.06 -29.42
N ASP A 44 -0.37 1.19 -29.16
CA ASP A 44 -0.31 2.24 -30.20
C ASP A 44 1.08 2.32 -30.84
N LEU A 45 2.05 1.57 -30.32
CA LEU A 45 3.45 1.55 -30.83
C LEU A 45 3.75 0.21 -31.50
N ASP A 46 3.14 -0.91 -31.07
CA ASP A 46 3.48 -2.26 -31.59
C ASP A 46 2.80 -2.46 -32.95
N PHE A 47 3.35 -1.84 -33.98
CA PHE A 47 3.05 -2.06 -35.41
C PHE A 47 4.38 -2.08 -36.16
N PRO A 48 4.51 -2.94 -37.21
CA PRO A 48 5.81 -3.17 -37.86
C PRO A 48 6.54 -1.89 -38.30
N ALA A 49 5.80 -0.89 -38.80
CA ALA A 49 6.34 0.36 -39.38
C ALA A 49 6.98 1.22 -38.27
N LEU A 50 6.27 1.39 -37.14
CA LEU A 50 6.72 2.24 -36.00
C LEU A 50 7.98 1.64 -35.38
N ARG A 51 8.08 0.31 -35.35
CA ARG A 51 9.18 -0.45 -34.69
C ARG A 51 10.52 -0.27 -35.43
N LYS A 52 10.55 0.38 -36.60
CA LYS A 52 11.83 0.70 -37.30
C LYS A 52 12.50 1.90 -36.62
N ASN A 53 11.76 2.61 -35.77
CA ASN A 53 12.26 3.64 -34.83
C ASN A 53 12.89 2.94 -33.62
N LYS A 54 14.21 3.07 -33.44
CA LYS A 54 15.01 2.38 -32.38
C LYS A 54 14.41 2.65 -30.99
N ASN A 55 14.09 3.92 -30.69
CA ASN A 55 13.48 4.36 -29.42
C ASN A 55 12.24 3.51 -29.10
N ILE A 56 11.39 3.25 -30.10
CA ILE A 56 10.12 2.50 -29.95
C ILE A 56 10.43 1.01 -29.78
N ASP A 57 11.31 0.45 -30.62
CA ASP A 57 11.67 -1.00 -30.59
C ASP A 57 12.28 -1.33 -29.22
N ASN A 58 13.21 -0.50 -28.73
CA ASN A 58 13.91 -0.67 -27.43
C ASN A 58 12.86 -0.69 -26.30
N PHE A 59 11.93 0.27 -26.30
CA PHE A 59 10.86 0.41 -25.27
C PHE A 59 9.95 -0.82 -25.28
N LEU A 60 9.53 -1.27 -26.46
CA LEU A 60 8.58 -2.41 -26.62
C LEU A 60 9.28 -3.72 -26.22
N ASN A 61 10.56 -3.90 -26.59
CA ASN A 61 11.39 -5.05 -26.14
C ASN A 61 11.36 -5.12 -24.61
N ARG A 62 11.47 -3.96 -23.95
CA ARG A 62 11.62 -3.88 -22.47
C ARG A 62 10.27 -4.13 -21.76
N TYR A 63 9.13 -3.76 -22.37
CA TYR A 63 7.82 -3.71 -21.66
C TYR A 63 6.75 -4.63 -22.28
N GLU A 64 6.92 -5.17 -23.49
CA GLU A 64 5.82 -5.92 -24.15
C GLU A 64 5.49 -7.19 -23.35
N LYS A 65 6.50 -7.86 -22.78
CA LYS A 65 6.34 -9.14 -22.04
C LYS A 65 5.52 -8.93 -20.77
N ILE A 66 5.97 -8.02 -19.90
CA ILE A 66 5.32 -7.68 -18.58
C ILE A 66 3.93 -7.09 -18.83
N VAL A 67 3.71 -6.40 -19.94
CA VAL A 67 2.40 -5.75 -20.25
C VAL A 67 1.40 -6.83 -20.65
N LYS A 68 1.82 -7.88 -21.38
CA LYS A 68 0.94 -9.03 -21.73
C LYS A 68 0.60 -9.83 -20.47
N LYS A 69 1.54 -9.95 -19.54
CA LYS A 69 1.34 -10.63 -18.24
C LYS A 69 0.26 -9.88 -17.44
N ILE A 70 0.40 -8.55 -17.29
CA ILE A 70 -0.55 -7.64 -16.58
C ILE A 70 -1.96 -7.81 -17.18
N ARG A 71 -2.05 -7.80 -18.50
CA ARG A 71 -3.31 -7.94 -19.25
C ARG A 71 -3.99 -9.27 -18.89
N GLY A 72 -3.20 -10.31 -18.63
CA GLY A 72 -3.67 -11.62 -18.14
C GLY A 72 -4.35 -11.50 -16.78
N LEU A 73 -3.78 -10.70 -15.88
CA LEU A 73 -4.11 -10.66 -14.43
C LEU A 73 -5.33 -9.78 -14.17
N GLN A 74 -5.50 -8.71 -14.94
CA GLN A 74 -6.56 -7.68 -14.70
C GLN A 74 -7.87 -8.20 -15.30
N MET A 75 -9.00 -7.61 -14.92
CA MET A 75 -10.35 -8.04 -15.36
C MET A 75 -10.43 -7.95 -16.89
N LYS A 76 -11.07 -8.95 -17.51
CA LYS A 76 -11.21 -9.09 -18.98
C LYS A 76 -12.56 -9.73 -19.32
N ALA A 77 -12.94 -9.70 -20.59
CA ALA A 77 -14.24 -10.19 -21.09
C ALA A 77 -14.36 -11.69 -20.82
N GLU A 78 -13.24 -12.42 -20.93
CA GLU A 78 -13.16 -13.91 -20.79
C GLU A 78 -13.60 -14.32 -19.37
N ASP A 79 -13.59 -13.39 -18.41
CA ASP A 79 -14.01 -13.63 -17.01
C ASP A 79 -15.53 -13.71 -16.88
N TYR A 80 -16.28 -13.36 -17.93
CA TYR A 80 -17.77 -13.37 -17.95
C TYR A 80 -18.27 -14.40 -18.97
N ASP A 81 -19.32 -15.13 -18.62
CA ASP A 81 -20.15 -15.94 -19.56
C ASP A 81 -21.25 -15.06 -20.11
N VAL A 82 -21.32 -14.90 -21.42
CA VAL A 82 -22.42 -14.17 -22.10
C VAL A 82 -23.65 -15.08 -22.10
N VAL A 83 -24.66 -14.74 -21.32
CA VAL A 83 -25.94 -15.52 -21.25
C VAL A 83 -26.79 -15.16 -22.46
N LYS A 84 -26.91 -13.87 -22.77
CA LYS A 84 -27.81 -13.38 -23.84
C LYS A 84 -27.54 -11.89 -24.11
N VAL A 85 -27.68 -11.48 -25.37
CA VAL A 85 -27.69 -10.05 -25.79
C VAL A 85 -29.09 -9.49 -25.53
N ILE A 86 -29.21 -8.39 -24.78
CA ILE A 86 -30.53 -7.78 -24.38
C ILE A 86 -30.68 -6.36 -24.93
N GLY A 87 -29.70 -5.87 -25.69
CA GLY A 87 -29.76 -4.55 -26.36
C GLY A 87 -28.63 -4.40 -27.36
N ARG A 88 -28.86 -3.70 -28.48
CA ARG A 88 -27.80 -3.39 -29.47
C ARG A 88 -27.95 -1.94 -29.91
N GLY A 89 -27.08 -1.07 -29.39
CA GLY A 89 -26.89 0.32 -29.87
C GLY A 89 -26.04 0.36 -31.14
N ALA A 90 -25.79 1.57 -31.65
CA ALA A 90 -24.78 1.87 -32.69
C ALA A 90 -23.36 1.78 -32.10
N PHE A 91 -23.25 1.86 -30.77
CA PHE A 91 -21.98 1.90 -29.98
C PHE A 91 -21.43 0.47 -29.79
N GLY A 92 -22.36 -0.48 -29.67
CA GLY A 92 -22.13 -1.90 -29.32
C GLY A 92 -23.36 -2.48 -28.63
N GLU A 93 -23.25 -3.70 -28.08
CA GLU A 93 -24.41 -4.41 -27.52
C GLU A 93 -24.41 -4.23 -26.00
N VAL A 94 -25.55 -4.46 -25.36
CA VAL A 94 -25.67 -4.74 -23.91
C VAL A 94 -25.95 -6.24 -23.75
N GLN A 95 -25.18 -6.88 -22.88
CA GLN A 95 -25.17 -8.36 -22.68
C GLN A 95 -25.56 -8.66 -21.24
N LEU A 96 -26.49 -9.59 -21.04
CA LEU A 96 -26.70 -10.27 -19.74
C LEU A 96 -25.54 -11.26 -19.55
N VAL A 97 -24.72 -11.04 -18.54
CA VAL A 97 -23.50 -11.87 -18.30
C VAL A 97 -23.55 -12.44 -16.88
N ARG A 98 -22.77 -13.49 -16.66
CA ARG A 98 -22.54 -14.08 -15.34
C ARG A 98 -21.03 -14.14 -15.16
N HIS A 99 -20.52 -13.48 -14.11
CA HIS A 99 -19.10 -13.56 -13.70
C HIS A 99 -18.80 -15.02 -13.30
N LYS A 100 -17.82 -15.65 -13.94
CA LYS A 100 -17.54 -17.11 -13.81
C LYS A 100 -17.18 -17.46 -12.36
N ALA A 101 -16.29 -16.69 -11.74
CA ALA A 101 -15.72 -16.98 -10.40
C ALA A 101 -16.78 -16.77 -9.31
N SER A 102 -17.60 -15.73 -9.40
CA SER A 102 -18.57 -15.36 -8.33
C SER A 102 -19.98 -15.90 -8.64
N GLN A 103 -20.25 -16.25 -9.90
CA GLN A 103 -21.58 -16.74 -10.40
C GLN A 103 -22.64 -15.64 -10.30
N LYS A 104 -22.24 -14.38 -10.10
CA LYS A 104 -23.18 -13.23 -9.99
C LYS A 104 -23.55 -12.73 -11.39
N VAL A 105 -24.78 -12.25 -11.52
CA VAL A 105 -25.37 -11.77 -12.81
C VAL A 105 -25.26 -10.24 -12.90
N TYR A 106 -24.85 -9.74 -14.06
CA TYR A 106 -24.74 -8.29 -14.37
C TYR A 106 -25.24 -8.04 -15.79
N ALA A 107 -25.50 -6.77 -16.12
CA ALA A 107 -25.58 -6.26 -17.50
C ALA A 107 -24.23 -5.65 -17.87
N MET A 108 -23.68 -6.03 -19.03
CA MET A 108 -22.38 -5.52 -19.52
C MET A 108 -22.61 -4.77 -20.84
N LYS A 109 -22.29 -3.48 -20.84
CA LYS A 109 -22.38 -2.60 -22.03
C LYS A 109 -21.02 -2.58 -22.72
N LEU A 110 -20.98 -2.88 -24.01
CA LEU A 110 -19.80 -2.78 -24.89
C LEU A 110 -19.89 -1.48 -25.69
N LEU A 111 -18.81 -0.68 -25.70
CA LEU A 111 -18.67 0.47 -26.61
C LEU A 111 -17.47 0.22 -27.54
N SER A 112 -17.71 0.21 -28.84
CA SER A 112 -16.67 -0.01 -29.87
C SER A 112 -15.73 1.22 -29.91
N LYS A 113 -14.46 1.02 -29.58
CA LYS A 113 -13.43 2.09 -29.69
C LYS A 113 -13.36 2.60 -31.13
N PHE A 114 -13.43 1.68 -32.10
CA PHE A 114 -13.33 2.00 -33.56
C PHE A 114 -14.49 2.90 -33.97
N GLU A 115 -15.72 2.60 -33.53
CA GLU A 115 -16.93 3.36 -33.89
C GLU A 115 -16.87 4.76 -33.27
N MET A 116 -16.34 4.91 -32.07
CA MET A 116 -16.22 6.22 -31.39
C MET A 116 -15.17 7.11 -32.09
N ILE A 117 -14.06 6.53 -32.53
CA ILE A 117 -13.00 7.25 -33.28
C ILE A 117 -13.52 7.61 -34.67
N LYS A 118 -14.05 6.62 -35.41
CA LYS A 118 -14.37 6.74 -36.86
C LYS A 118 -15.41 7.85 -37.04
N ARG A 119 -16.39 7.91 -36.13
CA ARG A 119 -17.43 8.95 -36.05
C ARG A 119 -17.07 9.86 -34.87
N SER A 120 -15.94 10.54 -34.97
CA SER A 120 -15.48 11.69 -34.13
C SER A 120 -16.37 11.96 -32.91
N ASP A 121 -16.24 11.14 -31.86
CA ASP A 121 -17.13 11.23 -30.67
C ASP A 121 -16.62 10.27 -29.60
N SER A 122 -15.47 10.58 -29.00
CA SER A 122 -14.77 9.70 -28.03
C SER A 122 -14.52 10.45 -26.70
N ALA A 123 -15.53 11.15 -26.19
CA ALA A 123 -15.48 11.79 -24.85
C ALA A 123 -16.82 11.70 -24.10
N PHE A 124 -17.88 11.06 -24.65
CA PHE A 124 -19.24 11.10 -24.07
C PHE A 124 -19.38 10.10 -22.92
N PHE A 125 -18.50 9.08 -22.92
CA PHE A 125 -18.57 7.90 -22.05
C PHE A 125 -17.99 8.20 -20.67
N TRP A 126 -17.26 9.32 -20.50
CA TRP A 126 -16.70 9.74 -19.18
C TRP A 126 -17.84 10.01 -18.20
N GLU A 127 -18.88 10.78 -18.59
CA GLU A 127 -19.97 11.15 -17.67
C GLU A 127 -20.78 9.90 -17.33
N GLU A 128 -21.00 9.02 -18.31
CA GLU A 128 -21.70 7.74 -18.10
C GLU A 128 -20.99 6.94 -17.00
N ARG A 129 -19.67 6.80 -17.12
CA ARG A 129 -18.84 6.07 -16.15
C ARG A 129 -18.98 6.72 -14.78
N ASP A 130 -18.84 8.05 -14.72
CA ASP A 130 -18.73 8.80 -13.45
C ASP A 130 -20.08 8.80 -12.74
N ILE A 131 -21.18 8.94 -13.47
CA ILE A 131 -22.55 8.98 -12.88
C ILE A 131 -22.86 7.60 -12.29
N MET A 132 -22.62 6.55 -13.05
CA MET A 132 -22.98 5.18 -12.63
C MET A 132 -22.02 4.68 -11.54
N ALA A 133 -20.78 5.15 -11.52
CA ALA A 133 -19.77 4.76 -10.52
C ALA A 133 -20.04 5.44 -9.18
N PHE A 134 -20.39 6.74 -9.18
CA PHE A 134 -20.27 7.62 -8.00
C PHE A 134 -21.59 8.29 -7.64
N ALA A 135 -22.65 8.19 -8.45
CA ALA A 135 -23.98 8.74 -8.09
C ALA A 135 -24.40 8.25 -6.71
N ASN A 136 -24.26 6.94 -6.45
CA ASN A 136 -24.60 6.31 -5.15
C ASN A 136 -26.06 6.69 -4.82
N SER A 137 -26.95 6.48 -5.78
CA SER A 137 -28.39 6.86 -5.71
C SER A 137 -29.25 5.67 -6.07
N PRO A 138 -30.39 5.44 -5.37
CA PRO A 138 -31.33 4.40 -5.77
C PRO A 138 -31.96 4.64 -7.15
N TRP A 139 -31.82 5.85 -7.71
CA TRP A 139 -32.45 6.29 -8.98
C TRP A 139 -31.53 6.11 -10.19
N VAL A 140 -30.28 5.69 -9.96
CA VAL A 140 -29.23 5.61 -11.00
C VAL A 140 -28.68 4.18 -11.03
N VAL A 141 -28.68 3.54 -12.20
CA VAL A 141 -28.06 2.21 -12.39
C VAL A 141 -26.61 2.30 -11.95
N GLN A 142 -26.18 1.30 -11.21
CA GLN A 142 -24.87 1.28 -10.52
C GLN A 142 -23.83 0.62 -11.41
N LEU A 143 -22.63 1.19 -11.51
CA LEU A 143 -21.45 0.59 -12.18
C LEU A 143 -20.61 -0.14 -11.12
N PHE A 144 -20.28 -1.39 -11.36
CA PHE A 144 -19.40 -2.19 -10.48
C PHE A 144 -17.98 -2.17 -11.05
N TYR A 145 -17.83 -2.45 -12.34
CA TYR A 145 -16.52 -2.50 -13.02
C TYR A 145 -16.61 -1.82 -14.40
N ALA A 146 -15.53 -1.13 -14.76
CA ALA A 146 -15.23 -0.65 -16.13
C ALA A 146 -13.82 -1.10 -16.50
N PHE A 147 -13.68 -1.78 -17.62
CA PHE A 147 -12.37 -2.23 -18.15
C PHE A 147 -12.41 -2.10 -19.67
N GLN A 148 -11.29 -2.40 -20.33
CA GLN A 148 -11.12 -2.24 -21.79
C GLN A 148 -10.17 -3.30 -22.32
N ASP A 149 -10.36 -3.71 -23.57
CA ASP A 149 -9.33 -4.37 -24.42
C ASP A 149 -9.10 -3.45 -25.63
N ASP A 150 -8.32 -3.90 -26.61
CA ASP A 150 -7.89 -3.06 -27.76
C ASP A 150 -9.11 -2.63 -28.59
N ARG A 151 -10.24 -3.35 -28.49
CA ARG A 151 -11.42 -3.17 -29.37
C ARG A 151 -12.58 -2.46 -28.65
N TYR A 152 -12.80 -2.73 -27.36
CA TYR A 152 -14.04 -2.36 -26.62
C TYR A 152 -13.75 -1.71 -25.26
N LEU A 153 -14.57 -0.73 -24.89
CA LEU A 153 -14.85 -0.37 -23.48
C LEU A 153 -15.94 -1.33 -22.97
N TYR A 154 -15.83 -1.76 -21.71
CA TYR A 154 -16.84 -2.60 -21.02
C TYR A 154 -17.27 -1.88 -19.74
N MET A 155 -18.58 -1.81 -19.53
CA MET A 155 -19.18 -1.32 -18.27
C MET A 155 -20.09 -2.42 -17.72
N VAL A 156 -19.77 -2.93 -16.53
CA VAL A 156 -20.51 -3.99 -15.79
C VAL A 156 -21.41 -3.29 -14.76
N MET A 157 -22.73 -3.40 -14.95
CA MET A 157 -23.77 -2.64 -14.20
C MET A 157 -24.71 -3.63 -13.49
N GLU A 158 -25.54 -3.18 -12.55
CA GLU A 158 -26.61 -4.03 -11.99
C GLU A 158 -27.61 -4.31 -13.13
N TYR A 159 -27.99 -5.58 -13.28
CA TYR A 159 -29.01 -6.04 -14.24
C TYR A 159 -30.38 -5.53 -13.77
N MET A 160 -31.17 -5.00 -14.69
CA MET A 160 -32.51 -4.43 -14.43
C MET A 160 -33.56 -5.29 -15.14
N PRO A 161 -34.04 -6.38 -14.51
CA PRO A 161 -34.80 -7.40 -15.22
C PRO A 161 -36.24 -6.99 -15.55
N GLY A 162 -36.69 -5.84 -15.06
CA GLY A 162 -38.05 -5.33 -15.32
C GLY A 162 -38.21 -4.81 -16.74
N GLY A 163 -37.09 -4.57 -17.44
CA GLY A 163 -37.08 -4.01 -18.81
C GLY A 163 -37.26 -2.50 -18.79
N ASP A 164 -37.49 -1.88 -19.95
CA ASP A 164 -37.64 -0.40 -20.04
C ASP A 164 -39.13 -0.04 -20.12
N LEU A 165 -39.42 1.26 -20.09
CA LEU A 165 -40.80 1.79 -20.05
C LEU A 165 -41.43 1.77 -21.46
N VAL A 166 -40.61 1.65 -22.50
CA VAL A 166 -41.10 1.40 -23.89
C VAL A 166 -41.88 0.07 -23.87
N ASN A 167 -41.27 -0.96 -23.29
CA ASN A 167 -41.82 -2.34 -23.26
C ASN A 167 -43.09 -2.36 -22.40
N LEU A 168 -43.09 -1.61 -21.29
CA LEU A 168 -44.25 -1.52 -20.39
C LEU A 168 -45.42 -0.86 -21.12
N MET A 169 -45.16 0.28 -21.76
CA MET A 169 -46.21 1.13 -22.41
C MET A 169 -46.85 0.36 -23.57
N SER A 170 -46.13 -0.55 -24.22
CA SER A 170 -46.62 -1.34 -25.39
C SER A 170 -47.28 -2.65 -24.93
N ASN A 171 -47.29 -2.93 -23.62
CA ASN A 171 -47.90 -4.17 -23.07
C ASN A 171 -49.12 -3.82 -22.21
N TYR A 172 -49.33 -2.55 -21.86
CA TYR A 172 -50.41 -2.09 -20.95
C TYR A 172 -51.02 -0.78 -21.46
N ASP A 173 -52.33 -0.63 -21.28
CA ASP A 173 -53.02 0.69 -21.21
C ASP A 173 -52.73 1.28 -19.83
N VAL A 174 -52.01 2.39 -19.78
CA VAL A 174 -51.52 3.00 -18.52
C VAL A 174 -52.58 3.97 -17.99
N PRO A 175 -53.26 3.65 -16.87
CA PRO A 175 -54.17 4.60 -16.22
C PRO A 175 -53.40 5.69 -15.46
N GLU A 176 -54.07 6.79 -15.08
CA GLU A 176 -53.44 7.96 -14.43
C GLU A 176 -52.73 7.54 -13.14
N LYS A 177 -53.33 6.65 -12.35
CA LYS A 177 -52.74 6.14 -11.08
C LYS A 177 -51.29 5.67 -11.34
N TRP A 178 -51.07 4.92 -12.42
CA TRP A 178 -49.72 4.42 -12.84
C TRP A 178 -48.86 5.58 -13.33
N ALA A 179 -49.43 6.46 -14.16
CA ALA A 179 -48.72 7.61 -14.77
C ALA A 179 -48.18 8.51 -13.66
N LYS A 180 -48.94 8.73 -12.58
CA LYS A 180 -48.50 9.49 -11.38
C LYS A 180 -47.22 8.88 -10.83
N PHE A 181 -47.22 7.55 -10.66
CA PHE A 181 -46.12 6.79 -10.03
C PHE A 181 -44.85 6.99 -10.87
N TYR A 182 -44.89 6.62 -12.14
CA TYR A 182 -43.70 6.62 -13.02
C TYR A 182 -43.20 8.06 -13.22
N THR A 183 -44.10 9.03 -13.34
CA THR A 183 -43.75 10.46 -13.52
C THR A 183 -43.02 10.96 -12.27
N ALA A 184 -43.53 10.60 -11.08
CA ALA A 184 -42.94 11.02 -9.79
C ALA A 184 -41.54 10.41 -9.66
N GLU A 185 -41.38 9.14 -10.01
CA GLU A 185 -40.09 8.43 -9.94
C GLU A 185 -39.10 9.07 -10.94
N VAL A 186 -39.54 9.40 -12.15
CA VAL A 186 -38.69 10.08 -13.18
C VAL A 186 -38.25 11.45 -12.63
N VAL A 187 -39.15 12.19 -11.98
CA VAL A 187 -38.87 13.55 -11.45
C VAL A 187 -37.80 13.47 -10.35
N LEU A 188 -37.89 12.48 -9.46
CA LEU A 188 -36.90 12.28 -8.37
C LEU A 188 -35.54 11.87 -8.97
N ALA A 189 -35.56 11.02 -9.99
CA ALA A 189 -34.33 10.55 -10.66
C ALA A 189 -33.60 11.74 -11.28
N LEU A 190 -34.31 12.55 -12.07
CA LEU A 190 -33.74 13.73 -12.74
C LEU A 190 -33.25 14.74 -11.70
N ASP A 191 -33.97 14.92 -10.60
CA ASP A 191 -33.54 15.85 -9.52
C ASP A 191 -32.19 15.38 -8.98
N ALA A 192 -31.98 14.06 -8.87
CA ALA A 192 -30.73 13.46 -8.35
C ALA A 192 -29.59 13.79 -9.32
N ILE A 193 -29.84 13.65 -10.63
CA ILE A 193 -28.85 13.95 -11.70
C ILE A 193 -28.50 15.45 -11.66
N HIS A 194 -29.52 16.30 -11.55
CA HIS A 194 -29.37 17.77 -11.49
C HIS A 194 -28.55 18.17 -10.26
N SER A 195 -28.74 17.48 -9.14
CA SER A 195 -28.04 17.76 -7.86
C SER A 195 -26.55 17.41 -7.97
N MET A 196 -26.19 16.50 -8.88
CA MET A 196 -24.78 16.15 -9.17
C MET A 196 -24.20 17.10 -10.24
N GLY A 197 -24.93 18.15 -10.61
CA GLY A 197 -24.46 19.22 -11.51
C GLY A 197 -24.54 18.86 -12.98
N LEU A 198 -25.42 17.93 -13.35
CA LEU A 198 -25.51 17.41 -14.75
C LEU A 198 -26.93 17.62 -15.29
N ILE A 199 -27.04 17.93 -16.58
CA ILE A 199 -28.33 17.90 -17.32
C ILE A 199 -28.27 16.73 -18.31
N HIS A 200 -29.36 16.02 -18.49
CA HIS A 200 -29.42 14.76 -19.26
C HIS A 200 -29.48 15.05 -20.77
N ARG A 201 -30.49 15.81 -21.20
CA ARG A 201 -30.62 16.37 -22.58
C ARG A 201 -31.47 15.43 -23.46
N ASP A 202 -31.46 14.10 -23.21
CA ASP A 202 -32.30 13.14 -23.99
C ASP A 202 -32.96 12.12 -23.07
N VAL A 203 -33.83 12.59 -22.18
CA VAL A 203 -34.66 11.71 -21.33
C VAL A 203 -35.74 11.09 -22.21
N LYS A 204 -35.75 9.78 -22.33
CA LYS A 204 -36.87 9.04 -22.98
C LYS A 204 -37.14 7.74 -22.23
N PRO A 205 -38.28 7.07 -22.55
CA PRO A 205 -38.63 5.80 -21.92
C PRO A 205 -37.58 4.70 -22.07
N ASP A 206 -36.78 4.73 -23.13
CA ASP A 206 -35.70 3.73 -23.42
C ASP A 206 -34.59 3.84 -22.36
N ASN A 207 -34.43 5.00 -21.73
CA ASN A 207 -33.40 5.31 -20.70
C ASN A 207 -33.94 4.99 -19.30
N MET A 208 -35.23 4.69 -19.17
CA MET A 208 -35.90 4.39 -17.88
C MET A 208 -36.07 2.86 -17.74
N LEU A 209 -35.28 2.22 -16.88
CA LEU A 209 -35.30 0.77 -16.63
C LEU A 209 -36.01 0.48 -15.30
N LEU A 210 -36.61 -0.70 -15.18
CA LEU A 210 -37.33 -1.17 -13.98
C LEU A 210 -36.52 -2.28 -13.34
N ASP A 211 -36.39 -2.25 -12.01
CA ASP A 211 -35.60 -3.22 -11.21
C ASP A 211 -36.48 -4.43 -10.87
N LYS A 212 -35.97 -5.34 -10.03
CA LYS A 212 -36.63 -6.61 -9.65
C LYS A 212 -38.03 -6.34 -9.05
N HIS A 213 -38.26 -5.17 -8.46
CA HIS A 213 -39.49 -4.82 -7.70
C HIS A 213 -40.38 -3.84 -8.48
N GLY A 214 -39.96 -3.44 -9.69
CA GLY A 214 -40.78 -2.63 -10.61
C GLY A 214 -40.55 -1.13 -10.46
N HIS A 215 -39.49 -0.73 -9.75
CA HIS A 215 -39.13 0.68 -9.49
C HIS A 215 -38.08 1.14 -10.51
N LEU A 216 -38.07 2.44 -10.77
CA LEU A 216 -37.40 3.06 -11.94
C LEU A 216 -35.96 3.40 -11.58
N LYS A 217 -35.05 3.19 -12.51
CA LYS A 217 -33.67 3.73 -12.47
C LYS A 217 -33.37 4.32 -13.84
N LEU A 218 -32.64 5.42 -13.89
CA LEU A 218 -32.10 5.97 -15.17
C LEU A 218 -30.86 5.18 -15.54
N ALA A 219 -30.77 4.80 -16.81
CA ALA A 219 -29.58 4.29 -17.50
C ALA A 219 -29.30 5.16 -18.75
N ASP A 220 -28.15 4.93 -19.38
CA ASP A 220 -27.67 5.64 -20.60
C ASP A 220 -27.52 7.14 -20.35
N PHE A 221 -26.31 7.55 -19.98
CA PHE A 221 -25.93 8.95 -19.69
C PHE A 221 -24.92 9.43 -20.74
N GLY A 222 -25.04 8.93 -21.95
CA GLY A 222 -24.15 9.25 -23.08
C GLY A 222 -24.24 10.70 -23.50
N THR A 223 -25.36 11.38 -23.25
CA THR A 223 -25.62 12.76 -23.71
C THR A 223 -25.46 13.77 -22.55
N CYS A 224 -25.17 13.31 -21.34
CA CYS A 224 -25.12 14.17 -20.13
C CYS A 224 -23.96 15.16 -20.22
N MET A 225 -24.18 16.36 -19.69
CA MET A 225 -23.21 17.47 -19.68
C MET A 225 -23.21 18.11 -18.29
N LYS A 226 -22.04 18.52 -17.79
CA LYS A 226 -21.91 19.33 -16.54
C LYS A 226 -22.43 20.74 -16.83
N MET A 227 -23.29 21.26 -15.95
CA MET A 227 -23.69 22.69 -15.94
C MET A 227 -22.47 23.50 -15.51
N ASP A 228 -22.35 24.74 -15.99
CA ASP A 228 -21.34 25.72 -15.48
C ASP A 228 -21.86 26.28 -14.15
N GLU A 229 -21.13 27.22 -13.56
CA GLU A 229 -21.43 27.83 -12.22
C GLU A 229 -22.81 28.52 -12.23
N THR A 230 -23.36 28.84 -13.41
CA THR A 230 -24.65 29.57 -13.56
C THR A 230 -25.83 28.61 -13.80
N GLY A 231 -25.56 27.30 -13.90
CA GLY A 231 -26.59 26.25 -14.06
C GLY A 231 -26.95 26.00 -15.53
N MET A 232 -26.17 26.56 -16.47
CA MET A 232 -26.43 26.53 -17.93
C MET A 232 -25.30 25.79 -18.65
N VAL A 233 -25.52 25.42 -19.91
CA VAL A 233 -24.45 25.08 -20.88
C VAL A 233 -24.67 25.94 -22.12
N HIS A 234 -23.60 26.37 -22.79
CA HIS A 234 -23.65 27.14 -24.06
C HIS A 234 -22.93 26.31 -25.10
N CYS A 235 -23.65 25.44 -25.81
CA CYS A 235 -23.05 24.47 -26.78
C CYS A 235 -23.97 24.20 -27.98
N ASP A 236 -23.41 23.53 -28.99
CA ASP A 236 -24.09 23.09 -30.25
C ASP A 236 -24.06 21.55 -30.34
N THR A 237 -23.69 20.86 -29.25
CA THR A 237 -23.45 19.39 -29.20
C THR A 237 -24.65 18.62 -29.78
N ALA A 238 -24.40 17.64 -30.66
CA ALA A 238 -25.40 16.89 -31.45
C ALA A 238 -26.19 15.91 -30.57
N VAL A 239 -27.50 15.88 -30.77
CA VAL A 239 -28.45 14.85 -30.24
C VAL A 239 -29.05 14.10 -31.43
N GLY A 240 -29.73 12.98 -31.18
CA GLY A 240 -30.24 12.04 -32.19
C GLY A 240 -31.68 12.33 -32.59
N THR A 241 -32.60 11.39 -32.38
CA THR A 241 -34.01 11.47 -32.81
C THR A 241 -34.75 12.47 -31.91
N PRO A 242 -35.48 13.44 -32.48
CA PRO A 242 -35.97 14.58 -31.70
C PRO A 242 -37.23 14.38 -30.84
N ASP A 243 -37.85 13.20 -30.80
CA ASP A 243 -39.25 13.04 -30.31
C ASP A 243 -39.41 13.60 -28.89
N TYR A 244 -38.41 13.45 -28.02
CA TYR A 244 -38.51 13.85 -26.58
C TYR A 244 -37.66 15.09 -26.29
N ILE A 245 -36.98 15.63 -27.30
CA ILE A 245 -36.02 16.75 -27.12
C ILE A 245 -36.76 18.09 -27.18
N SER A 246 -36.36 19.00 -26.29
CA SER A 246 -36.95 20.34 -26.07
C SER A 246 -36.63 21.26 -27.23
N PRO A 247 -37.43 22.32 -27.46
CA PRO A 247 -37.13 23.30 -28.51
C PRO A 247 -35.74 23.95 -28.41
N GLU A 248 -35.30 24.32 -27.20
CA GLU A 248 -34.05 25.11 -27.00
C GLU A 248 -32.83 24.25 -27.37
N VAL A 249 -32.88 22.94 -27.09
CA VAL A 249 -31.78 21.98 -27.40
C VAL A 249 -31.77 21.72 -28.92
N LEU A 250 -32.94 21.53 -29.52
CA LEU A 250 -33.10 21.37 -30.99
C LEU A 250 -32.54 22.60 -31.70
N LYS A 251 -32.89 23.80 -31.25
CA LYS A 251 -32.40 25.07 -31.86
C LYS A 251 -30.87 25.19 -31.71
N SER A 252 -30.30 24.69 -30.61
CA SER A 252 -28.86 24.84 -30.30
C SER A 252 -27.99 24.07 -31.32
N GLN A 253 -28.57 23.08 -31.97
CA GLN A 253 -27.91 22.27 -33.05
C GLN A 253 -27.48 23.20 -34.19
N GLY A 254 -28.22 24.28 -34.42
CA GLY A 254 -27.92 25.31 -35.44
C GLY A 254 -26.74 26.19 -35.08
N GLY A 255 -26.16 26.03 -33.89
CA GLY A 255 -25.01 26.82 -33.40
C GLY A 255 -25.30 27.44 -32.05
N ASP A 256 -24.28 27.49 -31.19
CA ASP A 256 -24.30 27.82 -29.74
C ASP A 256 -25.56 28.61 -29.32
N GLY A 257 -26.56 27.92 -28.77
CA GLY A 257 -27.58 28.50 -27.89
C GLY A 257 -27.39 28.04 -26.45
N TYR A 258 -28.22 28.56 -25.55
CA TYR A 258 -28.13 28.40 -24.07
C TYR A 258 -29.29 27.54 -23.55
N TYR A 259 -29.01 26.50 -22.77
CA TYR A 259 -30.06 25.76 -22.05
C TYR A 259 -29.55 25.25 -20.70
N GLY A 260 -30.51 25.01 -19.81
CA GLY A 260 -30.29 24.51 -18.44
C GLY A 260 -31.15 23.31 -18.18
N ARG A 261 -31.39 23.01 -16.90
CA ARG A 261 -31.96 21.70 -16.49
C ARG A 261 -33.43 21.61 -16.90
N GLU A 262 -34.07 22.74 -17.19
CA GLU A 262 -35.52 22.80 -17.51
C GLU A 262 -35.78 22.07 -18.84
N CYS A 263 -34.75 21.82 -19.64
CA CYS A 263 -34.87 21.02 -20.89
C CYS A 263 -35.25 19.57 -20.56
N ASP A 264 -34.87 19.08 -19.39
CA ASP A 264 -35.22 17.70 -18.95
C ASP A 264 -36.69 17.64 -18.54
N TRP A 265 -37.26 18.73 -18.03
CA TRP A 265 -38.68 18.79 -17.59
C TRP A 265 -39.58 18.77 -18.84
N TRP A 266 -39.15 19.39 -19.93
CA TRP A 266 -39.86 19.26 -21.22
C TRP A 266 -40.10 17.77 -21.48
N SER A 267 -39.05 16.97 -21.38
CA SER A 267 -39.05 15.54 -21.73
C SER A 267 -40.05 14.78 -20.85
N VAL A 268 -40.20 15.19 -19.59
CA VAL A 268 -41.18 14.55 -18.66
C VAL A 268 -42.59 14.79 -19.19
N GLY A 269 -42.86 16.01 -19.69
CA GLY A 269 -44.15 16.36 -20.33
C GLY A 269 -44.46 15.43 -21.50
N VAL A 270 -43.49 15.22 -22.39
CA VAL A 270 -43.64 14.33 -23.58
C VAL A 270 -43.94 12.91 -23.07
N PHE A 271 -43.20 12.45 -22.08
CA PHE A 271 -43.33 11.10 -21.47
C PHE A 271 -44.75 10.91 -20.94
N LEU A 272 -45.23 11.87 -20.13
CA LEU A 272 -46.56 11.80 -19.48
C LEU A 272 -47.66 11.77 -20.55
N TYR A 273 -47.52 12.59 -21.60
CA TYR A 273 -48.45 12.60 -22.75
C TYR A 273 -48.49 11.20 -23.37
N GLU A 274 -47.32 10.64 -23.68
CA GLU A 274 -47.20 9.32 -24.36
C GLU A 274 -47.90 8.24 -23.52
N MET A 275 -47.68 8.27 -22.20
CA MET A 275 -48.25 7.28 -21.25
C MET A 275 -49.78 7.32 -21.30
N LEU A 276 -50.38 8.51 -21.34
CA LEU A 276 -51.85 8.69 -21.18
C LEU A 276 -52.55 8.64 -22.55
N VAL A 277 -51.88 9.04 -23.64
CA VAL A 277 -52.53 9.20 -24.97
C VAL A 277 -52.17 8.01 -25.88
N GLY A 278 -50.95 7.50 -25.79
CA GLY A 278 -50.52 6.27 -26.51
C GLY A 278 -49.57 6.56 -27.67
N ASP A 279 -49.38 7.84 -28.02
CA ASP A 279 -48.37 8.32 -29.01
C ASP A 279 -47.69 9.56 -28.42
N THR A 280 -46.50 9.92 -28.92
CA THR A 280 -45.80 11.16 -28.52
C THR A 280 -46.55 12.35 -29.13
N PRO A 281 -46.59 13.50 -28.44
CA PRO A 281 -47.38 14.64 -28.88
C PRO A 281 -46.98 15.24 -30.24
N PHE A 282 -45.72 15.08 -30.66
CA PHE A 282 -45.16 15.68 -31.90
C PHE A 282 -44.73 14.58 -32.88
N TYR A 283 -45.34 13.40 -32.78
CA TYR A 283 -45.12 12.27 -33.72
C TYR A 283 -45.41 12.76 -35.15
N ALA A 284 -44.52 12.41 -36.08
CA ALA A 284 -44.70 12.54 -37.54
C ALA A 284 -43.98 11.40 -38.26
N ASP A 285 -44.28 11.17 -39.54
CA ASP A 285 -43.76 10.06 -40.37
C ASP A 285 -42.27 10.25 -40.68
N SER A 286 -41.75 11.48 -40.56
CA SER A 286 -40.34 11.83 -40.87
C SER A 286 -39.70 12.54 -39.67
N LEU A 287 -38.38 12.58 -39.62
CA LEU A 287 -37.61 13.34 -38.60
C LEU A 287 -37.94 14.85 -38.73
N VAL A 288 -37.84 15.39 -39.94
CA VAL A 288 -38.09 16.84 -40.18
C VAL A 288 -39.54 17.19 -39.82
N GLY A 289 -40.49 16.26 -39.99
CA GLY A 289 -41.90 16.45 -39.58
C GLY A 289 -42.03 16.68 -38.08
N THR A 290 -41.29 15.90 -37.30
CA THR A 290 -41.31 15.95 -35.83
C THR A 290 -40.59 17.20 -35.35
N TYR A 291 -39.40 17.49 -35.92
CA TYR A 291 -38.63 18.73 -35.66
C TYR A 291 -39.56 19.93 -35.84
N SER A 292 -40.25 19.96 -36.97
CA SER A 292 -41.17 21.05 -37.39
C SER A 292 -42.26 21.26 -36.32
N LYS A 293 -42.88 20.17 -35.87
CA LYS A 293 -44.00 20.22 -34.88
C LYS A 293 -43.48 20.68 -33.51
N ILE A 294 -42.28 20.26 -33.12
CA ILE A 294 -41.67 20.66 -31.81
C ILE A 294 -41.41 22.17 -31.81
N MET A 295 -40.80 22.71 -32.85
CA MET A 295 -40.53 24.17 -32.94
C MET A 295 -41.86 24.92 -32.88
N ASP A 296 -42.94 24.34 -33.41
CA ASP A 296 -44.28 24.96 -33.50
C ASP A 296 -45.21 24.45 -32.38
N HIS A 297 -44.67 24.12 -31.20
CA HIS A 297 -45.42 23.45 -30.11
C HIS A 297 -46.65 24.26 -29.69
N LYS A 298 -46.58 25.60 -29.72
CA LYS A 298 -47.71 26.48 -29.32
C LYS A 298 -48.95 26.14 -30.16
N ASN A 299 -48.77 25.70 -31.40
CA ASN A 299 -49.86 25.39 -32.36
C ASN A 299 -50.05 23.88 -32.50
N SER A 300 -48.96 23.10 -32.45
CA SER A 300 -48.92 21.68 -32.89
C SER A 300 -49.43 20.76 -31.78
N LEU A 301 -49.30 21.17 -30.51
CA LEU A 301 -49.76 20.35 -29.35
C LEU A 301 -51.27 20.44 -29.27
N CYS A 302 -51.95 19.29 -29.31
CA CYS A 302 -53.40 19.19 -29.00
C CYS A 302 -53.74 17.74 -28.62
N PHE A 303 -54.53 17.58 -27.57
CA PHE A 303 -55.00 16.28 -27.05
C PHE A 303 -56.15 15.83 -27.94
N PRO A 304 -56.21 14.55 -28.37
CA PRO A 304 -57.45 14.03 -28.96
C PRO A 304 -58.58 14.13 -27.93
N GLU A 305 -59.81 14.48 -28.36
CA GLU A 305 -60.98 14.60 -27.44
C GLU A 305 -61.36 13.20 -26.94
N ASP A 306 -60.94 12.15 -27.66
CA ASP A 306 -61.26 10.73 -27.44
C ASP A 306 -60.25 10.08 -26.49
N ALA A 307 -59.12 10.73 -26.21
CA ALA A 307 -58.11 10.27 -25.21
C ALA A 307 -58.66 10.40 -23.78
N GLU A 308 -59.47 11.42 -23.49
CA GLU A 308 -60.12 11.67 -22.16
C GLU A 308 -59.09 11.58 -21.04
N ILE A 309 -58.70 12.76 -20.52
CA ILE A 309 -57.54 13.02 -19.61
C ILE A 309 -58.03 14.01 -18.55
N SER A 310 -57.71 13.77 -17.28
CA SER A 310 -58.10 14.65 -16.14
C SER A 310 -57.57 16.08 -16.37
N LYS A 311 -58.24 17.07 -15.78
CA LYS A 311 -57.86 18.50 -15.84
C LYS A 311 -56.42 18.64 -15.35
N HIS A 312 -56.06 17.93 -14.27
CA HIS A 312 -54.76 18.04 -13.57
C HIS A 312 -53.63 17.50 -14.45
N ALA A 313 -53.85 16.38 -15.15
CA ALA A 313 -52.85 15.76 -16.05
C ALA A 313 -52.60 16.66 -17.26
N LYS A 314 -53.67 17.20 -17.85
CA LYS A 314 -53.59 18.14 -19.01
C LYS A 314 -52.82 19.39 -18.58
N ASN A 315 -53.10 19.92 -17.37
CA ASN A 315 -52.46 21.14 -16.82
C ASN A 315 -50.96 20.91 -16.68
N LEU A 316 -50.56 19.74 -16.15
CA LEU A 316 -49.13 19.39 -15.89
C LEU A 316 -48.40 19.26 -17.22
N ILE A 317 -48.97 18.53 -18.17
CA ILE A 317 -48.37 18.32 -19.52
C ILE A 317 -48.14 19.70 -20.15
N CYS A 318 -49.14 20.57 -20.13
CA CYS A 318 -49.09 21.91 -20.77
C CYS A 318 -48.12 22.84 -20.02
N ALA A 319 -47.92 22.62 -18.71
CA ALA A 319 -46.99 23.41 -17.87
C ALA A 319 -45.54 23.02 -18.18
N PHE A 320 -45.31 21.77 -18.58
CA PHE A 320 -43.99 21.25 -19.01
C PHE A 320 -43.72 21.65 -20.47
N LEU A 321 -44.73 21.55 -21.35
CA LEU A 321 -44.56 21.75 -22.83
C LEU A 321 -44.79 23.23 -23.18
N THR A 322 -43.96 24.13 -22.63
CA THR A 322 -43.93 25.58 -22.92
C THR A 322 -42.48 26.02 -23.18
N ASP A 323 -42.27 27.29 -23.52
CA ASP A 323 -40.92 27.91 -23.57
C ASP A 323 -40.25 27.75 -22.21
N ARG A 324 -38.93 27.62 -22.22
CA ARG A 324 -38.08 27.37 -21.02
C ARG A 324 -38.29 28.48 -19.98
N GLU A 325 -38.55 29.72 -20.41
CA GLU A 325 -38.59 30.92 -19.53
C GLU A 325 -39.71 30.75 -18.48
N VAL A 326 -40.78 30.02 -18.83
CA VAL A 326 -42.03 29.92 -18.01
C VAL A 326 -42.36 28.44 -17.75
N ARG A 327 -41.40 27.55 -17.99
CA ARG A 327 -41.63 26.08 -17.89
C ARG A 327 -41.70 25.71 -16.40
N LEU A 328 -42.56 24.76 -16.04
CA LEU A 328 -42.66 24.22 -14.66
C LEU A 328 -41.34 23.50 -14.35
N GLY A 329 -40.67 23.87 -13.24
CA GLY A 329 -39.39 23.29 -12.83
C GLY A 329 -38.24 24.26 -13.00
N ARG A 330 -38.48 25.38 -13.68
CA ARG A 330 -37.51 26.48 -13.90
C ARG A 330 -37.00 26.99 -12.52
N ASN A 331 -37.87 27.00 -11.51
CA ASN A 331 -37.56 27.54 -10.15
C ASN A 331 -37.30 26.39 -9.16
N GLY A 332 -36.97 25.19 -9.66
CA GLY A 332 -36.65 24.01 -8.84
C GLY A 332 -37.76 22.97 -8.84
N VAL A 333 -37.44 21.77 -8.34
CA VAL A 333 -38.32 20.57 -8.34
C VAL A 333 -39.53 20.80 -7.40
N GLU A 334 -39.43 21.75 -6.47
CA GLU A 334 -40.43 21.90 -5.38
C GLU A 334 -41.81 22.17 -6.01
N GLU A 335 -41.89 23.06 -7.01
CA GLU A 335 -43.18 23.46 -7.64
C GLU A 335 -43.75 22.30 -8.47
N ILE A 336 -42.92 21.37 -8.94
CA ILE A 336 -43.39 20.13 -9.64
C ILE A 336 -44.08 19.23 -8.62
N ARG A 337 -43.42 18.96 -7.48
CA ARG A 337 -43.90 18.03 -6.42
C ARG A 337 -45.25 18.52 -5.90
N GLN A 338 -45.51 19.84 -5.86
CA GLN A 338 -46.78 20.34 -5.25
C GLN A 338 -47.84 20.53 -6.33
N HIS A 339 -47.61 20.07 -7.55
CA HIS A 339 -48.66 20.04 -8.60
C HIS A 339 -49.78 19.10 -8.16
N PRO A 340 -51.06 19.52 -8.28
CA PRO A 340 -52.18 18.68 -7.85
C PRO A 340 -52.32 17.31 -8.55
N PHE A 341 -51.67 17.09 -9.69
CA PHE A 341 -51.71 15.80 -10.42
C PHE A 341 -51.20 14.66 -9.51
N PHE A 342 -50.29 14.99 -8.58
CA PHE A 342 -49.53 14.00 -7.77
C PHE A 342 -50.24 13.69 -6.44
N LYS A 343 -51.33 14.39 -6.11
CA LYS A 343 -52.22 14.03 -4.97
C LYS A 343 -52.66 12.57 -5.13
N ASN A 344 -52.44 11.73 -4.13
CA ASN A 344 -52.76 10.28 -4.18
C ASN A 344 -52.76 9.71 -2.76
N ASP A 345 -53.27 8.48 -2.59
CA ASP A 345 -53.39 7.77 -1.28
C ASP A 345 -52.30 6.69 -1.15
N GLN A 346 -51.59 6.37 -2.23
CA GLN A 346 -50.73 5.15 -2.33
C GLN A 346 -49.33 5.45 -1.78
N TRP A 347 -48.77 6.64 -2.05
CA TRP A 347 -47.34 6.98 -1.79
C TRP A 347 -47.17 8.47 -1.45
N HIS A 348 -46.12 8.79 -0.67
CA HIS A 348 -45.56 10.15 -0.46
C HIS A 348 -44.24 10.28 -1.25
N TRP A 349 -43.76 11.50 -1.45
CA TRP A 349 -42.49 11.78 -2.17
C TRP A 349 -41.30 11.16 -1.43
N ASP A 350 -41.39 11.09 -0.11
CA ASP A 350 -40.31 10.65 0.82
C ASP A 350 -40.19 9.12 0.84
N ASN A 351 -41.21 8.38 0.37
CA ASN A 351 -41.30 6.91 0.57
C ASN A 351 -41.73 6.16 -0.71
N ILE A 352 -41.90 6.85 -1.85
CA ILE A 352 -42.47 6.25 -3.09
C ILE A 352 -41.72 4.95 -3.44
N ARG A 353 -40.39 4.91 -3.31
CA ARG A 353 -39.56 3.80 -3.83
C ARG A 353 -39.68 2.54 -2.95
N GLU A 354 -40.41 2.60 -1.82
CA GLU A 354 -40.64 1.41 -0.96
C GLU A 354 -42.14 1.08 -0.92
N THR A 355 -42.96 1.72 -1.74
CA THR A 355 -44.38 1.33 -1.97
C THR A 355 -44.44 0.32 -3.11
N ALA A 356 -45.58 -0.33 -3.30
CA ALA A 356 -45.81 -1.31 -4.38
C ALA A 356 -45.86 -0.58 -5.73
N ALA A 357 -44.96 -0.94 -6.64
CA ALA A 357 -44.97 -0.48 -8.04
C ALA A 357 -46.21 -1.04 -8.73
N PRO A 358 -46.76 -0.34 -9.74
CA PRO A 358 -47.91 -0.83 -10.50
C PRO A 358 -47.68 -2.18 -11.23
N VAL A 359 -46.45 -2.42 -11.69
CA VAL A 359 -46.06 -3.67 -12.40
C VAL A 359 -44.81 -4.24 -11.73
N VAL A 360 -44.99 -5.30 -10.96
CA VAL A 360 -43.91 -6.12 -10.36
C VAL A 360 -43.61 -7.25 -11.33
N PRO A 361 -42.41 -7.28 -11.94
CA PRO A 361 -42.10 -8.32 -12.92
C PRO A 361 -42.13 -9.72 -12.28
N GLU A 362 -42.68 -10.70 -13.00
CA GLU A 362 -42.62 -12.15 -12.67
C GLU A 362 -41.37 -12.75 -13.31
N LEU A 363 -40.36 -13.08 -12.50
CA LEU A 363 -39.05 -13.61 -12.96
C LEU A 363 -38.92 -15.05 -12.45
N SER A 364 -38.44 -15.95 -13.31
CA SER A 364 -38.32 -17.40 -13.03
C SER A 364 -36.95 -17.72 -12.43
N SER A 365 -35.92 -16.95 -12.79
CA SER A 365 -34.52 -17.11 -12.34
C SER A 365 -33.75 -15.79 -12.46
N ASP A 366 -32.47 -15.80 -12.11
CA ASP A 366 -31.60 -14.60 -12.06
C ASP A 366 -31.13 -14.22 -13.48
N ILE A 367 -31.40 -15.08 -14.48
CA ILE A 367 -31.05 -14.84 -15.91
C ILE A 367 -32.32 -14.75 -16.78
N ASP A 368 -33.51 -14.72 -16.19
CA ASP A 368 -34.77 -14.40 -16.91
C ASP A 368 -34.62 -13.02 -17.57
N SER A 369 -34.73 -12.98 -18.91
CA SER A 369 -34.63 -11.74 -19.73
C SER A 369 -35.88 -11.59 -20.60
N SER A 370 -37.03 -12.05 -20.10
CA SER A 370 -38.31 -12.10 -20.86
C SER A 370 -38.92 -10.70 -21.02
N ASN A 371 -38.43 -9.67 -20.32
CA ASN A 371 -38.88 -8.27 -20.47
C ASN A 371 -38.00 -7.52 -21.48
N PHE A 372 -37.13 -8.24 -22.17
CA PHE A 372 -36.31 -7.74 -23.31
C PHE A 372 -36.65 -8.55 -24.55
N ASP A 373 -36.84 -7.87 -25.69
CA ASP A 373 -37.02 -8.53 -27.01
C ASP A 373 -35.73 -9.24 -27.41
N ASP A 374 -35.86 -10.31 -28.20
CA ASP A 374 -34.73 -11.09 -28.78
C ASP A 374 -33.86 -10.20 -29.68
N ILE A 375 -32.62 -10.65 -29.88
CA ILE A 375 -31.52 -10.04 -30.66
C ILE A 375 -30.54 -11.19 -30.97
N GLU A 376 -29.90 -11.22 -32.15
CA GLU A 376 -28.91 -12.29 -32.51
C GLU A 376 -27.52 -11.92 -31.97
N VAL A 382 -16.57 -8.09 -37.57
CA VAL A 382 -16.84 -6.83 -38.32
C VAL A 382 -16.24 -5.64 -37.54
N GLU A 383 -15.52 -4.75 -38.25
CA GLU A 383 -15.04 -3.40 -37.80
C GLU A 383 -13.68 -3.52 -37.06
N THR A 384 -12.81 -2.54 -37.26
CA THR A 384 -11.37 -2.54 -36.82
C THR A 384 -10.77 -1.13 -36.97
N PHE A 385 -9.61 -0.87 -36.34
CA PHE A 385 -8.69 0.23 -36.73
C PHE A 385 -7.83 -0.28 -37.87
N PRO A 386 -7.53 0.56 -38.90
CA PRO A 386 -6.47 0.22 -39.85
C PRO A 386 -5.11 0.22 -39.13
N ILE A 387 -4.17 -0.60 -39.59
CA ILE A 387 -2.76 -0.61 -39.10
C ILE A 387 -2.13 0.73 -39.49
N PRO A 388 -1.74 1.60 -38.52
CA PRO A 388 -1.18 2.90 -38.87
C PRO A 388 0.26 2.81 -39.39
N LYS A 389 0.67 3.79 -40.19
CA LYS A 389 2.05 3.93 -40.76
C LYS A 389 2.90 4.83 -39.85
N ALA A 390 2.23 5.67 -39.05
CA ALA A 390 2.81 6.62 -38.08
C ALA A 390 1.95 6.60 -36.83
N PHE A 391 2.52 6.94 -35.66
CA PHE A 391 1.80 7.09 -34.38
C PHE A 391 0.57 7.98 -34.59
N VAL A 392 -0.62 7.50 -34.20
CA VAL A 392 -1.90 8.27 -34.26
C VAL A 392 -2.59 8.25 -32.91
N GLY A 393 -2.23 7.31 -32.02
CA GLY A 393 -2.68 7.24 -30.62
C GLY A 393 -4.17 7.07 -30.49
N ASN A 394 -4.73 6.01 -31.11
CA ASN A 394 -6.17 5.70 -31.06
C ASN A 394 -6.59 5.19 -29.68
N GLN A 395 -5.64 4.72 -28.85
CA GLN A 395 -5.91 4.20 -27.49
C GLN A 395 -5.80 5.33 -26.45
N LEU A 396 -5.25 6.50 -26.80
CA LEU A 396 -4.99 7.62 -25.85
C LEU A 396 -6.30 8.14 -25.25
N PRO A 397 -7.41 8.25 -26.01
CA PRO A 397 -8.65 8.78 -25.44
C PRO A 397 -9.27 7.94 -24.31
N PHE A 398 -8.79 6.73 -24.07
CA PHE A 398 -9.41 5.72 -23.17
C PHE A 398 -8.55 5.48 -21.92
N ILE A 399 -7.41 6.15 -21.82
CA ILE A 399 -6.55 6.13 -20.62
C ILE A 399 -7.34 6.71 -19.44
N GLY A 400 -7.54 5.91 -18.38
CA GLY A 400 -8.23 6.32 -17.14
C GLY A 400 -9.66 5.78 -17.08
N PHE A 401 -10.09 4.99 -18.07
CA PHE A 401 -11.45 4.42 -18.11
C PHE A 401 -11.55 3.28 -17.09
N THR A 402 -10.52 2.46 -16.95
CA THR A 402 -10.54 1.27 -16.06
C THR A 402 -10.93 1.72 -14.64
N TYR A 403 -11.85 1.00 -14.00
CA TYR A 403 -12.37 1.31 -12.64
C TYR A 403 -12.89 0.04 -11.97
N TYR A 404 -12.44 -0.22 -10.74
CA TYR A 404 -12.89 -1.35 -9.88
C TYR A 404 -13.49 -0.77 -8.60
N ARG A 405 -14.79 -0.99 -8.40
CA ARG A 405 -15.58 -0.58 -7.21
C ARG A 405 -14.71 -0.69 -5.95
N SER B 5 -15.94 -9.54 -5.72
CA SER B 5 -17.38 -9.31 -5.35
C SER B 5 -17.55 -7.92 -4.74
N PRO B 6 -18.37 -7.04 -5.37
CA PRO B 6 -18.34 -5.58 -5.14
C PRO B 6 -18.28 -5.04 -3.70
N GLY B 7 -19.42 -4.60 -3.14
CA GLY B 7 -19.49 -3.77 -1.90
C GLY B 7 -20.48 -2.62 -2.03
N ALA B 12 -15.23 3.80 2.87
CA ALA B 12 -14.30 4.25 1.80
C ALA B 12 -13.73 5.65 2.12
N SER B 13 -14.59 6.61 2.47
CA SER B 13 -14.21 8.02 2.80
C SER B 13 -13.50 8.09 4.15
N ARG B 14 -13.57 7.02 4.94
CA ARG B 14 -12.85 6.86 6.22
C ARG B 14 -11.52 6.15 5.97
N GLN B 15 -11.52 5.23 5.00
CA GLN B 15 -10.32 4.42 4.65
C GLN B 15 -9.23 5.37 4.15
N ARG B 16 -9.61 6.50 3.54
CA ARG B 16 -8.67 7.50 2.97
C ARG B 16 -8.11 8.38 4.10
N LYS B 17 -8.98 8.81 5.03
CA LYS B 17 -8.59 9.64 6.21
C LYS B 17 -7.61 8.84 7.09
N LEU B 18 -7.86 7.54 7.22
CA LEU B 18 -7.08 6.61 8.08
C LEU B 18 -5.74 6.31 7.42
N GLU B 19 -5.72 6.00 6.12
CA GLU B 19 -4.44 5.64 5.44
C GLU B 19 -3.51 6.86 5.42
N ALA B 20 -4.06 8.08 5.49
CA ALA B 20 -3.31 9.36 5.62
C ALA B 20 -2.62 9.42 7.00
N LEU B 21 -3.38 9.17 8.08
CA LEU B 21 -2.90 9.11 9.49
C LEU B 21 -1.76 8.08 9.61
N ILE B 22 -1.96 6.88 9.05
CA ILE B 22 -1.03 5.72 9.17
C ILE B 22 0.28 6.01 8.40
N ARG B 23 0.23 6.82 7.34
CA ARG B 23 1.37 7.02 6.40
C ARG B 23 2.21 8.21 6.84
N ASP B 24 1.70 9.07 7.73
CA ASP B 24 2.49 10.15 8.38
C ASP B 24 3.50 9.52 9.35
N PRO B 25 4.82 9.75 9.19
CA PRO B 25 5.82 9.18 10.11
C PRO B 25 5.76 9.77 11.53
N ARG B 26 5.28 11.01 11.67
CA ARG B 26 5.21 11.74 12.97
C ARG B 26 3.80 11.58 13.59
N SER B 27 3.00 10.64 13.07
CA SER B 27 1.66 10.28 13.62
C SER B 27 1.85 9.21 14.69
N PRO B 28 1.07 9.27 15.79
CA PRO B 28 1.16 8.24 16.83
C PRO B 28 0.64 6.86 16.39
N ILE B 29 -0.12 6.79 15.28
CA ILE B 29 -0.81 5.57 14.82
C ILE B 29 -0.31 5.15 13.44
N ASN B 30 0.98 5.21 13.18
CA ASN B 30 1.60 4.52 12.01
C ASN B 30 1.49 3.00 12.24
N VAL B 31 1.95 2.20 11.27
CA VAL B 31 1.83 0.72 11.29
C VAL B 31 2.74 0.15 12.38
N GLU B 32 3.98 0.67 12.53
CA GLU B 32 4.95 0.15 13.53
C GLU B 32 4.34 0.29 14.93
N SER B 33 3.61 1.37 15.17
CA SER B 33 3.00 1.73 16.47
C SER B 33 1.85 0.77 16.77
N LEU B 34 1.02 0.47 15.77
CA LEU B 34 -0.09 -0.49 15.92
C LEU B 34 0.46 -1.90 16.17
N LEU B 35 1.60 -2.25 15.57
CA LEU B 35 2.29 -3.55 15.81
C LEU B 35 2.88 -3.56 17.22
N ASP B 36 3.55 -2.48 17.63
CA ASP B 36 4.07 -2.29 19.02
C ASP B 36 2.92 -2.55 19.99
N GLY B 37 1.73 -2.02 19.68
CA GLY B 37 0.53 -2.13 20.53
C GLY B 37 0.14 -3.57 20.75
N LEU B 38 0.14 -4.38 19.69
CA LEU B 38 -0.26 -5.81 19.75
C LEU B 38 0.85 -6.61 20.44
N ASN B 39 2.10 -6.34 20.10
CA ASN B 39 3.28 -7.02 20.69
C ASN B 39 3.27 -6.79 22.21
N SER B 40 3.05 -5.54 22.63
CA SER B 40 3.12 -5.10 24.06
C SER B 40 1.99 -5.75 24.86
N LEU B 41 0.79 -5.80 24.28
CA LEU B 41 -0.41 -6.37 24.92
C LEU B 41 -0.17 -7.86 25.20
N VAL B 42 0.47 -8.57 24.27
CA VAL B 42 0.76 -10.02 24.38
C VAL B 42 1.84 -10.25 25.44
N LEU B 43 2.91 -9.45 25.46
CA LEU B 43 4.00 -9.56 26.47
C LEU B 43 3.44 -9.33 27.88
N ASP B 44 2.44 -8.47 28.04
CA ASP B 44 1.92 -8.04 29.37
C ASP B 44 0.77 -8.95 29.83
N LEU B 45 0.31 -9.86 28.97
CA LEU B 45 -0.80 -10.80 29.29
C LEU B 45 -0.28 -12.23 29.42
N ASP B 46 0.79 -12.61 28.71
CA ASP B 46 1.26 -14.03 28.66
C ASP B 46 2.07 -14.34 29.92
N PHE B 47 1.37 -14.51 31.05
CA PHE B 47 1.89 -15.03 32.32
C PHE B 47 0.87 -16.02 32.87
N PRO B 48 1.31 -17.12 33.53
CA PRO B 48 0.41 -18.20 33.93
C PRO B 48 -0.83 -17.75 34.70
N ALA B 49 -0.68 -16.75 35.60
CA ALA B 49 -1.74 -16.27 36.51
C ALA B 49 -2.85 -15.56 35.73
N LEU B 50 -2.46 -14.66 34.80
CA LEU B 50 -3.40 -13.85 34.00
C LEU B 50 -4.22 -14.74 33.08
N ARG B 51 -3.60 -15.82 32.58
CA ARG B 51 -4.19 -16.75 31.58
C ARG B 51 -5.36 -17.58 32.19
N LYS B 52 -5.61 -17.52 33.50
CA LYS B 52 -6.80 -18.24 34.05
C LYS B 52 -8.04 -17.36 33.87
N ASN B 53 -7.87 -16.12 33.41
CA ASN B 53 -8.94 -15.24 32.84
C ASN B 53 -9.23 -15.70 31.41
N LYS B 54 -10.43 -16.21 31.14
CA LYS B 54 -10.85 -16.79 29.83
C LYS B 54 -10.62 -15.77 28.70
N ASN B 55 -11.04 -14.52 28.90
CA ASN B 55 -10.89 -13.41 27.92
C ASN B 55 -9.43 -13.32 27.47
N ILE B 56 -8.48 -13.43 28.40
CA ILE B 56 -7.01 -13.30 28.12
C ILE B 56 -6.53 -14.57 27.43
N ASP B 57 -6.90 -15.75 27.91
CA ASP B 57 -6.45 -17.05 27.34
C ASP B 57 -6.93 -17.14 25.89
N ASN B 58 -8.21 -16.80 25.63
CA ASN B 58 -8.84 -16.79 24.29
C ASN B 58 -8.02 -15.91 23.32
N PHE B 59 -7.74 -14.69 23.75
CA PHE B 59 -7.00 -13.66 22.98
C PHE B 59 -5.59 -14.18 22.66
N LEU B 60 -4.88 -14.72 23.64
CA LEU B 60 -3.48 -15.17 23.48
C LEU B 60 -3.43 -16.42 22.59
N ASN B 61 -4.39 -17.35 22.74
CA ASN B 61 -4.54 -18.53 21.84
C ASN B 61 -4.63 -18.04 20.40
N ARG B 62 -5.38 -16.95 20.16
CA ARG B 62 -5.68 -16.44 18.80
C ARG B 62 -4.46 -15.70 18.22
N TYR B 63 -3.62 -15.03 19.03
CA TYR B 63 -2.60 -14.06 18.54
C TYR B 63 -1.16 -14.41 18.94
N GLU B 64 -0.91 -15.34 19.85
CA GLU B 64 0.48 -15.55 20.36
C GLU B 64 1.37 -16.10 19.23
N LYS B 65 0.81 -16.96 18.34
CA LYS B 65 1.57 -17.63 17.24
C LYS B 65 2.05 -16.59 16.24
N ILE B 66 1.11 -15.82 15.67
CA ILE B 66 1.36 -14.77 14.63
C ILE B 66 2.25 -13.66 15.21
N VAL B 67 2.15 -13.38 16.50
CA VAL B 67 2.94 -12.31 17.16
C VAL B 67 4.41 -12.76 17.30
N LYS B 68 4.68 -14.03 17.56
CA LYS B 68 6.06 -14.59 17.60
C LYS B 68 6.65 -14.61 16.19
N LYS B 69 5.83 -14.88 15.18
CA LYS B 69 6.24 -14.86 13.75
C LYS B 69 6.67 -13.43 13.37
N ILE B 70 5.83 -12.43 13.68
CA ILE B 70 6.09 -10.97 13.42
C ILE B 70 7.41 -10.55 14.07
N ARG B 71 7.62 -10.95 15.32
CA ARG B 71 8.84 -10.65 16.11
C ARG B 71 10.08 -11.20 15.37
N GLY B 72 9.94 -12.34 14.71
CA GLY B 72 10.98 -12.94 13.86
C GLY B 72 11.34 -12.05 12.69
N LEU B 73 10.33 -11.43 12.05
CA LEU B 73 10.45 -10.77 10.73
C LEU B 73 10.96 -9.33 10.88
N GLN B 74 10.59 -8.66 11.97
CA GLN B 74 10.88 -7.20 12.15
C GLN B 74 12.31 -7.09 12.68
N MET B 75 12.91 -5.91 12.62
CA MET B 75 14.30 -5.65 13.05
C MET B 75 14.48 -6.07 14.53
N LYS B 76 15.60 -6.73 14.83
CA LYS B 76 15.93 -7.27 16.17
C LYS B 76 17.44 -7.17 16.41
N ALA B 77 17.87 -7.37 17.65
CA ALA B 77 19.27 -7.23 18.08
C ALA B 77 20.13 -8.26 17.36
N GLU B 78 19.59 -9.46 17.13
CA GLU B 78 20.29 -10.63 16.52
C GLU B 78 20.75 -10.27 15.09
N ASP B 79 20.15 -9.24 14.48
CA ASP B 79 20.48 -8.77 13.10
C ASP B 79 21.79 -7.97 13.10
N TYR B 80 22.34 -7.62 14.28
CA TYR B 80 23.60 -6.85 14.44
C TYR B 80 24.67 -7.72 15.11
N ASP B 81 25.92 -7.64 14.64
CA ASP B 81 27.13 -8.14 15.35
C ASP B 81 27.64 -7.02 16.29
N VAL B 82 27.74 -7.32 17.57
CA VAL B 82 28.39 -6.41 18.55
C VAL B 82 29.90 -6.48 18.34
N VAL B 83 30.50 -5.42 17.82
CA VAL B 83 31.96 -5.33 17.61
C VAL B 83 32.63 -4.98 18.94
N LYS B 84 32.08 -4.02 19.68
CA LYS B 84 32.69 -3.50 20.92
C LYS B 84 31.71 -2.58 21.66
N VAL B 85 31.75 -2.59 22.98
CA VAL B 85 31.05 -1.60 23.86
C VAL B 85 31.91 -0.33 23.93
N ILE B 86 31.35 0.84 23.58
CA ILE B 86 32.10 2.13 23.51
C ILE B 86 31.52 3.16 24.51
N GLY B 87 30.53 2.78 25.30
CA GLY B 87 29.92 3.65 26.32
C GLY B 87 29.01 2.84 27.24
N ARG B 88 28.93 3.20 28.51
CA ARG B 88 27.91 2.65 29.44
C ARG B 88 27.27 3.79 30.21
N GLY B 89 26.05 4.16 29.81
CA GLY B 89 25.16 5.11 30.52
C GLY B 89 24.45 4.43 31.68
N ALA B 90 23.48 5.14 32.27
CA ALA B 90 22.75 4.71 33.49
C ALA B 90 21.66 3.70 33.10
N PHE B 91 21.17 3.76 31.86
CA PHE B 91 20.05 2.91 31.38
C PHE B 91 20.57 1.81 30.46
N GLY B 92 21.85 1.79 30.12
CA GLY B 92 22.44 0.71 29.31
C GLY B 92 23.66 1.14 28.54
N GLU B 93 24.17 0.30 27.66
CA GLU B 93 25.47 0.52 27.00
C GLU B 93 25.22 1.12 25.62
N VAL B 94 26.25 1.78 25.07
CA VAL B 94 26.35 2.11 23.64
C VAL B 94 27.35 1.13 23.01
N GLN B 95 26.95 0.51 21.91
CA GLN B 95 27.68 -0.59 21.23
C GLN B 95 28.03 -0.13 19.83
N LEU B 96 29.28 -0.34 19.43
CA LEU B 96 29.69 -0.34 18.01
C LEU B 96 29.21 -1.65 17.39
N VAL B 97 28.30 -1.57 16.44
CA VAL B 97 27.67 -2.77 15.82
C VAL B 97 27.90 -2.72 14.32
N ARG B 98 27.79 -3.88 13.69
CA ARG B 98 27.76 -4.03 12.23
C ARG B 98 26.50 -4.81 11.90
N HIS B 99 25.62 -4.23 11.08
CA HIS B 99 24.43 -4.91 10.53
C HIS B 99 24.91 -6.07 9.64
N LYS B 100 24.48 -7.29 9.95
CA LYS B 100 25.02 -8.54 9.34
C LYS B 100 24.76 -8.55 7.82
N ALA B 101 23.54 -8.23 7.39
CA ALA B 101 23.10 -8.32 5.98
C ALA B 101 23.79 -7.24 5.14
N SER B 102 23.93 -6.01 5.63
CA SER B 102 24.44 -4.86 4.85
C SER B 102 25.94 -4.62 5.11
N GLN B 103 26.47 -5.17 6.22
CA GLN B 103 27.89 -5.01 6.65
C GLN B 103 28.20 -3.55 7.00
N LYS B 104 27.16 -2.72 7.19
CA LYS B 104 27.33 -1.29 7.55
C LYS B 104 27.48 -1.14 9.06
N VAL B 105 28.27 -0.14 9.47
CA VAL B 105 28.67 0.11 10.88
C VAL B 105 27.80 1.22 11.46
N TYR B 106 27.31 1.01 12.68
CA TYR B 106 26.48 1.99 13.43
C TYR B 106 26.91 1.98 14.89
N ALA B 107 26.50 3.00 15.64
CA ALA B 107 26.44 2.98 17.11
C ALA B 107 25.01 2.62 17.53
N MET B 108 24.86 1.66 18.43
CA MET B 108 23.54 1.24 18.94
C MET B 108 23.47 1.52 20.44
N LYS B 109 22.52 2.36 20.86
CA LYS B 109 22.25 2.71 22.28
C LYS B 109 21.15 1.78 22.79
N LEU B 110 21.41 1.09 23.90
CA LEU B 110 20.43 0.24 24.62
C LEU B 110 19.90 1.01 25.82
N LEU B 111 18.58 1.05 26.00
CA LEU B 111 17.93 1.55 27.23
C LEU B 111 17.16 0.41 27.89
N SER B 112 17.51 0.06 29.12
CA SER B 112 16.86 -1.02 29.91
C SER B 112 15.45 -0.58 30.30
N LYS B 113 14.44 -1.28 29.81
CA LYS B 113 13.02 -1.03 30.17
C LYS B 113 12.85 -1.17 31.69
N PHE B 114 13.47 -2.18 32.30
CA PHE B 114 13.38 -2.44 33.77
C PHE B 114 13.93 -1.25 34.56
N GLU B 115 15.09 -0.72 34.15
CA GLU B 115 15.78 0.39 34.87
C GLU B 115 14.96 1.68 34.72
N MET B 116 14.32 1.91 33.57
CA MET B 116 13.50 3.12 33.33
C MET B 116 12.19 3.06 34.14
N ILE B 117 11.58 1.89 34.28
CA ILE B 117 10.35 1.68 35.09
C ILE B 117 10.69 1.82 36.57
N LYS B 118 11.74 1.12 37.03
CA LYS B 118 12.25 1.13 38.43
C LYS B 118 12.44 2.58 38.91
N ARG B 119 12.97 3.47 38.06
CA ARG B 119 13.34 4.86 38.43
C ARG B 119 12.29 5.86 37.92
N SER B 120 11.03 5.43 37.72
CA SER B 120 9.88 6.28 37.34
C SER B 120 10.30 7.30 36.27
N ASP B 121 11.13 6.89 35.31
CA ASP B 121 11.79 7.79 34.32
C ASP B 121 11.67 7.14 32.93
N SER B 122 10.46 7.05 32.40
CA SER B 122 10.12 6.28 31.17
C SER B 122 9.40 7.17 30.15
N ALA B 123 9.83 8.43 30.00
CA ALA B 123 9.27 9.36 28.99
C ALA B 123 10.33 10.29 28.39
N PHE B 124 11.62 10.15 28.74
CA PHE B 124 12.70 11.11 28.34
C PHE B 124 13.14 10.80 26.90
N PHE B 125 12.93 9.55 26.47
CA PHE B 125 13.51 8.96 25.25
C PHE B 125 12.67 9.36 24.02
N TRP B 126 11.47 9.90 24.19
CA TRP B 126 10.62 10.37 23.07
C TRP B 126 11.33 11.53 22.34
N GLU B 127 11.82 12.56 23.05
CA GLU B 127 12.47 13.73 22.41
C GLU B 127 13.78 13.28 21.77
N GLU B 128 14.52 12.40 22.41
CA GLU B 128 15.79 11.85 21.88
C GLU B 128 15.52 11.21 20.51
N ARG B 129 14.50 10.37 20.43
CA ARG B 129 14.10 9.67 19.19
C ARG B 129 13.74 10.73 18.14
N ASP B 130 12.92 11.71 18.51
CA ASP B 130 12.31 12.67 17.55
C ASP B 130 13.39 13.60 17.02
N ILE B 131 14.32 14.05 17.86
CA ILE B 131 15.42 14.99 17.45
C ILE B 131 16.32 14.26 16.47
N MET B 132 16.76 13.06 16.83
CA MET B 132 17.76 12.32 16.04
C MET B 132 17.13 11.76 14.76
N ALA B 133 15.82 11.50 14.76
CA ALA B 133 15.09 10.98 13.58
C ALA B 133 14.84 12.08 12.57
N PHE B 134 14.44 13.27 13.03
CA PHE B 134 13.78 14.30 12.17
C PHE B 134 14.53 15.63 12.17
N ALA B 135 15.56 15.83 12.99
CA ALA B 135 16.36 17.09 12.98
C ALA B 135 16.87 17.35 11.56
N ASN B 136 17.41 16.32 10.89
CA ASN B 136 17.94 16.41 9.51
C ASN B 136 18.94 17.57 9.46
N SER B 137 19.89 17.61 10.41
CA SER B 137 20.90 18.69 10.58
C SER B 137 22.30 18.10 10.61
N PRO B 138 23.32 18.75 10.01
CA PRO B 138 24.70 18.28 10.15
C PRO B 138 25.22 18.33 11.58
N TRP B 139 24.53 19.04 12.49
CA TRP B 139 24.95 19.29 13.88
C TRP B 139 24.33 18.26 14.86
N VAL B 140 23.50 17.35 14.38
CA VAL B 140 22.72 16.40 15.23
C VAL B 140 23.01 14.98 14.75
N VAL B 141 23.44 14.09 15.64
CA VAL B 141 23.64 12.66 15.32
C VAL B 141 22.31 12.10 14.81
N GLN B 142 22.39 11.35 13.74
CA GLN B 142 21.22 10.85 12.97
C GLN B 142 20.76 9.49 13.52
N LEU B 143 19.46 9.31 13.70
CA LEU B 143 18.80 8.01 14.00
C LEU B 143 18.37 7.35 12.69
N PHE B 144 18.78 6.10 12.46
CA PHE B 144 18.37 5.31 11.27
C PHE B 144 17.21 4.39 11.67
N TYR B 145 17.35 3.66 12.78
CA TYR B 145 16.34 2.71 13.28
C TYR B 145 16.19 2.81 14.79
N ALA B 146 14.95 2.65 15.26
CA ALA B 146 14.58 2.43 16.67
C ALA B 146 13.67 1.21 16.74
N PHE B 147 14.02 0.23 17.55
CA PHE B 147 13.22 -0.99 17.78
C PHE B 147 13.32 -1.38 19.25
N GLN B 148 12.61 -2.43 19.67
CA GLN B 148 12.53 -2.88 21.07
C GLN B 148 12.33 -4.39 21.12
N ASP B 149 12.83 -5.03 22.18
CA ASP B 149 12.41 -6.37 22.64
C ASP B 149 11.86 -6.20 24.06
N ASP B 150 11.56 -7.29 24.76
CA ASP B 150 10.87 -7.25 26.08
C ASP B 150 11.75 -6.53 27.11
N ARG B 151 13.07 -6.47 26.88
CA ARG B 151 14.06 -6.01 27.89
C ARG B 151 14.60 -4.61 27.55
N TYR B 152 14.79 -4.26 26.27
CA TYR B 152 15.56 -3.06 25.84
C TYR B 152 14.81 -2.26 24.76
N LEU B 153 14.94 -0.93 24.82
CA LEU B 153 14.83 -0.03 23.64
C LEU B 153 16.20 0.02 22.95
N TYR B 154 16.22 0.03 21.62
CA TYR B 154 17.43 0.14 20.78
C TYR B 154 17.31 1.35 19.87
N MET B 155 18.36 2.17 19.81
CA MET B 155 18.51 3.28 18.85
C MET B 155 19.80 3.07 18.06
N VAL B 156 19.66 2.92 16.74
CA VAL B 156 20.77 2.72 15.77
C VAL B 156 21.08 4.07 15.14
N MET B 157 22.29 4.61 15.41
CA MET B 157 22.70 5.99 15.06
C MET B 157 23.94 5.94 14.16
N GLU B 158 24.30 7.05 13.50
CA GLU B 158 25.60 7.12 12.78
C GLU B 158 26.71 7.04 13.83
N TYR B 159 27.70 6.19 13.60
CA TYR B 159 28.90 6.03 14.45
C TYR B 159 29.76 7.30 14.30
N MET B 160 30.25 7.82 15.41
CA MET B 160 31.08 9.05 15.47
C MET B 160 32.48 8.66 15.95
N PRO B 161 33.39 8.27 15.03
CA PRO B 161 34.64 7.63 15.42
C PRO B 161 35.68 8.58 16.02
N GLY B 162 35.41 9.88 15.98
CA GLY B 162 36.31 10.91 16.53
C GLY B 162 36.32 10.92 18.06
N GLY B 163 35.32 10.29 18.68
CA GLY B 163 35.14 10.28 20.14
C GLY B 163 34.49 11.55 20.63
N ASP B 164 34.45 11.78 21.95
CA ASP B 164 33.84 13.00 22.53
C ASP B 164 34.94 14.01 22.90
N LEU B 165 34.53 15.19 23.33
CA LEU B 165 35.44 16.31 23.63
C LEU B 165 36.10 16.13 25.01
N VAL B 166 35.55 15.27 25.87
CA VAL B 166 36.19 14.83 27.13
C VAL B 166 37.54 14.18 26.75
N ASN B 167 37.50 13.27 25.79
CA ASN B 167 38.67 12.47 25.35
C ASN B 167 39.70 13.40 24.69
N LEU B 168 39.23 14.37 23.91
CA LEU B 168 40.12 15.32 23.21
C LEU B 168 40.83 16.17 24.26
N MET B 169 40.08 16.75 25.21
CA MET B 169 40.61 17.72 26.21
C MET B 169 41.66 17.04 27.11
N SER B 170 41.55 15.73 27.33
CA SER B 170 42.46 14.96 28.20
C SER B 170 43.64 14.39 27.40
N ASN B 171 43.69 14.61 26.08
CA ASN B 171 44.79 14.12 25.21
C ASN B 171 45.59 15.29 24.64
N TYR B 172 45.10 16.52 24.75
CA TYR B 172 45.73 17.73 24.15
C TYR B 172 45.64 18.91 25.13
N ASP B 173 46.68 19.74 25.13
CA ASP B 173 46.61 21.16 25.59
C ASP B 173 45.95 21.95 24.46
N VAL B 174 44.76 22.48 24.71
CA VAL B 174 43.90 23.12 23.68
C VAL B 174 44.27 24.60 23.58
N PRO B 175 44.90 25.03 22.47
CA PRO B 175 45.15 26.46 22.23
C PRO B 175 43.86 27.18 21.83
N GLU B 176 43.87 28.51 21.88
CA GLU B 176 42.67 29.35 21.65
C GLU B 176 42.14 29.12 20.23
N LYS B 177 43.02 28.99 19.25
CA LYS B 177 42.67 28.69 17.83
C LYS B 177 41.68 27.51 17.78
N TRP B 178 41.95 26.44 18.53
CA TRP B 178 41.09 25.22 18.63
C TRP B 178 39.80 25.55 19.39
N ALA B 179 39.93 26.25 20.52
CA ALA B 179 38.79 26.62 21.39
C ALA B 179 37.77 27.45 20.59
N LYS B 180 38.24 28.37 19.73
CA LYS B 180 37.38 29.17 18.82
C LYS B 180 36.53 28.22 17.97
N PHE B 181 37.17 27.23 17.37
CA PHE B 181 36.55 26.29 16.42
C PHE B 181 35.42 25.53 17.13
N TYR B 182 35.75 24.83 18.22
CA TYR B 182 34.81 23.93 18.92
C TYR B 182 33.67 24.76 19.52
N THR B 183 33.97 25.94 20.06
CA THR B 183 32.96 26.84 20.67
C THR B 183 31.98 27.31 19.59
N ALA B 184 32.49 27.69 18.43
CA ALA B 184 31.68 28.16 17.28
C ALA B 184 30.76 27.03 16.83
N GLU B 185 31.28 25.81 16.69
CA GLU B 185 30.51 24.63 16.25
C GLU B 185 29.45 24.30 17.30
N VAL B 186 29.77 24.37 18.59
CA VAL B 186 28.78 24.13 19.68
C VAL B 186 27.65 25.17 19.58
N VAL B 187 28.00 26.44 19.31
CA VAL B 187 27.01 27.55 19.27
C VAL B 187 26.05 27.33 18.08
N LEU B 188 26.57 26.90 16.94
CA LEU B 188 25.74 26.61 15.73
C LEU B 188 24.84 25.39 16.00
N ALA B 189 25.36 24.37 16.67
CA ALA B 189 24.61 23.14 17.02
C ALA B 189 23.42 23.52 17.91
N LEU B 190 23.67 24.25 18.99
CA LEU B 190 22.64 24.69 19.95
C LEU B 190 21.61 25.60 19.24
N ASP B 191 22.06 26.48 18.35
CA ASP B 191 21.14 27.37 17.58
C ASP B 191 20.20 26.51 16.74
N ALA B 192 20.69 25.38 16.21
CA ALA B 192 19.90 24.45 15.38
C ALA B 192 18.81 23.79 16.26
N ILE B 193 19.20 23.38 17.48
CA ILE B 193 18.28 22.76 18.47
C ILE B 193 17.23 23.81 18.88
N HIS B 194 17.65 25.03 19.15
CA HIS B 194 16.75 26.16 19.53
C HIS B 194 15.75 26.44 18.40
N SER B 195 16.18 26.34 17.14
CA SER B 195 15.33 26.58 15.95
C SER B 195 14.24 25.51 15.83
N MET B 196 14.47 24.31 16.35
CA MET B 196 13.50 23.20 16.39
C MET B 196 12.61 23.31 17.64
N GLY B 197 12.70 24.42 18.39
CA GLY B 197 11.82 24.74 19.52
C GLY B 197 12.22 24.04 20.81
N LEU B 198 13.49 23.63 20.96
CA LEU B 198 13.95 22.86 22.15
C LEU B 198 15.08 23.61 22.85
N ILE B 199 15.15 23.51 24.18
CA ILE B 199 16.36 23.90 24.96
C ILE B 199 16.99 22.63 25.52
N HIS B 200 18.31 22.54 25.52
CA HIS B 200 19.07 21.30 25.83
C HIS B 200 19.13 21.07 27.36
N ARG B 201 19.66 22.05 28.10
CA ARG B 201 19.62 22.16 29.57
C ARG B 201 20.86 21.51 30.22
N ASP B 202 21.47 20.49 29.59
CA ASP B 202 22.73 19.89 30.13
C ASP B 202 23.75 19.67 28.99
N VAL B 203 24.21 20.76 28.39
CA VAL B 203 25.28 20.73 27.36
C VAL B 203 26.58 20.47 28.09
N LYS B 204 27.25 19.36 27.79
CA LYS B 204 28.62 19.11 28.28
C LYS B 204 29.46 18.43 27.22
N PRO B 205 30.79 18.37 27.41
CA PRO B 205 31.69 17.73 26.45
C PRO B 205 31.35 16.27 26.14
N ASP B 206 30.73 15.54 27.07
CA ASP B 206 30.33 14.12 26.92
C ASP B 206 29.24 13.99 25.83
N ASN B 207 28.46 15.05 25.59
CA ASN B 207 27.34 15.13 24.64
C ASN B 207 27.83 15.61 23.27
N MET B 208 29.09 16.04 23.18
CA MET B 208 29.72 16.59 21.95
C MET B 208 30.61 15.51 21.34
N LEU B 209 30.18 14.90 20.23
CA LEU B 209 30.93 13.83 19.53
C LEU B 209 31.54 14.42 18.25
N LEU B 210 32.66 13.84 17.81
CA LEU B 210 33.41 14.24 16.59
C LEU B 210 33.23 13.15 15.54
N ASP B 211 32.97 13.55 14.29
CA ASP B 211 32.73 12.64 13.15
C ASP B 211 34.06 12.25 12.50
N LYS B 212 34.00 11.55 11.36
CA LYS B 212 35.18 11.02 10.62
C LYS B 212 36.17 12.14 10.28
N HIS B 213 35.71 13.39 10.16
CA HIS B 213 36.52 14.56 9.70
C HIS B 213 36.87 15.50 10.85
N GLY B 214 36.42 15.21 12.07
CA GLY B 214 36.78 15.94 13.29
C GLY B 214 35.80 17.06 13.62
N HIS B 215 34.63 17.09 12.98
CA HIS B 215 33.57 18.11 13.18
C HIS B 215 32.54 17.60 14.18
N LEU B 216 31.88 18.54 14.84
CA LEU B 216 31.09 18.30 16.07
C LEU B 216 29.66 17.95 15.72
N LYS B 217 29.07 16.99 16.42
CA LYS B 217 27.61 16.74 16.43
C LYS B 217 27.17 16.58 17.87
N LEU B 218 25.98 17.06 18.21
CA LEU B 218 25.35 16.82 19.53
C LEU B 218 24.73 15.44 19.51
N ALA B 219 24.96 14.70 20.59
CA ALA B 219 24.27 13.46 20.97
C ALA B 219 23.71 13.62 22.40
N ASP B 220 22.88 12.68 22.81
CA ASP B 220 22.20 12.62 24.14
C ASP B 220 21.30 13.83 24.38
N PHE B 221 20.03 13.68 24.04
CA PHE B 221 18.98 14.73 24.17
C PHE B 221 17.95 14.29 25.21
N GLY B 222 18.40 13.52 26.21
CA GLY B 222 17.57 13.02 27.33
C GLY B 222 16.93 14.12 28.15
N THR B 223 17.55 15.30 28.24
CA THR B 223 17.15 16.42 29.12
C THR B 223 16.43 17.53 28.33
N CYS B 224 16.28 17.38 27.01
CA CYS B 224 15.68 18.43 26.14
C CYS B 224 14.21 18.65 26.49
N MET B 225 13.75 19.90 26.38
CA MET B 225 12.37 20.33 26.69
C MET B 225 11.90 21.26 25.56
N LYS B 226 10.64 21.14 25.12
CA LYS B 226 10.00 22.06 24.14
C LYS B 226 9.73 23.40 24.82
N MET B 227 10.12 24.49 24.19
CA MET B 227 9.75 25.85 24.62
C MET B 227 8.25 26.04 24.37
N ASP B 228 7.59 26.85 25.19
CA ASP B 228 6.19 27.29 24.96
C ASP B 228 6.23 28.43 23.92
N GLU B 229 5.07 29.02 23.63
CA GLU B 229 4.89 30.10 22.61
C GLU B 229 5.76 31.34 22.95
N THR B 230 6.21 31.48 24.20
CA THR B 230 6.99 32.66 24.69
C THR B 230 8.50 32.37 24.71
N GLY B 231 8.93 31.14 24.36
CA GLY B 231 10.34 30.74 24.31
C GLY B 231 10.88 30.24 25.64
N MET B 232 10.00 30.01 26.62
CA MET B 232 10.34 29.65 28.02
C MET B 232 9.85 28.24 28.32
N VAL B 233 10.44 27.60 29.34
CA VAL B 233 9.95 26.31 29.91
C VAL B 233 9.74 26.50 31.41
N HIS B 234 8.69 25.86 31.95
CA HIS B 234 8.44 25.72 33.41
C HIS B 234 8.88 24.31 33.85
N CYS B 235 8.43 23.30 33.09
CA CYS B 235 8.46 21.86 33.48
C CYS B 235 9.83 21.51 34.09
N ASP B 236 9.93 21.72 35.41
CA ASP B 236 10.88 21.05 36.33
C ASP B 236 10.94 19.55 36.02
N THR B 237 12.04 19.10 35.40
CA THR B 237 12.42 17.69 35.20
C THR B 237 13.82 17.47 35.82
N ALA B 238 14.00 16.41 36.59
CA ALA B 238 15.25 16.13 37.35
C ALA B 238 16.46 16.21 36.41
N VAL B 239 17.47 16.97 36.83
CA VAL B 239 18.79 17.07 36.17
C VAL B 239 19.81 16.36 37.07
N GLY B 240 20.96 15.94 36.51
CA GLY B 240 21.95 15.08 37.18
C GLY B 240 23.03 15.89 37.88
N THR B 241 24.31 15.68 37.53
CA THR B 241 25.46 16.36 38.17
C THR B 241 25.53 17.79 37.62
N PRO B 242 25.66 18.81 38.51
CA PRO B 242 25.44 20.20 38.11
C PRO B 242 26.58 20.94 37.40
N ASP B 243 27.71 20.31 37.08
CA ASP B 243 28.98 21.02 36.73
C ASP B 243 28.76 22.03 35.60
N TYR B 244 27.92 21.72 34.60
CA TYR B 244 27.72 22.59 33.39
C TYR B 244 26.34 23.28 33.43
N ILE B 245 25.56 23.08 34.47
CA ILE B 245 24.16 23.58 34.54
C ILE B 245 24.15 25.01 35.12
N SER B 246 23.30 25.84 34.54
CA SER B 246 23.12 27.27 34.85
C SER B 246 22.43 27.46 36.19
N PRO B 247 22.61 28.64 36.84
CA PRO B 247 21.91 28.92 38.09
C PRO B 247 20.38 28.82 38.01
N GLU B 248 19.77 29.33 36.93
CA GLU B 248 18.28 29.45 36.82
C GLU B 248 17.66 28.03 36.71
N VAL B 249 18.34 27.10 36.04
CA VAL B 249 17.87 25.68 35.90
C VAL B 249 18.02 24.97 37.24
N LEU B 250 19.15 25.15 37.93
CA LEU B 250 19.40 24.57 39.28
C LEU B 250 18.33 25.08 40.24
N LYS B 251 18.03 26.38 40.24
CA LYS B 251 16.98 26.97 41.12
C LYS B 251 15.59 26.40 40.77
N SER B 252 15.33 26.13 39.49
CA SER B 252 13.98 25.71 38.99
C SER B 252 13.64 24.32 39.53
N GLN B 253 14.67 23.52 39.86
CA GLN B 253 14.53 22.15 40.43
C GLN B 253 13.75 22.23 41.76
N GLY B 254 13.89 23.35 42.48
CA GLY B 254 13.20 23.64 43.75
C GLY B 254 11.71 23.89 43.58
N GLY B 255 11.23 24.05 42.34
CA GLY B 255 9.81 24.07 41.99
C GLY B 255 9.42 25.32 41.24
N ASP B 256 8.62 25.17 40.18
CA ASP B 256 7.98 26.23 39.36
C ASP B 256 8.86 27.49 39.26
N GLY B 257 10.05 27.34 38.68
CA GLY B 257 10.83 28.44 38.09
C GLY B 257 10.74 28.37 36.57
N TYR B 258 11.00 29.49 35.89
CA TYR B 258 10.91 29.53 34.41
C TYR B 258 12.14 30.23 33.81
N TYR B 259 12.64 29.62 32.73
CA TYR B 259 13.89 30.01 32.03
C TYR B 259 13.76 29.71 30.55
N GLY B 260 14.65 30.33 29.77
CA GLY B 260 14.71 30.19 28.30
C GLY B 260 16.04 29.63 27.83
N ARG B 261 16.33 29.80 26.55
CA ARG B 261 17.43 29.09 25.85
C ARG B 261 18.78 29.61 26.31
N GLU B 262 18.82 30.77 26.98
CA GLU B 262 20.09 31.41 27.41
C GLU B 262 20.76 30.53 28.49
N CYS B 263 20.05 29.56 29.05
CA CYS B 263 20.64 28.55 29.97
C CYS B 263 21.68 27.69 29.23
N ASP B 264 21.52 27.49 27.91
CA ASP B 264 22.48 26.72 27.10
C ASP B 264 23.76 27.54 26.87
N TRP B 265 23.66 28.87 26.84
CA TRP B 265 24.83 29.76 26.62
C TRP B 265 25.71 29.75 27.87
N TRP B 266 25.11 29.66 29.06
CA TRP B 266 25.88 29.46 30.31
C TRP B 266 26.83 28.29 30.09
N SER B 267 26.30 27.16 29.62
CA SER B 267 27.03 25.87 29.47
C SER B 267 28.20 26.04 28.50
N VAL B 268 28.04 26.88 27.48
CA VAL B 268 29.15 27.14 26.51
C VAL B 268 30.29 27.86 27.25
N GLY B 269 29.95 28.79 28.15
CA GLY B 269 30.91 29.48 29.04
C GLY B 269 31.73 28.48 29.85
N VAL B 270 31.05 27.53 30.49
CA VAL B 270 31.72 26.49 31.32
C VAL B 270 32.66 25.68 30.43
N PHE B 271 32.18 25.29 29.25
CA PHE B 271 32.94 24.49 28.25
C PHE B 271 34.23 25.24 27.85
N LEU B 272 34.09 26.51 27.47
CA LEU B 272 35.22 27.35 27.00
C LEU B 272 36.25 27.50 28.11
N TYR B 273 35.79 27.72 29.35
CA TYR B 273 36.68 27.79 30.53
C TYR B 273 37.46 26.48 30.65
N GLU B 274 36.76 25.36 30.62
CA GLU B 274 37.39 24.01 30.80
C GLU B 274 38.48 23.80 29.75
N MET B 275 38.18 24.17 28.50
CA MET B 275 39.11 23.98 27.34
C MET B 275 40.39 24.75 27.58
N LEU B 276 40.31 25.99 28.08
CA LEU B 276 41.47 26.92 28.16
C LEU B 276 42.19 26.78 29.51
N VAL B 277 41.48 26.39 30.57
CA VAL B 277 42.05 26.37 31.95
C VAL B 277 42.43 24.93 32.36
N GLY B 278 41.63 23.93 31.96
CA GLY B 278 41.92 22.50 32.21
C GLY B 278 41.03 21.89 33.29
N ASP B 279 40.22 22.69 33.98
CA ASP B 279 39.20 22.25 34.98
C ASP B 279 37.94 23.10 34.75
N THR B 280 36.76 22.63 35.18
CA THR B 280 35.51 23.43 35.13
C THR B 280 35.60 24.52 36.19
N PRO B 281 34.99 25.68 35.94
CA PRO B 281 35.10 26.83 36.85
C PRO B 281 34.52 26.61 38.25
N PHE B 282 33.55 25.70 38.40
CA PHE B 282 32.81 25.47 39.67
C PHE B 282 33.04 24.03 40.16
N TYR B 283 34.15 23.42 39.74
CA TYR B 283 34.62 22.10 40.23
C TYR B 283 34.74 22.18 41.75
N ALA B 284 34.24 21.15 42.43
CA ALA B 284 34.43 20.86 43.86
C ALA B 284 34.42 19.35 44.06
N ASP B 285 34.87 18.86 45.21
CA ASP B 285 35.04 17.40 45.46
C ASP B 285 33.68 16.76 45.76
N SER B 286 32.64 17.55 46.02
CA SER B 286 31.26 17.07 46.29
C SER B 286 30.26 17.72 45.33
N LEU B 287 29.10 17.12 45.16
CA LEU B 287 27.97 17.68 44.39
C LEU B 287 27.51 19.00 45.05
N VAL B 288 27.25 18.99 46.35
CA VAL B 288 26.75 20.19 47.07
C VAL B 288 27.81 21.31 46.99
N GLY B 289 29.11 20.97 46.96
CA GLY B 289 30.20 21.95 46.77
C GLY B 289 30.08 22.70 45.44
N THR B 290 29.76 21.98 44.38
CA THR B 290 29.64 22.51 43.00
C THR B 290 28.35 23.32 42.90
N TYR B 291 27.23 22.78 43.41
CA TYR B 291 25.92 23.48 43.50
C TYR B 291 26.15 24.83 44.15
N SER B 292 26.82 24.82 45.30
CA SER B 292 27.08 26.00 46.15
C SER B 292 27.85 27.04 45.33
N LYS B 293 28.90 26.63 44.62
CA LYS B 293 29.77 27.54 43.84
C LYS B 293 28.99 28.13 42.66
N ILE B 294 28.13 27.36 42.00
CA ILE B 294 27.33 27.84 40.84
C ILE B 294 26.36 28.93 41.32
N MET B 295 25.62 28.68 42.40
CA MET B 295 24.65 29.68 42.92
C MET B 295 25.42 30.96 43.30
N ASP B 296 26.67 30.80 43.76
CA ASP B 296 27.52 31.93 44.25
C ASP B 296 28.56 32.32 43.19
N HIS B 297 28.20 32.27 41.90
CA HIS B 297 29.16 32.49 40.77
C HIS B 297 29.79 33.88 40.87
N LYS B 298 29.08 34.89 41.36
CA LYS B 298 29.64 36.27 41.50
C LYS B 298 30.87 36.27 42.41
N ASN B 299 30.98 35.34 43.35
CA ASN B 299 32.16 35.19 44.26
C ASN B 299 33.07 34.04 43.82
N SER B 300 32.52 32.96 43.30
CA SER B 300 33.20 31.66 43.17
C SER B 300 34.01 31.60 41.88
N LEU B 301 33.64 32.37 40.85
CA LEU B 301 34.34 32.37 39.54
C LEU B 301 35.64 33.16 39.69
N CYS B 302 36.78 32.53 39.40
CA CYS B 302 38.09 33.20 39.33
C CYS B 302 39.07 32.35 38.51
N PHE B 303 39.79 33.00 37.60
CA PHE B 303 40.82 32.37 36.74
C PHE B 303 42.08 32.19 37.56
N PRO B 304 42.74 31.01 37.53
CA PRO B 304 44.01 30.83 38.23
C PRO B 304 45.06 31.82 37.69
N GLU B 305 45.93 32.33 38.57
CA GLU B 305 46.90 33.41 38.28
C GLU B 305 47.91 32.93 37.23
N ASP B 306 48.20 31.62 37.21
CA ASP B 306 49.27 31.02 36.38
C ASP B 306 48.70 30.53 35.03
N ALA B 307 47.37 30.42 34.91
CA ALA B 307 46.67 30.11 33.63
C ALA B 307 46.74 31.34 32.73
N GLU B 308 47.01 31.14 31.45
CA GLU B 308 47.31 32.19 30.45
C GLU B 308 46.17 32.25 29.45
N ILE B 309 45.37 33.33 29.49
CA ILE B 309 44.10 33.49 28.73
C ILE B 309 44.07 34.89 28.11
N SER B 310 43.81 34.98 26.80
CA SER B 310 43.66 36.28 26.07
C SER B 310 42.53 37.09 26.70
N LYS B 311 42.60 38.42 26.57
CA LYS B 311 41.57 39.36 27.04
C LYS B 311 40.21 38.97 26.44
N HIS B 312 40.18 38.61 25.15
CA HIS B 312 38.92 38.30 24.40
C HIS B 312 38.27 37.02 24.92
N ALA B 313 39.05 35.99 25.21
CA ALA B 313 38.56 34.70 25.73
C ALA B 313 38.00 34.88 27.14
N LYS B 314 38.69 35.63 27.99
CA LYS B 314 38.25 35.92 29.38
C LYS B 314 36.95 36.73 29.32
N ASN B 315 36.86 37.70 28.42
CA ASN B 315 35.65 38.56 28.23
C ASN B 315 34.45 37.68 27.86
N LEU B 316 34.63 36.75 26.92
CA LEU B 316 33.55 35.86 26.40
C LEU B 316 33.07 34.94 27.53
N ILE B 317 34.00 34.31 28.24
CA ILE B 317 33.67 33.39 29.37
C ILE B 317 32.84 34.17 30.38
N CYS B 318 33.28 35.36 30.77
CA CYS B 318 32.64 36.21 31.82
C CYS B 318 31.30 36.74 31.31
N ALA B 319 31.13 36.92 30.00
CA ALA B 319 29.88 37.42 29.37
C ALA B 319 28.84 36.29 29.36
N PHE B 320 29.28 35.03 29.29
CA PHE B 320 28.40 33.83 29.38
C PHE B 320 28.06 33.54 30.85
N LEU B 321 29.04 33.63 31.77
CA LEU B 321 28.88 33.18 33.19
C LEU B 321 28.40 34.36 34.05
N THR B 322 27.22 34.88 33.73
CA THR B 322 26.48 35.93 34.49
C THR B 322 25.02 35.50 34.65
N ASP B 323 24.24 36.27 35.39
CA ASP B 323 22.77 36.06 35.48
C ASP B 323 22.17 36.19 34.08
N ARG B 324 21.08 35.45 33.84
CA ARG B 324 20.39 35.30 32.53
C ARG B 324 20.00 36.68 31.97
N GLU B 325 19.64 37.64 32.82
CA GLU B 325 19.08 38.97 32.41
C GLU B 325 20.10 39.74 31.56
N VAL B 326 21.40 39.51 31.78
CA VAL B 326 22.51 40.30 31.16
C VAL B 326 23.49 39.35 30.46
N ARG B 327 23.09 38.09 30.28
CA ARG B 327 23.97 37.05 29.70
C ARG B 327 24.11 37.31 28.20
N LEU B 328 25.29 37.04 27.63
CA LEU B 328 25.52 37.11 26.17
C LEU B 328 24.69 36.02 25.50
N GLY B 329 23.84 36.40 24.55
CA GLY B 329 22.92 35.50 23.83
C GLY B 329 21.48 35.71 24.22
N ARG B 330 21.25 36.51 25.26
CA ARG B 330 19.89 36.90 25.74
C ARG B 330 19.12 37.60 24.62
N ASN B 331 19.81 38.35 23.75
CA ASN B 331 19.19 39.10 22.61
C ASN B 331 19.36 38.34 21.28
N GLY B 332 19.65 37.04 21.31
CA GLY B 332 19.85 36.22 20.11
C GLY B 332 21.31 35.86 19.89
N VAL B 333 21.54 34.83 19.08
CA VAL B 333 22.87 34.23 18.79
C VAL B 333 23.73 35.24 18.00
N GLU B 334 23.12 36.25 17.38
CA GLU B 334 23.84 37.28 16.59
C GLU B 334 24.95 37.93 17.44
N GLU B 335 24.68 38.33 18.69
CA GLU B 335 25.69 39.04 19.52
C GLU B 335 26.79 38.06 19.99
N ILE B 336 26.54 36.75 20.01
CA ILE B 336 27.60 35.73 20.26
C ILE B 336 28.55 35.70 19.06
N ARG B 337 28.01 35.56 17.85
CA ARG B 337 28.79 35.45 16.59
C ARG B 337 29.70 36.67 16.40
N GLN B 338 29.26 37.85 16.88
CA GLN B 338 29.97 39.14 16.68
C GLN B 338 31.00 39.38 17.78
N HIS B 339 31.15 38.46 18.73
CA HIS B 339 32.17 38.62 19.80
C HIS B 339 33.55 38.57 19.18
N PRO B 340 34.46 39.51 19.53
CA PRO B 340 35.81 39.55 18.95
C PRO B 340 36.67 38.28 19.16
N PHE B 341 36.33 37.40 20.09
CA PHE B 341 37.05 36.12 20.34
C PHE B 341 37.05 35.27 19.06
N PHE B 342 36.01 35.40 18.23
CA PHE B 342 35.74 34.51 17.06
C PHE B 342 36.35 35.08 15.77
N LYS B 343 36.91 36.30 15.81
CA LYS B 343 37.72 36.85 14.68
C LYS B 343 38.86 35.86 14.40
N ASN B 344 38.99 35.41 13.14
CA ASN B 344 40.00 34.41 12.73
C ASN B 344 40.16 34.45 11.22
N ASP B 345 41.18 33.77 10.69
CA ASP B 345 41.53 33.72 9.24
C ASP B 345 41.10 32.38 8.62
N GLN B 346 40.76 31.38 9.45
CA GLN B 346 40.63 29.96 9.03
C GLN B 346 39.21 29.69 8.49
N TRP B 347 38.17 30.26 9.12
CA TRP B 347 36.74 29.90 8.86
C TRP B 347 35.81 31.10 9.05
N HIS B 348 34.68 31.10 8.34
CA HIS B 348 33.50 31.97 8.56
C HIS B 348 32.39 31.14 9.21
N TRP B 349 31.38 31.81 9.76
CA TRP B 349 30.21 31.17 10.43
C TRP B 349 29.42 30.35 9.42
N ASP B 350 29.39 30.76 8.15
CA ASP B 350 28.59 30.15 7.05
C ASP B 350 29.25 28.87 6.52
N ASN B 351 30.54 28.64 6.80
CA ASN B 351 31.35 27.58 6.11
C ASN B 351 32.23 26.78 7.08
N ILE B 352 32.15 27.03 8.39
CA ILE B 352 33.05 26.40 9.40
C ILE B 352 33.10 24.88 9.20
N ARG B 353 31.95 24.22 8.95
CA ARG B 353 31.86 22.73 8.97
C ARG B 353 32.54 22.11 7.73
N GLU B 354 33.01 22.91 6.77
CA GLU B 354 33.73 22.39 5.59
C GLU B 354 35.18 22.91 5.56
N THR B 355 35.63 23.56 6.64
CA THR B 355 37.07 23.88 6.87
C THR B 355 37.73 22.72 7.63
N ALA B 356 39.06 22.74 7.71
CA ALA B 356 39.87 21.69 8.37
C ALA B 356 39.67 21.82 9.88
N ALA B 357 39.16 20.76 10.52
CA ALA B 357 39.06 20.65 11.99
C ALA B 357 40.46 20.61 12.57
N PRO B 358 40.67 21.09 13.81
CA PRO B 358 41.99 21.03 14.46
C PRO B 358 42.53 19.61 14.68
N VAL B 359 41.64 18.64 14.92
CA VAL B 359 42.00 17.21 15.12
C VAL B 359 41.17 16.35 14.16
N VAL B 360 41.81 15.88 13.10
CA VAL B 360 41.26 14.88 12.14
C VAL B 360 41.67 13.51 12.66
N PRO B 361 40.70 12.66 13.10
CA PRO B 361 41.04 11.37 13.67
C PRO B 361 41.77 10.48 12.65
N GLU B 362 42.81 9.77 13.08
CA GLU B 362 43.56 8.77 12.28
C GLU B 362 42.93 7.40 12.55
N LEU B 363 42.18 6.88 11.57
CA LEU B 363 41.37 5.63 11.69
C LEU B 363 41.95 4.60 10.74
N SER B 364 42.06 3.35 11.18
CA SER B 364 42.65 2.23 10.40
C SER B 364 41.55 1.53 9.58
N SER B 365 40.31 1.53 10.10
CA SER B 365 39.17 0.81 9.49
C SER B 365 37.85 1.42 9.98
N ASP B 366 36.73 0.86 9.52
CA ASP B 366 35.36 1.36 9.79
C ASP B 366 34.91 0.95 11.20
N ILE B 367 35.67 0.07 11.89
CA ILE B 367 35.38 -0.39 13.28
C ILE B 367 36.48 0.05 14.25
N ASP B 368 37.42 0.90 13.82
CA ASP B 368 38.41 1.55 14.72
C ASP B 368 37.65 2.33 15.79
N SER B 369 37.85 1.98 17.06
CA SER B 369 37.21 2.64 18.24
C SER B 369 38.28 3.09 19.23
N SER B 370 39.46 3.45 18.72
CA SER B 370 40.63 3.85 19.54
C SER B 370 40.44 5.24 20.19
N ASN B 371 39.43 6.01 19.78
CA ASN B 371 39.08 7.31 20.44
C ASN B 371 38.01 7.10 21.53
N PHE B 372 37.72 5.84 21.86
CA PHE B 372 36.84 5.47 23.01
C PHE B 372 37.64 4.62 24.00
N ASP B 373 37.52 4.95 25.28
CA ASP B 373 38.09 4.16 26.40
C ASP B 373 37.36 2.81 26.47
N ASP B 374 38.04 1.77 26.96
CA ASP B 374 37.44 0.44 27.28
C ASP B 374 36.42 0.60 28.41
N THR B 384 15.57 -7.25 35.19
CA THR B 384 14.37 -7.71 34.44
C THR B 384 13.15 -7.72 35.38
N PHE B 385 11.94 -7.74 34.81
CA PHE B 385 10.65 -7.51 35.51
C PHE B 385 10.28 -8.74 36.32
N PRO B 386 9.76 -8.59 37.56
CA PRO B 386 9.15 -9.72 38.25
C PRO B 386 7.88 -10.17 37.51
N ILE B 387 7.57 -11.46 37.59
CA ILE B 387 6.37 -12.07 36.95
C ILE B 387 5.15 -11.53 37.67
N PRO B 388 4.25 -10.76 37.01
CA PRO B 388 3.10 -10.18 37.70
C PRO B 388 1.99 -11.20 37.97
N LYS B 389 1.18 -10.96 39.01
CA LYS B 389 0.02 -11.81 39.39
C LYS B 389 -1.27 -11.19 38.82
N ALA B 390 -1.22 -9.91 38.46
CA ALA B 390 -2.30 -9.14 37.82
C ALA B 390 -1.68 -8.22 36.74
N PHE B 391 -2.45 -7.84 35.72
CA PHE B 391 -2.03 -6.89 34.65
C PHE B 391 -1.42 -5.64 35.29
N VAL B 392 -0.21 -5.27 34.88
CA VAL B 392 0.50 -4.03 35.36
C VAL B 392 0.96 -3.18 34.16
N GLY B 393 1.04 -3.77 32.96
CA GLY B 393 1.30 -3.07 31.70
C GLY B 393 2.64 -2.36 31.68
N ASN B 394 3.73 -3.09 31.95
CA ASN B 394 5.12 -2.55 31.97
C ASN B 394 5.59 -2.24 30.54
N GLN B 395 4.96 -2.82 29.50
CA GLN B 395 5.34 -2.61 28.09
C GLN B 395 4.55 -1.42 27.48
N LEU B 396 3.51 -0.93 28.15
CA LEU B 396 2.61 0.14 27.62
C LEU B 396 3.39 1.44 27.37
N PRO B 397 4.35 1.84 28.23
CA PRO B 397 5.08 3.09 28.03
C PRO B 397 5.89 3.19 26.72
N PHE B 398 6.08 2.06 26.01
CA PHE B 398 7.06 1.94 24.90
C PHE B 398 6.34 1.73 23.57
N ILE B 399 5.01 1.68 23.59
CA ILE B 399 4.18 1.59 22.36
C ILE B 399 4.41 2.87 21.54
N GLY B 400 4.87 2.71 20.30
CA GLY B 400 5.11 3.82 19.34
C GLY B 400 6.58 4.18 19.24
N PHE B 401 7.46 3.46 19.93
CA PHE B 401 8.92 3.74 19.87
C PHE B 401 9.48 3.26 18.53
N THR B 402 9.04 2.11 18.04
CA THR B 402 9.60 1.48 16.82
C THR B 402 9.53 2.50 15.68
N TYR B 403 10.62 2.65 14.92
CA TYR B 403 10.73 3.60 13.78
C TYR B 403 11.80 3.10 12.80
N TYR B 404 11.44 3.05 11.51
CA TYR B 404 12.35 2.70 10.39
C TYR B 404 12.42 3.89 9.43
N ARG B 405 13.62 4.45 9.25
CA ARG B 405 13.94 5.60 8.35
C ARG B 405 12.99 5.62 7.13
N PRO C 6 21.73 -16.85 -10.35
CA PRO C 6 20.59 -15.97 -10.01
C PRO C 6 20.87 -15.08 -8.78
N GLY C 7 20.21 -13.92 -8.67
CA GLY C 7 20.16 -13.10 -7.44
C GLY C 7 19.84 -11.64 -7.69
N ASP C 8 20.50 -10.76 -6.90
CA ASP C 8 20.54 -9.28 -7.06
C ASP C 8 19.52 -8.63 -6.14
N GLY C 9 19.87 -8.47 -4.85
CA GLY C 9 18.97 -8.04 -3.77
C GLY C 9 18.23 -9.22 -3.13
N ALA C 10 18.61 -10.44 -3.48
CA ALA C 10 18.19 -11.69 -2.82
C ALA C 10 18.91 -11.79 -1.46
N GLY C 11 18.21 -12.27 -0.42
CA GLY C 11 18.65 -12.21 0.98
C GLY C 11 17.47 -12.11 1.92
N ALA C 12 17.72 -12.01 3.23
CA ALA C 12 16.73 -12.03 4.33
C ALA C 12 15.74 -10.85 4.23
N SER C 13 15.01 -10.75 3.11
CA SER C 13 13.90 -9.79 2.91
C SER C 13 12.64 -10.34 3.56
N ARG C 14 12.44 -10.01 4.84
CA ARG C 14 11.24 -10.36 5.64
C ARG C 14 10.34 -9.13 5.75
N GLN C 15 10.84 -7.93 5.44
CA GLN C 15 10.02 -6.68 5.39
C GLN C 15 8.91 -6.85 4.33
N ARG C 16 9.18 -7.65 3.30
CA ARG C 16 8.22 -7.91 2.18
C ARG C 16 7.17 -8.94 2.63
N LYS C 17 7.61 -10.00 3.31
CA LYS C 17 6.74 -11.08 3.86
C LYS C 17 5.78 -10.48 4.90
N LEU C 18 6.25 -9.51 5.69
CA LEU C 18 5.49 -8.82 6.76
C LEU C 18 4.46 -7.87 6.15
N GLU C 19 4.88 -7.04 5.17
CA GLU C 19 3.99 -6.07 4.48
C GLU C 19 2.82 -6.82 3.83
N ALA C 20 3.08 -8.05 3.36
CA ALA C 20 2.12 -8.97 2.71
C ALA C 20 1.07 -9.44 3.74
N LEU C 21 1.52 -9.89 4.91
CA LEU C 21 0.65 -10.31 6.07
C LEU C 21 -0.29 -9.18 6.46
N ILE C 22 0.23 -7.96 6.59
CA ILE C 22 -0.54 -6.78 7.06
C ILE C 22 -1.59 -6.36 6.01
N ARG C 23 -1.34 -6.61 4.71
CA ARG C 23 -2.20 -6.09 3.61
C ARG C 23 -3.29 -7.12 3.25
N ASP C 24 -3.12 -8.37 3.67
CA ASP C 24 -4.06 -9.48 3.42
C ASP C 24 -5.33 -9.25 4.25
N PRO C 25 -6.53 -9.17 3.62
CA PRO C 25 -7.78 -8.96 4.37
C PRO C 25 -8.18 -10.16 5.23
N ARG C 26 -7.73 -11.38 4.91
CA ARG C 26 -8.07 -12.61 5.68
C ARG C 26 -6.95 -12.95 6.67
N SER C 27 -6.03 -12.02 6.92
CA SER C 27 -4.94 -12.14 7.93
C SER C 27 -5.44 -11.64 9.29
N PRO C 28 -5.04 -12.28 10.42
CA PRO C 28 -5.42 -11.79 11.74
C PRO C 28 -4.76 -10.45 12.13
N ILE C 29 -3.71 -10.02 11.42
CA ILE C 29 -2.98 -8.76 11.70
C ILE C 29 -3.07 -7.81 10.51
N ASN C 30 -4.22 -7.72 9.83
CA ASN C 30 -4.48 -6.63 8.86
C ASN C 30 -4.60 -5.31 9.65
N VAL C 31 -4.79 -4.19 8.97
CA VAL C 31 -4.79 -2.85 9.61
C VAL C 31 -6.06 -2.68 10.46
N GLU C 32 -7.22 -3.15 9.99
CA GLU C 32 -8.50 -3.03 10.76
C GLU C 32 -8.36 -3.74 12.11
N SER C 33 -7.66 -4.87 12.12
CA SER C 33 -7.46 -5.73 13.31
C SER C 33 -6.53 -5.02 14.31
N LEU C 34 -5.47 -4.40 13.81
CA LEU C 34 -4.53 -3.64 14.66
C LEU C 34 -5.23 -2.40 15.23
N LEU C 35 -6.15 -1.79 14.49
CA LEU C 35 -6.98 -0.65 14.99
C LEU C 35 -7.97 -1.16 16.04
N ASP C 36 -8.66 -2.27 15.78
CA ASP C 36 -9.53 -2.96 16.78
C ASP C 36 -8.72 -3.15 18.07
N GLY C 37 -7.47 -3.59 17.94
CA GLY C 37 -6.54 -3.87 19.04
C GLY C 37 -6.32 -2.67 19.92
N LEU C 38 -6.07 -1.51 19.30
CA LEU C 38 -5.79 -0.24 20.02
C LEU C 38 -7.10 0.26 20.63
N ASN C 39 -8.19 0.22 19.88
CA ASN C 39 -9.53 0.65 20.36
C ASN C 39 -9.90 -0.17 21.61
N SER C 40 -9.74 -1.49 21.54
CA SER C 40 -10.16 -2.45 22.58
C SER C 40 -9.33 -2.25 23.86
N LEU C 41 -8.02 -2.04 23.69
CA LEU C 41 -7.07 -1.83 24.81
C LEU C 41 -7.46 -0.56 25.57
N VAL C 42 -7.87 0.49 24.86
CA VAL C 42 -8.24 1.81 25.45
C VAL C 42 -9.58 1.67 26.17
N LEU C 43 -10.58 1.00 25.58
CA LEU C 43 -11.89 0.75 26.23
C LEU C 43 -11.72 -0.02 27.54
N ASP C 44 -10.76 -0.95 27.59
CA ASP C 44 -10.60 -1.91 28.73
C ASP C 44 -9.67 -1.33 29.80
N LEU C 45 -9.04 -0.19 29.54
CA LEU C 45 -8.12 0.48 30.49
C LEU C 45 -8.74 1.77 31.04
N ASP C 46 -9.59 2.47 30.27
CA ASP C 46 -10.14 3.80 30.68
C ASP C 46 -11.29 3.58 31.67
N PHE C 47 -10.95 3.25 32.91
CA PHE C 47 -11.85 3.24 34.09
C PHE C 47 -11.08 3.87 35.25
N PRO C 48 -11.75 4.63 36.14
CA PRO C 48 -11.05 5.44 37.15
C PRO C 48 -10.05 4.64 38.01
N ALA C 49 -10.37 3.40 38.36
CA ALA C 49 -9.56 2.55 39.27
C ALA C 49 -8.24 2.14 38.59
N LEU C 50 -8.31 1.70 37.33
CA LEU C 50 -7.14 1.21 36.55
C LEU C 50 -6.17 2.37 36.31
N ARG C 51 -6.69 3.58 36.13
CA ARG C 51 -5.92 4.80 35.79
C ARG C 51 -5.03 5.27 36.96
N LYS C 52 -5.14 4.66 38.14
CA LYS C 52 -4.25 4.99 39.30
C LYS C 52 -2.89 4.30 39.08
N ASN C 53 -2.83 3.36 38.14
CA ASN C 53 -1.58 2.76 37.58
C ASN C 53 -0.96 3.75 36.59
N LYS C 54 0.22 4.31 36.90
CA LYS C 54 0.92 5.35 36.10
C LYS C 54 1.12 4.87 34.65
N ASN C 55 1.57 3.64 34.46
CA ASN C 55 1.77 2.99 33.13
C ASN C 55 0.49 3.12 32.29
N ILE C 56 -0.67 2.88 32.89
CA ILE C 56 -1.98 2.93 32.17
C ILE C 56 -2.36 4.39 31.90
N ASP C 57 -2.24 5.27 32.91
CA ASP C 57 -2.63 6.70 32.79
C ASP C 57 -1.79 7.35 31.69
N ASN C 58 -0.47 7.10 31.69
CA ASN C 58 0.47 7.71 30.71
C ASN C 58 0.10 7.23 29.30
N PHE C 59 -0.20 5.94 29.11
CA PHE C 59 -0.60 5.35 27.81
C PHE C 59 -1.90 5.98 27.32
N LEU C 60 -2.90 6.12 28.19
CA LEU C 60 -4.23 6.67 27.84
C LEU C 60 -4.11 8.17 27.53
N ASN C 61 -3.31 8.91 28.29
CA ASN C 61 -2.99 10.34 28.02
C ASN C 61 -2.45 10.47 26.60
N ARG C 62 -1.60 9.54 26.17
CA ARG C 62 -0.90 9.59 24.85
C ARG C 62 -1.86 9.22 23.71
N TYR C 63 -2.85 8.33 23.91
CA TYR C 63 -3.62 7.70 22.80
C TYR C 63 -5.14 7.97 22.85
N GLU C 64 -5.71 8.43 23.97
CA GLU C 64 -7.19 8.42 24.15
C GLU C 64 -7.84 9.38 23.14
N LYS C 65 -7.21 10.53 22.84
CA LYS C 65 -7.79 11.59 21.96
C LYS C 65 -7.95 11.06 20.53
N ILE C 66 -6.84 10.62 19.94
CA ILE C 66 -6.75 10.10 18.54
C ILE C 66 -7.62 8.85 18.39
N VAL C 67 -7.76 8.04 19.44
CA VAL C 67 -8.56 6.78 19.39
C VAL C 67 -10.06 7.14 19.35
N LYS C 68 -10.51 8.17 20.06
CA LYS C 68 -11.91 8.64 20.05
C LYS C 68 -12.22 9.25 18.67
N LYS C 69 -11.26 9.95 18.07
CA LYS C 69 -11.40 10.55 16.71
C LYS C 69 -11.62 9.42 15.70
N ILE C 70 -10.74 8.40 15.71
CA ILE C 70 -10.80 7.21 14.80
C ILE C 70 -12.17 6.55 14.92
N ARG C 71 -12.65 6.32 16.15
CA ARG C 71 -13.95 5.69 16.46
C ARG C 71 -15.08 6.47 15.78
N GLY C 72 -14.95 7.80 15.72
CA GLY C 72 -15.90 8.70 15.02
C GLY C 72 -16.08 8.34 13.56
N LEU C 73 -15.04 7.81 12.92
CA LEU C 73 -15.05 7.45 11.47
C LEU C 73 -15.66 6.06 11.26
N GLN C 74 -15.55 5.17 12.24
CA GLN C 74 -16.06 3.77 12.20
C GLN C 74 -17.56 3.72 11.90
N MET C 75 -17.98 2.73 11.11
CA MET C 75 -19.39 2.40 10.83
C MET C 75 -20.11 2.12 12.17
N LYS C 76 -21.35 2.56 12.28
CA LYS C 76 -22.18 2.56 13.52
C LYS C 76 -23.58 2.04 13.21
N ALA C 77 -24.32 1.60 14.21
CA ALA C 77 -25.75 1.21 14.10
C ALA C 77 -26.58 2.40 13.62
N GLU C 78 -26.23 3.62 14.07
CA GLU C 78 -26.97 4.89 13.77
C GLU C 78 -26.95 5.17 12.26
N ASP C 79 -26.03 4.55 11.50
CA ASP C 79 -25.91 4.69 10.03
C ASP C 79 -27.03 3.91 9.31
N TYR C 80 -27.78 3.05 10.02
CA TYR C 80 -28.85 2.19 9.47
C TYR C 80 -30.20 2.60 10.07
N ASP C 81 -31.25 2.57 9.25
CA ASP C 81 -32.68 2.62 9.71
C ASP C 81 -33.16 1.19 9.92
N VAL C 82 -33.59 0.86 11.14
CA VAL C 82 -34.20 -0.46 11.45
C VAL C 82 -35.61 -0.46 10.89
N VAL C 83 -35.85 -1.23 9.84
CA VAL C 83 -37.20 -1.35 9.19
C VAL C 83 -38.04 -2.31 10.02
N LYS C 84 -37.47 -3.45 10.42
CA LYS C 84 -38.22 -4.53 11.11
C LYS C 84 -37.25 -5.59 11.65
N VAL C 85 -37.57 -6.17 12.81
CA VAL C 85 -36.88 -7.37 13.37
C VAL C 85 -37.44 -8.61 12.66
N ILE C 86 -36.57 -9.45 12.08
CA ILE C 86 -36.97 -10.67 11.30
C ILE C 86 -36.40 -11.94 11.94
N GLY C 87 -35.71 -11.85 13.07
CA GLY C 87 -35.16 -13.01 13.80
C GLY C 87 -34.66 -12.60 15.17
N ARG C 88 -34.64 -13.54 16.09
CA ARG C 88 -34.04 -13.37 17.43
C ARG C 88 -33.28 -14.65 17.77
N GLY C 89 -31.94 -14.61 17.69
CA GLY C 89 -31.03 -15.63 18.25
C GLY C 89 -30.87 -15.49 19.75
N ALA C 90 -29.96 -16.28 20.32
CA ALA C 90 -29.66 -16.32 21.77
C ALA C 90 -28.81 -15.11 22.16
N PHE C 91 -28.07 -14.54 21.20
CA PHE C 91 -27.07 -13.47 21.44
C PHE C 91 -27.60 -12.12 20.93
N GLY C 92 -28.76 -12.08 20.28
CA GLY C 92 -29.36 -10.82 19.81
C GLY C 92 -30.27 -11.01 18.62
N GLU C 93 -30.78 -9.94 18.05
CA GLU C 93 -31.83 -10.02 17.00
C GLU C 93 -31.15 -9.91 15.63
N VAL C 94 -31.86 -10.36 14.61
CA VAL C 94 -31.56 -10.06 13.19
C VAL C 94 -32.59 -9.04 12.71
N GLN C 95 -32.11 -7.94 12.11
CA GLN C 95 -32.91 -6.75 11.73
C GLN C 95 -32.83 -6.58 10.22
N LEU C 96 -33.97 -6.36 9.57
CA LEU C 96 -34.05 -5.78 8.21
C LEU C 96 -33.74 -4.29 8.33
N VAL C 97 -32.63 -3.85 7.75
CA VAL C 97 -32.14 -2.45 7.87
C VAL C 97 -31.98 -1.85 6.47
N ARG C 98 -31.98 -0.53 6.41
CA ARG C 98 -31.66 0.23 5.19
C ARG C 98 -30.55 1.20 5.59
N HIS C 99 -29.40 1.09 4.92
CA HIS C 99 -28.26 2.04 5.06
C HIS C 99 -28.75 3.42 4.60
N LYS C 100 -28.64 4.43 5.47
CA LYS C 100 -29.23 5.77 5.23
C LYS C 100 -28.59 6.42 4.00
N ALA C 101 -27.25 6.39 3.89
CA ALA C 101 -26.48 7.10 2.85
C ALA C 101 -26.68 6.44 1.47
N SER C 102 -26.75 5.11 1.39
CA SER C 102 -26.82 4.36 0.10
C SER C 102 -28.27 3.97 -0.23
N GLN C 103 -29.16 3.95 0.77
CA GLN C 103 -30.59 3.51 0.66
C GLN C 103 -30.69 2.02 0.31
N LYS C 104 -29.59 1.27 0.47
CA LYS C 104 -29.57 -0.20 0.20
C LYS C 104 -30.07 -0.99 1.41
N VAL C 105 -30.72 -2.10 1.14
CA VAL C 105 -31.38 -2.97 2.15
C VAL C 105 -30.47 -4.16 2.47
N TYR C 106 -30.33 -4.48 3.76
CA TYR C 106 -29.52 -5.61 4.28
C TYR C 106 -30.25 -6.28 5.43
N ALA C 107 -29.82 -7.49 5.78
CA ALA C 107 -30.10 -8.10 7.10
C ALA C 107 -28.89 -7.87 8.02
N MET C 108 -29.13 -7.35 9.22
CA MET C 108 -28.07 -7.04 10.20
C MET C 108 -28.28 -7.91 11.45
N LYS C 109 -27.30 -8.78 11.75
CA LYS C 109 -27.28 -9.64 12.95
C LYS C 109 -26.52 -8.92 14.06
N LEU C 110 -27.13 -8.80 15.23
CA LEU C 110 -26.50 -8.25 16.47
C LEU C 110 -26.10 -9.41 17.37
N LEU C 111 -24.87 -9.41 17.88
CA LEU C 111 -24.42 -10.34 18.95
C LEU C 111 -24.03 -9.52 20.18
N SER C 112 -24.70 -9.75 21.30
CA SER C 112 -24.44 -9.06 22.59
C SER C 112 -23.11 -9.53 23.16
N LYS C 113 -22.13 -8.64 23.29
CA LYS C 113 -20.82 -8.94 23.94
C LYS C 113 -21.05 -9.43 25.38
N PHE C 114 -21.98 -8.83 26.12
CA PHE C 114 -22.28 -9.21 27.53
C PHE C 114 -22.76 -10.67 27.61
N GLU C 115 -23.69 -11.04 26.71
CA GLU C 115 -24.30 -12.40 26.70
C GLU C 115 -23.25 -13.43 26.30
N MET C 116 -22.33 -13.09 25.38
CA MET C 116 -21.28 -14.02 24.90
C MET C 116 -20.23 -14.26 26.01
N ILE C 117 -19.88 -13.22 26.78
CA ILE C 117 -18.92 -13.32 27.91
C ILE C 117 -19.57 -14.13 29.04
N LYS C 118 -20.80 -13.76 29.43
CA LYS C 118 -21.59 -14.43 30.50
C LYS C 118 -21.63 -15.95 30.27
N ARG C 119 -21.79 -16.41 29.02
CA ARG C 119 -21.95 -17.85 28.67
C ARG C 119 -20.64 -18.48 28.16
N SER C 120 -19.48 -17.90 28.48
CA SER C 120 -18.13 -18.39 28.08
C SER C 120 -18.15 -18.87 26.61
N ASP C 121 -18.84 -18.14 25.74
CA ASP C 121 -19.14 -18.56 24.34
C ASP C 121 -18.86 -17.36 23.41
N SER C 122 -17.60 -16.95 23.28
CA SER C 122 -17.21 -15.66 22.65
C SER C 122 -16.17 -15.89 21.54
N ALA C 123 -16.23 -17.01 20.82
CA ALA C 123 -15.26 -17.39 19.77
C ALA C 123 -15.89 -18.25 18.67
N PHE C 124 -17.22 -18.39 18.64
CA PHE C 124 -17.95 -19.28 17.69
C PHE C 124 -18.09 -18.57 16.34
N PHE C 125 -18.01 -17.25 16.32
CA PHE C 125 -18.38 -16.38 15.17
C PHE C 125 -17.23 -16.25 14.17
N TRP C 126 -16.02 -16.73 14.48
CA TRP C 126 -14.84 -16.49 13.60
C TRP C 126 -15.01 -17.17 12.23
N GLU C 127 -15.39 -18.43 12.18
CA GLU C 127 -15.54 -19.18 10.90
C GLU C 127 -16.72 -18.59 10.12
N GLU C 128 -17.80 -18.22 10.81
CA GLU C 128 -18.98 -17.57 10.20
C GLU C 128 -18.54 -16.30 9.46
N ARG C 129 -17.74 -15.47 10.11
CA ARG C 129 -17.21 -14.21 9.53
C ARG C 129 -16.41 -14.55 8.27
N ASP C 130 -15.49 -15.51 8.37
CA ASP C 130 -14.52 -15.85 7.32
C ASP C 130 -15.27 -16.43 6.10
N ILE C 131 -16.23 -17.33 6.32
CA ILE C 131 -17.03 -17.99 5.26
C ILE C 131 -17.86 -16.94 4.52
N MET C 132 -18.58 -16.09 5.25
CA MET C 132 -19.54 -15.13 4.65
C MET C 132 -18.78 -13.97 4.01
N ALA C 133 -17.57 -13.65 4.49
CA ALA C 133 -16.73 -12.58 3.92
C ALA C 133 -16.07 -13.04 2.62
N PHE C 134 -15.54 -14.27 2.57
CA PHE C 134 -14.53 -14.70 1.58
C PHE C 134 -14.98 -15.92 0.77
N ALA C 135 -16.09 -16.58 1.11
CA ALA C 135 -16.60 -17.75 0.34
C ALA C 135 -16.71 -17.37 -1.13
N ASN C 136 -17.32 -16.22 -1.44
CA ASN C 136 -17.55 -15.75 -2.82
C ASN C 136 -18.29 -16.87 -3.59
N SER C 137 -19.35 -17.44 -2.99
CA SER C 137 -20.12 -18.59 -3.51
C SER C 137 -21.60 -18.23 -3.62
N PRO C 138 -22.31 -18.64 -4.68
CA PRO C 138 -23.76 -18.45 -4.76
C PRO C 138 -24.54 -19.20 -3.66
N TRP C 139 -23.89 -20.14 -2.96
CA TRP C 139 -24.53 -21.04 -1.97
C TRP C 139 -24.37 -20.51 -0.54
N VAL C 140 -23.65 -19.41 -0.35
CA VAL C 140 -23.29 -18.85 0.99
C VAL C 140 -23.76 -17.40 1.07
N VAL C 141 -24.54 -17.07 2.09
CA VAL C 141 -24.95 -15.66 2.34
C VAL C 141 -23.69 -14.80 2.49
N GLN C 142 -23.69 -13.66 1.84
CA GLN C 142 -22.54 -12.73 1.71
C GLN C 142 -22.50 -11.76 2.89
N LEU C 143 -21.32 -11.55 3.47
CA LEU C 143 -21.06 -10.46 4.47
C LEU C 143 -20.52 -9.23 3.75
N PHE C 144 -21.13 -8.07 3.93
CA PHE C 144 -20.69 -6.79 3.33
C PHE C 144 -19.87 -6.01 4.37
N TYR C 145 -20.39 -5.88 5.58
CA TYR C 145 -19.70 -5.21 6.71
C TYR C 145 -19.85 -6.03 7.98
N ALA C 146 -18.77 -6.08 8.76
CA ALA C 146 -18.77 -6.46 10.20
C ALA C 146 -18.12 -5.33 10.99
N PHE C 147 -18.81 -4.80 11.99
CA PHE C 147 -18.29 -3.75 12.88
C PHE C 147 -18.76 -4.04 14.30
N GLN C 148 -18.29 -3.24 15.25
CA GLN C 148 -18.57 -3.44 16.69
C GLN C 148 -18.60 -2.07 17.39
N ASP C 149 -19.42 -1.96 18.43
CA ASP C 149 -19.31 -0.91 19.47
C ASP C 149 -19.06 -1.64 20.80
N ASP C 150 -19.08 -0.94 21.93
CA ASP C 150 -18.68 -1.51 23.24
C ASP C 150 -19.65 -2.62 23.64
N ARG C 151 -20.87 -2.66 23.07
CA ARG C 151 -21.97 -3.52 23.53
C ARG C 151 -22.22 -4.68 22.55
N TYR C 152 -22.09 -4.46 21.22
CA TYR C 152 -22.56 -5.40 20.18
C TYR C 152 -21.50 -5.64 19.10
N LEU C 153 -21.45 -6.88 18.59
CA LEU C 153 -20.94 -7.19 17.23
C LEU C 153 -22.10 -7.03 16.25
N TYR C 154 -21.83 -6.49 15.06
CA TYR C 154 -22.82 -6.33 13.96
C TYR C 154 -22.28 -7.03 12.72
N MET C 155 -23.12 -7.82 12.06
CA MET C 155 -22.84 -8.42 10.74
C MET C 155 -23.94 -7.98 9.77
N VAL C 156 -23.56 -7.26 8.72
CA VAL C 156 -24.46 -6.75 7.66
C VAL C 156 -24.34 -7.69 6.46
N MET C 157 -25.41 -8.41 6.14
CA MET C 157 -25.43 -9.53 5.16
C MET C 157 -26.42 -9.21 4.04
N GLU C 158 -26.39 -9.95 2.91
CA GLU C 158 -27.45 -9.82 1.89
C GLU C 158 -28.76 -10.31 2.52
N TYR C 159 -29.82 -9.52 2.35
CA TYR C 159 -31.19 -9.85 2.79
C TYR C 159 -31.71 -10.99 1.92
N MET C 160 -32.32 -12.00 2.55
CA MET C 160 -32.86 -13.20 1.86
C MET C 160 -34.38 -13.22 2.02
N PRO C 161 -35.11 -12.54 1.11
CA PRO C 161 -36.54 -12.27 1.35
C PRO C 161 -37.46 -13.49 1.19
N GLY C 162 -36.92 -14.62 0.72
CA GLY C 162 -37.69 -15.87 0.56
C GLY C 162 -38.02 -16.53 1.88
N GLY C 163 -37.33 -16.15 2.96
CA GLY C 163 -37.47 -16.77 4.30
C GLY C 163 -36.71 -18.08 4.38
N ASP C 164 -36.91 -18.86 5.44
CA ASP C 164 -36.17 -20.13 5.64
C ASP C 164 -37.06 -21.31 5.23
N LEU C 165 -36.50 -22.51 5.23
CA LEU C 165 -37.17 -23.74 4.77
C LEU C 165 -38.11 -24.27 5.85
N VAL C 166 -37.95 -23.84 7.11
CA VAL C 166 -38.94 -24.12 8.18
C VAL C 166 -40.28 -23.51 7.77
N ASN C 167 -40.25 -22.25 7.34
CA ASN C 167 -41.46 -21.46 6.98
C ASN C 167 -42.10 -22.09 5.74
N LEU C 168 -41.29 -22.54 4.79
CA LEU C 168 -41.79 -23.18 3.54
C LEU C 168 -42.48 -24.49 3.91
N MET C 169 -41.84 -25.33 4.70
CA MET C 169 -42.30 -26.71 5.03
C MET C 169 -43.61 -26.65 5.82
N SER C 170 -43.84 -25.58 6.59
CA SER C 170 -45.06 -25.40 7.41
C SER C 170 -46.17 -24.69 6.62
N ASN C 171 -45.91 -24.29 5.38
CA ASN C 171 -46.90 -23.58 4.52
C ASN C 171 -47.29 -24.45 3.32
N TYR C 172 -46.57 -25.54 3.05
CA TYR C 172 -46.78 -26.42 1.86
C TYR C 172 -46.60 -27.88 2.27
N ASP C 173 -47.40 -28.76 1.66
CA ASP C 173 -47.11 -30.21 1.55
C ASP C 173 -46.07 -30.38 0.44
N VAL C 174 -44.86 -30.82 0.79
CA VAL C 174 -43.69 -30.85 -0.13
C VAL C 174 -43.70 -32.18 -0.89
N PRO C 175 -44.00 -32.17 -2.22
CA PRO C 175 -43.87 -33.36 -3.05
C PRO C 175 -42.39 -33.68 -3.35
N GLU C 176 -42.13 -34.89 -3.84
CA GLU C 176 -40.75 -35.39 -4.12
C GLU C 176 -40.04 -34.46 -5.11
N LYS C 177 -40.75 -33.99 -6.14
CA LYS C 177 -40.20 -33.04 -7.16
C LYS C 177 -39.47 -31.88 -6.46
N TRP C 178 -40.11 -31.29 -5.44
CA TRP C 178 -39.56 -30.17 -4.63
C TRP C 178 -38.41 -30.66 -3.74
N ALA C 179 -38.61 -31.80 -3.08
CA ALA C 179 -37.60 -32.40 -2.18
C ALA C 179 -36.30 -32.65 -2.94
N LYS C 180 -36.38 -33.14 -4.19
CA LYS C 180 -35.19 -33.33 -5.09
C LYS C 180 -34.45 -32.01 -5.22
N PHE C 181 -35.16 -30.94 -5.51
CA PHE C 181 -34.60 -29.60 -5.79
C PHE C 181 -33.82 -29.12 -4.55
N TYR C 182 -34.50 -29.04 -3.41
CA TYR C 182 -33.92 -28.42 -2.18
C TYR C 182 -32.78 -29.32 -1.68
N THR C 183 -32.92 -30.65 -1.77
CA THR C 183 -31.88 -31.61 -1.32
C THR C 183 -30.63 -31.44 -2.19
N ALA C 184 -30.80 -31.29 -3.50
CA ALA C 184 -29.70 -31.11 -4.47
C ALA C 184 -28.97 -29.81 -4.16
N GLU C 185 -29.72 -28.73 -3.93
CA GLU C 185 -29.15 -27.39 -3.62
C GLU C 185 -28.40 -27.47 -2.26
N VAL C 186 -28.94 -28.15 -1.25
CA VAL C 186 -28.28 -28.33 0.07
C VAL C 186 -26.97 -29.10 -0.14
N VAL C 187 -26.98 -30.13 -0.99
CA VAL C 187 -25.78 -30.99 -1.23
C VAL C 187 -24.69 -30.15 -1.90
N LEU C 188 -25.04 -29.30 -2.86
CA LEU C 188 -24.07 -28.42 -3.57
C LEU C 188 -23.53 -27.37 -2.59
N ALA C 189 -24.37 -26.82 -1.72
CA ALA C 189 -23.98 -25.82 -0.71
C ALA C 189 -22.93 -26.43 0.23
N LEU C 190 -23.23 -27.60 0.79
CA LEU C 190 -22.33 -28.32 1.71
C LEU C 190 -21.03 -28.69 1.00
N ASP C 191 -21.09 -29.12 -0.26
CA ASP C 191 -19.89 -29.47 -1.06
C ASP C 191 -19.00 -28.21 -1.18
N ALA C 192 -19.61 -27.03 -1.30
CA ALA C 192 -18.87 -25.75 -1.42
C ALA C 192 -18.15 -25.46 -0.10
N ILE C 193 -18.83 -25.68 1.03
CA ILE C 193 -18.27 -25.49 2.39
C ILE C 193 -17.12 -26.50 2.59
N HIS C 194 -17.32 -27.76 2.20
CA HIS C 194 -16.29 -28.84 2.28
C HIS C 194 -15.06 -28.46 1.45
N SER C 195 -15.27 -27.85 0.28
CA SER C 195 -14.17 -27.44 -0.65
C SER C 195 -13.35 -26.31 -0.04
N MET C 196 -13.95 -25.52 0.87
CA MET C 196 -13.24 -24.43 1.60
C MET C 196 -12.60 -24.99 2.88
N GLY C 197 -12.57 -26.32 3.05
CA GLY C 197 -11.83 -26.99 4.13
C GLY C 197 -12.58 -27.04 5.45
N LEU C 198 -13.92 -26.91 5.43
CA LEU C 198 -14.74 -26.84 6.67
C LEU C 198 -15.79 -27.95 6.65
N ILE C 199 -16.18 -28.48 7.83
CA ILE C 199 -17.41 -29.31 8.00
C ILE C 199 -18.41 -28.48 8.81
N HIS C 200 -19.68 -28.54 8.45
CA HIS C 200 -20.73 -27.61 8.90
C HIS C 200 -21.22 -27.96 10.30
N ARG C 201 -21.75 -29.18 10.50
CA ARG C 201 -22.09 -29.78 11.83
C ARG C 201 -23.44 -29.29 12.40
N ASP C 202 -24.11 -28.33 11.77
CA ASP C 202 -25.47 -27.86 12.14
C ASP C 202 -26.31 -27.62 10.86
N VAL C 203 -26.36 -28.59 9.96
CA VAL C 203 -27.22 -28.51 8.75
C VAL C 203 -28.66 -28.75 9.19
N LYS C 204 -29.52 -27.74 9.07
CA LYS C 204 -30.96 -27.84 9.40
C LYS C 204 -31.72 -26.75 8.66
N PRO C 205 -33.06 -26.92 8.48
CA PRO C 205 -33.86 -26.00 7.68
C PRO C 205 -33.82 -24.54 8.13
N ASP C 206 -33.59 -24.29 9.43
CA ASP C 206 -33.54 -22.92 10.04
C ASP C 206 -32.34 -22.14 9.47
N ASN C 207 -31.29 -22.85 9.06
CA ASN C 207 -30.01 -22.28 8.56
C ASN C 207 -30.05 -22.15 7.02
N MET C 208 -31.11 -22.66 6.39
CA MET C 208 -31.30 -22.64 4.92
C MET C 208 -32.26 -21.51 4.55
N LEU C 209 -31.75 -20.43 3.95
CA LEU C 209 -32.57 -19.26 3.52
C LEU C 209 -32.78 -19.29 2.01
N LEU C 210 -33.88 -18.70 1.54
CA LEU C 210 -34.24 -18.59 0.11
C LEU C 210 -34.08 -17.14 -0.34
N ASP C 211 -33.50 -16.92 -1.53
CA ASP C 211 -33.24 -15.58 -2.10
C ASP C 211 -34.48 -15.10 -2.88
N LYS C 212 -34.35 -13.97 -3.59
CA LYS C 212 -35.44 -13.29 -4.35
C LYS C 212 -36.11 -14.27 -5.34
N HIS C 213 -35.38 -15.29 -5.83
CA HIS C 213 -35.81 -16.19 -6.94
C HIS C 213 -36.15 -17.59 -6.41
N GLY C 214 -36.01 -17.81 -5.10
CA GLY C 214 -36.45 -19.05 -4.43
C GLY C 214 -35.34 -20.08 -4.31
N HIS C 215 -34.08 -19.68 -4.54
CA HIS C 215 -32.90 -20.57 -4.49
C HIS C 215 -32.22 -20.44 -3.13
N LEU C 216 -31.54 -21.50 -2.73
CA LEU C 216 -31.10 -21.76 -1.34
C LEU C 216 -29.71 -21.14 -1.12
N LYS C 217 -29.50 -20.55 0.04
CA LYS C 217 -28.16 -20.21 0.56
C LYS C 217 -28.08 -20.68 2.01
N LEU C 218 -26.91 -21.14 2.44
CA LEU C 218 -26.64 -21.43 3.87
C LEU C 218 -26.31 -20.11 4.57
N ALA C 219 -26.89 -19.89 5.75
CA ALA C 219 -26.99 -18.56 6.39
C ALA C 219 -26.35 -18.51 7.78
N ASP C 220 -25.96 -19.64 8.35
CA ASP C 220 -25.41 -19.70 9.73
C ASP C 220 -24.25 -20.70 9.70
N PHE C 221 -23.13 -20.40 10.37
CA PHE C 221 -21.88 -21.20 10.35
C PHE C 221 -21.27 -21.22 11.75
N GLY C 222 -22.11 -21.15 12.77
CA GLY C 222 -21.72 -21.07 14.20
C GLY C 222 -20.93 -22.27 14.67
N THR C 223 -21.19 -23.45 14.11
CA THR C 223 -20.61 -24.75 14.55
C THR C 223 -19.53 -25.24 13.56
N CYS C 224 -19.19 -24.46 12.53
CA CYS C 224 -18.22 -24.89 11.48
C CYS C 224 -16.83 -25.08 12.09
N MET C 225 -16.10 -26.08 11.59
CA MET C 225 -14.76 -26.47 12.08
C MET C 225 -13.88 -26.78 10.87
N LYS C 226 -12.62 -26.35 10.87
CA LYS C 226 -11.62 -26.63 9.80
C LYS C 226 -11.22 -28.11 9.88
N MET C 227 -11.26 -28.81 8.75
CA MET C 227 -10.65 -30.15 8.60
C MET C 227 -9.13 -30.00 8.70
N ASP C 228 -8.43 -31.01 9.22
CA ASP C 228 -6.96 -31.12 9.15
C ASP C 228 -6.57 -31.55 7.73
N GLU C 229 -5.26 -31.77 7.50
CA GLU C 229 -4.64 -32.18 6.21
C GLU C 229 -5.28 -33.48 5.68
N THR C 230 -5.91 -34.30 6.53
CA THR C 230 -6.46 -35.65 6.18
C THR C 230 -7.97 -35.57 5.95
N GLY C 231 -8.59 -34.40 6.12
CA GLY C 231 -10.04 -34.21 5.89
C GLY C 231 -10.90 -34.51 7.14
N MET C 232 -10.25 -34.70 8.30
CA MET C 232 -10.89 -35.14 9.57
C MET C 232 -10.78 -34.03 10.62
N VAL C 233 -11.58 -34.09 11.68
CA VAL C 233 -11.46 -33.22 12.88
C VAL C 233 -11.33 -34.11 14.11
N HIS C 234 -10.53 -33.69 15.10
CA HIS C 234 -10.52 -34.18 16.50
C HIS C 234 -11.34 -33.21 17.37
N CYS C 235 -12.54 -33.62 17.75
CA CYS C 235 -13.48 -32.84 18.59
C CYS C 235 -14.22 -33.76 19.56
N ASP C 236 -14.42 -33.28 20.80
CA ASP C 236 -14.94 -34.07 21.95
C ASP C 236 -16.23 -33.44 22.47
N THR C 237 -16.91 -32.63 21.63
CA THR C 237 -18.18 -31.92 21.96
C THR C 237 -19.27 -32.31 20.95
N ALA C 238 -20.45 -32.69 21.44
CA ALA C 238 -21.67 -32.92 20.62
C ALA C 238 -22.31 -31.56 20.31
N VAL C 239 -22.09 -31.05 19.10
CA VAL C 239 -22.51 -29.68 18.69
C VAL C 239 -23.70 -29.80 17.73
N GLY C 240 -24.46 -28.72 17.57
CA GLY C 240 -25.62 -28.63 16.66
C GLY C 240 -26.93 -29.00 17.33
N THR C 241 -28.02 -28.89 16.57
CA THR C 241 -29.41 -29.10 17.03
C THR C 241 -29.64 -30.60 17.17
N PRO C 242 -30.19 -31.09 18.31
CA PRO C 242 -30.31 -32.53 18.57
C PRO C 242 -30.93 -33.39 17.45
N ASP C 243 -32.09 -32.95 16.95
CA ASP C 243 -32.86 -33.66 15.90
C ASP C 243 -31.95 -34.04 14.69
N TYR C 244 -30.97 -33.20 14.34
CA TYR C 244 -30.18 -33.33 13.09
C TYR C 244 -28.74 -33.81 13.39
N ILE C 245 -28.40 -34.13 14.64
CA ILE C 245 -26.99 -34.51 15.00
C ILE C 245 -26.70 -35.97 14.64
N SER C 246 -25.55 -36.25 14.01
CA SER C 246 -25.12 -37.60 13.58
C SER C 246 -24.67 -38.40 14.78
N PRO C 247 -24.71 -39.75 14.73
CA PRO C 247 -24.22 -40.60 15.81
C PRO C 247 -22.75 -40.35 16.21
N GLU C 248 -21.87 -40.13 15.24
CA GLU C 248 -20.40 -40.04 15.51
C GLU C 248 -20.10 -38.75 16.31
N VAL C 249 -20.83 -37.66 16.03
CA VAL C 249 -20.69 -36.37 16.75
C VAL C 249 -21.27 -36.50 18.16
N LEU C 250 -22.44 -37.13 18.31
CA LEU C 250 -23.08 -37.41 19.62
C LEU C 250 -22.13 -38.27 20.47
N LYS C 251 -21.59 -39.34 19.89
CA LYS C 251 -20.66 -40.29 20.58
C LYS C 251 -19.37 -39.57 20.98
N SER C 252 -18.93 -38.56 20.22
CA SER C 252 -17.64 -37.86 20.42
C SER C 252 -17.61 -37.13 21.76
N GLN C 253 -18.79 -36.80 22.31
CA GLN C 253 -18.95 -36.18 23.65
C GLN C 253 -18.29 -37.06 24.73
N GLY C 254 -18.33 -38.39 24.53
CA GLY C 254 -17.75 -39.40 25.42
C GLY C 254 -16.22 -39.42 25.40
N GLY C 255 -15.60 -38.68 24.48
CA GLY C 255 -14.14 -38.62 24.29
C GLY C 255 -13.70 -39.19 22.94
N ASP C 256 -12.45 -38.90 22.55
CA ASP C 256 -11.74 -39.52 21.38
C ASP C 256 -12.67 -39.54 20.16
N GLY C 257 -13.24 -38.39 19.77
CA GLY C 257 -14.04 -38.24 18.53
C GLY C 257 -13.16 -37.84 17.36
N TYR C 258 -13.32 -38.50 16.21
CA TYR C 258 -12.43 -38.38 15.04
C TYR C 258 -13.27 -38.71 13.82
N TYR C 259 -13.73 -37.70 13.10
CA TYR C 259 -14.73 -37.86 12.01
C TYR C 259 -14.49 -36.83 10.91
N GLY C 260 -15.10 -37.05 9.75
CA GLY C 260 -15.00 -36.21 8.56
C GLY C 260 -16.35 -35.65 8.13
N ARG C 261 -16.41 -35.23 6.88
CA ARG C 261 -17.50 -34.40 6.34
C ARG C 261 -18.80 -35.21 6.22
N GLU C 262 -18.72 -36.54 6.28
CA GLU C 262 -19.90 -37.42 6.06
C GLU C 262 -20.93 -37.22 7.19
N CYS C 263 -20.56 -36.53 8.28
CA CYS C 263 -21.53 -36.15 9.35
C CYS C 263 -22.56 -35.16 8.80
N ASP C 264 -22.18 -34.37 7.78
CA ASP C 264 -23.11 -33.42 7.13
C ASP C 264 -24.12 -34.17 6.26
N TRP C 265 -23.73 -35.31 5.69
CA TRP C 265 -24.63 -36.11 4.82
C TRP C 265 -25.70 -36.79 5.69
N TRP C 266 -25.37 -37.18 6.92
CA TRP C 266 -26.38 -37.66 7.89
C TRP C 266 -27.51 -36.65 7.93
N SER C 267 -27.16 -35.38 8.14
CA SER C 267 -28.11 -34.28 8.38
C SER C 267 -28.97 -34.07 7.13
N VAL C 268 -28.44 -34.31 5.94
CA VAL C 268 -29.25 -34.22 4.68
C VAL C 268 -30.33 -35.31 4.70
N GLY C 269 -29.99 -36.50 5.18
CA GLY C 269 -30.95 -37.60 5.39
C GLY C 269 -32.10 -37.18 6.30
N VAL C 270 -31.78 -36.58 7.44
CA VAL C 270 -32.79 -36.10 8.42
C VAL C 270 -33.68 -35.05 7.73
N PHE C 271 -33.06 -34.11 7.01
CA PHE C 271 -33.75 -33.02 6.28
C PHE C 271 -34.74 -33.62 5.27
N LEU C 272 -34.29 -34.55 4.44
CA LEU C 272 -35.10 -35.18 3.36
C LEU C 272 -36.27 -35.94 4.00
N TYR C 273 -36.04 -36.67 5.09
CA TYR C 273 -37.10 -37.36 5.85
C TYR C 273 -38.15 -36.33 6.30
N GLU C 274 -37.70 -35.26 6.95
CA GLU C 274 -38.60 -34.22 7.50
C GLU C 274 -39.48 -33.63 6.40
N MET C 275 -38.87 -33.36 5.25
CA MET C 275 -39.54 -32.74 4.07
C MET C 275 -40.66 -33.64 3.56
N LEU C 276 -40.42 -34.95 3.49
CA LEU C 276 -41.36 -35.92 2.85
C LEU C 276 -42.35 -36.49 3.87
N VAL C 277 -41.99 -36.58 5.16
CA VAL C 277 -42.82 -37.25 6.21
C VAL C 277 -43.58 -36.20 7.02
N GLY C 278 -42.96 -35.05 7.32
CA GLY C 278 -43.58 -33.94 8.07
C GLY C 278 -43.11 -33.86 9.53
N ASP C 279 -42.31 -34.83 9.98
CA ASP C 279 -41.68 -34.86 11.33
C ASP C 279 -40.22 -35.31 11.15
N THR C 280 -39.33 -34.99 12.09
CA THR C 280 -37.95 -35.51 12.11
C THR C 280 -37.98 -36.99 12.48
N PRO C 281 -37.06 -37.81 11.93
CA PRO C 281 -37.10 -39.25 12.13
C PRO C 281 -36.85 -39.69 13.58
N PHE C 282 -36.15 -38.90 14.40
CA PHE C 282 -35.77 -39.25 15.79
C PHE C 282 -36.42 -38.28 16.78
N TYR C 283 -37.57 -37.72 16.40
CA TYR C 283 -38.40 -36.87 17.28
C TYR C 283 -38.73 -37.62 18.57
N ALA C 284 -38.56 -36.95 19.71
CA ALA C 284 -39.06 -37.36 21.05
C ALA C 284 -39.44 -36.12 21.86
N ASP C 285 -40.22 -36.28 22.94
CA ASP C 285 -40.70 -35.17 23.81
C ASP C 285 -39.54 -34.57 24.62
N SER C 286 -38.41 -35.26 24.74
CA SER C 286 -37.23 -34.78 25.51
C SER C 286 -35.99 -34.80 24.61
N LEU C 287 -34.96 -34.04 24.99
CA LEU C 287 -33.62 -34.06 24.32
C LEU C 287 -33.01 -35.46 24.49
N VAL C 288 -32.99 -35.99 25.71
CA VAL C 288 -32.41 -37.32 26.02
C VAL C 288 -33.12 -38.40 25.19
N GLY C 289 -34.43 -38.26 24.98
CA GLY C 289 -35.22 -39.19 24.15
C GLY C 289 -34.74 -39.22 22.72
N THR C 290 -34.41 -38.07 22.16
CA THR C 290 -33.95 -37.90 20.77
C THR C 290 -32.52 -38.45 20.65
N TYR C 291 -31.64 -38.08 21.58
CA TYR C 291 -30.24 -38.59 21.67
C TYR C 291 -30.29 -40.12 21.66
N SER C 292 -31.15 -40.69 22.50
CA SER C 292 -31.32 -42.15 22.69
C SER C 292 -31.72 -42.80 21.35
N LYS C 293 -32.67 -42.22 20.63
CA LYS C 293 -33.19 -42.76 19.34
C LYS C 293 -32.11 -42.66 18.26
N ILE C 294 -31.32 -41.59 18.25
CA ILE C 294 -30.21 -41.41 17.26
C ILE C 294 -29.16 -42.52 17.47
N MET C 295 -28.72 -42.77 18.69
CA MET C 295 -27.73 -43.84 18.98
C MET C 295 -28.31 -45.18 18.51
N ASP C 296 -29.63 -45.37 18.61
CA ASP C 296 -30.34 -46.63 18.30
C ASP C 296 -30.96 -46.57 16.89
N HIS C 297 -30.36 -45.83 15.94
CA HIS C 297 -30.98 -45.53 14.61
C HIS C 297 -31.33 -46.83 13.86
N LYS C 298 -30.53 -47.90 14.00
CA LYS C 298 -30.78 -49.19 13.31
C LYS C 298 -32.17 -49.74 13.69
N ASN C 299 -32.65 -49.45 14.90
CA ASN C 299 -33.98 -49.91 15.38
C ASN C 299 -35.01 -48.77 15.32
N SER C 300 -34.61 -47.52 15.59
CA SER C 300 -35.52 -46.40 15.91
C SER C 300 -36.07 -45.75 14.64
N LEU C 301 -35.33 -45.84 13.52
CA LEU C 301 -35.76 -45.28 12.20
C LEU C 301 -36.86 -46.17 11.62
N CYS C 302 -38.02 -45.61 11.34
CA CYS C 302 -39.10 -46.32 10.62
C CYS C 302 -40.07 -45.30 10.00
N PHE C 303 -40.44 -45.53 8.74
CA PHE C 303 -41.37 -44.66 7.97
C PHE C 303 -42.79 -45.00 8.40
N PRO C 304 -43.65 -43.99 8.67
CA PRO C 304 -45.04 -44.26 9.02
C PRO C 304 -45.75 -44.99 7.86
N GLU C 305 -46.64 -45.93 8.19
CA GLU C 305 -47.27 -46.87 7.23
C GLU C 305 -48.15 -46.07 6.24
N ASP C 306 -48.68 -44.93 6.69
CA ASP C 306 -49.68 -44.12 5.93
C ASP C 306 -48.97 -43.05 5.07
N ALA C 307 -47.69 -42.77 5.34
CA ALA C 307 -46.84 -41.91 4.49
C ALA C 307 -46.50 -42.69 3.20
N GLU C 308 -46.61 -42.03 2.05
CA GLU C 308 -46.36 -42.66 0.72
C GLU C 308 -45.09 -42.05 0.12
N ILE C 309 -44.02 -42.85 0.05
CA ILE C 309 -42.64 -42.43 -0.33
C ILE C 309 -42.10 -43.43 -1.35
N SER C 310 -41.58 -42.93 -2.46
CA SER C 310 -40.98 -43.75 -3.56
C SER C 310 -39.84 -44.61 -3.00
N LYS C 311 -39.57 -45.74 -3.65
CA LYS C 311 -38.44 -46.64 -3.29
C LYS C 311 -37.14 -45.83 -3.30
N HIS C 312 -36.94 -44.94 -4.28
CA HIS C 312 -35.68 -44.17 -4.46
C HIS C 312 -35.47 -43.17 -3.31
N ALA C 313 -36.51 -42.49 -2.85
CA ALA C 313 -36.45 -41.52 -1.74
C ALA C 313 -36.13 -42.27 -0.43
N LYS C 314 -36.81 -43.38 -0.19
CA LYS C 314 -36.60 -44.23 1.01
C LYS C 314 -35.17 -44.77 1.00
N ASN C 315 -34.67 -45.21 -0.17
CA ASN C 315 -33.30 -45.76 -0.36
C ASN C 315 -32.28 -44.69 0.01
N LEU C 316 -32.46 -43.45 -0.47
CA LEU C 316 -31.52 -42.32 -0.26
C LEU C 316 -31.50 -41.97 1.24
N ILE C 317 -32.68 -41.83 1.86
CA ILE C 317 -32.79 -41.48 3.30
C ILE C 317 -32.03 -42.55 4.10
N CYS C 318 -32.28 -43.83 3.82
CA CYS C 318 -31.71 -44.96 4.57
C CYS C 318 -30.21 -45.10 4.29
N ALA C 319 -29.74 -44.66 3.12
CA ALA C 319 -28.32 -44.69 2.72
C ALA C 319 -27.56 -43.58 3.46
N PHE C 320 -28.22 -42.48 3.78
CA PHE C 320 -27.67 -41.36 4.59
C PHE C 320 -27.71 -41.71 6.08
N LEU C 321 -28.81 -42.30 6.56
CA LEU C 321 -29.07 -42.53 8.01
C LEU C 321 -28.55 -43.91 8.41
N THR C 322 -27.23 -44.12 8.26
CA THR C 322 -26.46 -45.30 8.72
C THR C 322 -25.20 -44.82 9.43
N ASP C 323 -24.44 -45.74 10.00
CA ASP C 323 -23.09 -45.48 10.54
C ASP C 323 -22.21 -44.90 9.43
N ARG C 324 -21.27 -44.03 9.79
CA ARG C 324 -20.40 -43.28 8.84
C ARG C 324 -19.61 -44.26 7.96
N GLU C 325 -19.27 -45.45 8.47
CA GLU C 325 -18.41 -46.45 7.81
C GLU C 325 -19.04 -46.93 6.50
N VAL C 326 -20.37 -46.88 6.37
CA VAL C 326 -21.12 -47.42 5.19
C VAL C 326 -22.05 -46.32 4.64
N ARG C 327 -21.90 -45.08 5.07
CA ARG C 327 -22.83 -43.98 4.73
C ARG C 327 -22.59 -43.55 3.28
N LEU C 328 -23.65 -43.20 2.55
CA LEU C 328 -23.56 -42.58 1.21
C LEU C 328 -22.86 -41.22 1.33
N GLY C 329 -21.80 -41.00 0.54
CA GLY C 329 -21.04 -39.74 0.52
C GLY C 329 -19.66 -39.91 1.15
N ARG C 330 -19.44 -41.07 1.78
CA ARG C 330 -18.16 -41.49 2.42
C ARG C 330 -17.03 -41.40 1.38
N ASN C 331 -17.30 -41.73 0.12
CA ASN C 331 -16.30 -41.81 -0.97
C ASN C 331 -16.43 -40.59 -1.89
N GLY C 332 -17.05 -39.51 -1.42
CA GLY C 332 -17.21 -38.27 -2.20
C GLY C 332 -18.64 -38.03 -2.64
N VAL C 333 -18.94 -36.78 -2.97
CA VAL C 333 -20.30 -36.27 -3.31
C VAL C 333 -20.75 -36.87 -4.66
N GLU C 334 -19.82 -37.39 -5.46
CA GLU C 334 -20.14 -37.99 -6.80
C GLU C 334 -21.20 -39.08 -6.65
N GLU C 335 -21.09 -39.98 -5.65
CA GLU C 335 -22.05 -41.12 -5.50
C GLU C 335 -23.42 -40.60 -5.00
N ILE C 336 -23.47 -39.44 -4.35
CA ILE C 336 -24.77 -38.78 -4.00
C ILE C 336 -25.45 -38.28 -5.28
N ARG C 337 -24.72 -37.55 -6.12
CA ARG C 337 -25.24 -36.94 -7.38
C ARG C 337 -25.79 -38.04 -8.31
N GLN C 338 -25.21 -39.24 -8.28
CA GLN C 338 -25.56 -40.36 -9.19
C GLN C 338 -26.73 -41.18 -8.61
N HIS C 339 -27.24 -40.82 -7.44
CA HIS C 339 -28.37 -41.56 -6.82
C HIS C 339 -29.60 -41.37 -7.69
N PRO C 340 -30.33 -42.46 -8.02
CA PRO C 340 -31.50 -42.37 -8.90
C PRO C 340 -32.64 -41.45 -8.41
N PHE C 341 -32.68 -41.08 -7.13
CA PHE C 341 -33.70 -40.16 -6.57
C PHE C 341 -33.67 -38.83 -7.31
N PHE C 342 -32.49 -38.43 -7.81
CA PHE C 342 -32.23 -37.07 -8.36
C PHE C 342 -32.49 -37.03 -9.87
N LYS C 343 -32.75 -38.17 -10.53
CA LYS C 343 -33.18 -38.22 -11.95
C LYS C 343 -34.45 -37.37 -12.10
N ASN C 344 -34.44 -36.41 -13.03
CA ASN C 344 -35.56 -35.44 -13.21
C ASN C 344 -35.46 -34.79 -14.60
N ASP C 345 -36.51 -34.06 -15.01
CA ASP C 345 -36.61 -33.38 -16.33
C ASP C 345 -36.34 -31.87 -16.19
N GLN C 346 -36.33 -31.32 -14.97
CA GLN C 346 -36.37 -29.85 -14.73
C GLN C 346 -34.95 -29.27 -14.74
N TRP C 347 -33.96 -29.97 -14.17
CA TRP C 347 -32.61 -29.40 -13.89
C TRP C 347 -31.50 -30.46 -13.98
N HIS C 348 -30.28 -30.02 -14.31
CA HIS C 348 -29.00 -30.77 -14.16
C HIS C 348 -28.22 -30.21 -12.96
N TRP C 349 -27.23 -30.95 -12.47
CA TRP C 349 -26.40 -30.55 -11.30
C TRP C 349 -25.62 -29.28 -11.63
N ASP C 350 -25.23 -29.09 -12.90
CA ASP C 350 -24.33 -27.97 -13.29
C ASP C 350 -25.16 -26.71 -13.61
N ASN C 351 -26.50 -26.75 -13.60
CA ASN C 351 -27.37 -25.59 -13.98
C ASN C 351 -28.55 -25.38 -13.01
N ILE C 352 -28.68 -26.18 -11.95
CA ILE C 352 -29.88 -26.17 -11.05
C ILE C 352 -30.21 -24.73 -10.61
N ARG C 353 -29.20 -23.91 -10.28
CA ARG C 353 -29.43 -22.59 -9.61
C ARG C 353 -29.97 -21.56 -10.61
N GLU C 354 -30.06 -21.89 -11.90
CA GLU C 354 -30.62 -20.97 -12.93
C GLU C 354 -31.91 -21.55 -13.52
N THR C 355 -32.42 -22.66 -12.98
CA THR C 355 -33.77 -23.18 -13.30
C THR C 355 -34.80 -22.56 -12.35
N ALA C 356 -36.08 -22.73 -12.64
CA ALA C 356 -37.20 -22.21 -11.84
C ALA C 356 -37.28 -23.01 -10.54
N ALA C 357 -37.15 -22.31 -9.41
CA ALA C 357 -37.36 -22.88 -8.05
C ALA C 357 -38.83 -23.25 -7.90
N PRO C 358 -39.16 -24.26 -7.08
CA PRO C 358 -40.56 -24.63 -6.82
C PRO C 358 -41.43 -23.52 -6.21
N VAL C 359 -40.85 -22.66 -5.39
CA VAL C 359 -41.56 -21.51 -4.75
C VAL C 359 -40.75 -20.23 -5.01
N VAL C 360 -41.24 -19.40 -5.93
CA VAL C 360 -40.70 -18.05 -6.21
C VAL C 360 -41.47 -17.07 -5.35
N PRO C 361 -40.84 -16.41 -4.36
CA PRO C 361 -41.57 -15.52 -3.46
C PRO C 361 -42.17 -14.33 -4.22
N GLU C 362 -43.39 -13.94 -3.86
CA GLU C 362 -44.10 -12.74 -4.37
C GLU C 362 -43.80 -11.59 -3.41
N LEU C 363 -42.97 -10.64 -3.84
CA LEU C 363 -42.52 -9.49 -3.01
C LEU C 363 -43.09 -8.19 -3.60
N SER C 364 -43.55 -7.29 -2.74
CA SER C 364 -44.18 -6.00 -3.12
C SER C 364 -43.12 -4.90 -3.24
N SER C 365 -42.04 -4.99 -2.46
CA SER C 365 -40.94 -3.98 -2.40
C SER C 365 -39.66 -4.61 -1.86
N ASP C 366 -38.60 -3.81 -1.71
CA ASP C 366 -37.25 -4.27 -1.29
C ASP C 366 -37.19 -4.47 0.23
N ILE C 367 -38.25 -4.06 0.96
CA ILE C 367 -38.37 -4.23 2.44
C ILE C 367 -39.56 -5.15 2.80
N ASP C 368 -40.18 -5.81 1.82
CA ASP C 368 -41.19 -6.88 2.06
C ASP C 368 -40.52 -7.98 2.90
N SER C 369 -41.06 -8.25 4.10
CA SER C 369 -40.55 -9.28 5.04
C SER C 369 -41.67 -10.27 5.42
N SER C 370 -42.61 -10.50 4.49
CA SER C 370 -43.85 -11.30 4.73
C SER C 370 -43.53 -12.80 4.84
N ASN C 371 -42.32 -13.25 4.49
CA ASN C 371 -41.90 -14.67 4.63
C ASN C 371 -41.15 -14.86 5.95
N PHE C 372 -41.18 -13.84 6.83
CA PHE C 372 -40.70 -13.94 8.24
C PHE C 372 -41.87 -13.64 9.18
N ASP C 373 -42.01 -14.44 10.23
CA ASP C 373 -42.99 -14.23 11.32
C ASP C 373 -42.62 -12.94 12.08
N ASP C 374 -43.60 -12.27 12.67
CA ASP C 374 -43.40 -11.12 13.60
C ASP C 374 -42.63 -11.56 14.84
N ILE C 375 -42.07 -10.60 15.59
CA ILE C 375 -41.18 -10.83 16.77
C ILE C 375 -41.40 -9.69 17.77
N GLU C 376 -41.29 -9.97 19.08
CA GLU C 376 -41.59 -9.04 20.20
C GLU C 376 -40.40 -8.12 20.47
N VAL C 382 -31.58 -3.46 28.53
CA VAL C 382 -31.29 -4.20 29.80
C VAL C 382 -29.97 -4.97 29.63
N GLU C 383 -29.07 -4.88 30.63
CA GLU C 383 -27.87 -5.72 30.86
C GLU C 383 -26.66 -5.16 30.09
N THR C 384 -25.49 -5.17 30.72
CA THR C 384 -24.33 -4.26 30.46
C THR C 384 -23.20 -4.63 31.45
N PHE C 385 -21.94 -4.33 31.11
CA PHE C 385 -20.75 -4.73 31.89
C PHE C 385 -20.64 -3.85 33.13
N PRO C 386 -20.29 -4.42 34.32
CA PRO C 386 -19.94 -3.59 35.47
C PRO C 386 -18.64 -2.83 35.16
N ILE C 387 -18.46 -1.66 35.78
CA ILE C 387 -17.16 -0.94 35.85
C ILE C 387 -16.18 -1.83 36.62
N PRO C 388 -15.08 -2.31 35.99
CA PRO C 388 -14.14 -3.19 36.68
C PRO C 388 -13.24 -2.43 37.66
N LYS C 389 -12.76 -3.11 38.72
CA LYS C 389 -11.80 -2.57 39.73
C LYS C 389 -10.38 -2.97 39.34
N ALA C 390 -10.25 -4.03 38.53
CA ALA C 390 -8.98 -4.55 37.96
C ALA C 390 -9.22 -4.94 36.50
N PHE C 391 -8.17 -4.92 35.67
CA PHE C 391 -8.23 -5.28 34.23
C PHE C 391 -8.92 -6.64 34.07
N VAL C 392 -9.94 -6.72 33.21
CA VAL C 392 -10.68 -7.99 32.92
C VAL C 392 -10.72 -8.25 31.40
N GLY C 393 -10.50 -7.22 30.58
CA GLY C 393 -10.34 -7.33 29.11
C GLY C 393 -11.57 -7.93 28.42
N ASN C 394 -12.75 -7.34 28.62
CA ASN C 394 -14.03 -7.83 28.04
C ASN C 394 -14.06 -7.58 26.52
N GLN C 395 -13.23 -6.66 26.01
CA GLN C 395 -13.20 -6.29 24.56
C GLN C 395 -12.16 -7.14 23.81
N LEU C 396 -11.28 -7.88 24.52
CA LEU C 396 -10.15 -8.64 23.91
C LEU C 396 -10.67 -9.72 22.97
N PRO C 397 -11.76 -10.45 23.29
CA PRO C 397 -12.19 -11.55 22.41
C PRO C 397 -12.63 -11.13 21.00
N PHE C 398 -12.80 -9.82 20.76
CA PHE C 398 -13.50 -9.26 19.58
C PHE C 398 -12.52 -8.49 18.68
N ILE C 399 -11.26 -8.43 19.08
CA ILE C 399 -10.15 -7.83 18.27
C ILE C 399 -10.03 -8.65 16.98
N GLY C 400 -10.20 -7.98 15.83
CA GLY C 400 -10.07 -8.60 14.50
C GLY C 400 -11.41 -8.86 13.85
N PHE C 401 -12.51 -8.51 14.49
CA PHE C 401 -13.87 -8.76 13.95
C PHE C 401 -14.16 -7.79 12.82
N THR C 402 -13.78 -6.52 12.97
CA THR C 402 -14.14 -5.46 11.99
C THR C 402 -13.71 -5.90 10.59
N TYR C 403 -14.58 -5.72 9.60
CA TYR C 403 -14.31 -6.04 8.17
C TYR C 403 -15.16 -5.14 7.26
N TYR C 404 -14.54 -4.52 6.25
CA TYR C 404 -15.20 -3.75 5.17
C TYR C 404 -14.88 -4.37 3.81
N ARG C 405 -15.93 -4.79 3.10
CA ARG C 405 -15.94 -5.45 1.77
C ARG C 405 -14.70 -5.08 0.95
N PRO D 6 -8.58 -28.20 2.14
CA PRO D 6 -8.10 -26.81 2.36
C PRO D 6 -8.75 -25.80 1.41
N GLY D 7 -8.86 -24.53 1.82
CA GLY D 7 -9.30 -23.42 0.95
C GLY D 7 -9.73 -22.18 1.72
N ASP D 8 -10.79 -21.52 1.22
CA ASP D 8 -11.59 -20.48 1.93
C ASP D 8 -11.14 -19.08 1.49
N GLY D 9 -11.66 -18.60 0.36
CA GLY D 9 -11.16 -17.41 -0.36
C GLY D 9 -10.07 -17.75 -1.38
N ALA D 10 -9.78 -19.04 -1.55
CA ALA D 10 -8.93 -19.60 -2.62
C ALA D 10 -9.69 -19.52 -3.96
N GLY D 11 -8.97 -19.23 -5.03
CA GLY D 11 -9.50 -19.08 -6.41
C GLY D 11 -8.50 -18.32 -7.25
N ALA D 12 -8.82 -18.03 -8.51
CA ALA D 12 -7.98 -17.22 -9.44
C ALA D 12 -7.76 -15.80 -8.89
N SER D 13 -7.09 -15.70 -7.73
CA SER D 13 -6.67 -14.42 -7.11
C SER D 13 -5.40 -13.92 -7.78
N ARG D 14 -5.56 -13.13 -8.84
CA ARG D 14 -4.46 -12.48 -9.60
C ARG D 14 -4.39 -11.00 -9.19
N GLN D 15 -5.43 -10.46 -8.54
CA GLN D 15 -5.43 -9.11 -7.91
C GLN D 15 -4.25 -9.00 -6.94
N ARG D 16 -3.90 -10.11 -6.28
CA ARG D 16 -2.85 -10.17 -5.25
C ARG D 16 -1.47 -10.23 -5.93
N LYS D 17 -1.34 -11.04 -6.98
CA LYS D 17 -0.10 -11.19 -7.79
C LYS D 17 0.25 -9.87 -8.45
N LEU D 18 -0.76 -9.11 -8.89
CA LEU D 18 -0.61 -7.79 -9.58
C LEU D 18 -0.19 -6.72 -8.57
N GLU D 19 -0.88 -6.65 -7.42
CA GLU D 19 -0.58 -5.69 -6.31
C GLU D 19 0.91 -5.83 -5.90
N ALA D 20 1.40 -7.07 -5.93
CA ALA D 20 2.77 -7.47 -5.55
C ALA D 20 3.77 -6.91 -6.57
N LEU D 21 3.51 -7.11 -7.87
CA LEU D 21 4.33 -6.56 -9.00
C LEU D 21 4.46 -5.04 -8.88
N ILE D 22 3.36 -4.34 -8.63
CA ILE D 22 3.30 -2.85 -8.57
C ILE D 22 4.07 -2.32 -7.34
N ARG D 23 4.14 -3.09 -6.26
CA ARG D 23 4.71 -2.61 -4.95
C ARG D 23 6.22 -2.90 -4.90
N ASP D 24 6.70 -3.82 -5.72
CA ASP D 24 8.10 -4.29 -5.76
C ASP D 24 8.97 -3.18 -6.33
N PRO D 25 10.01 -2.70 -5.59
CA PRO D 25 10.89 -1.64 -6.10
C PRO D 25 11.79 -2.07 -7.28
N ARG D 26 12.06 -3.38 -7.41
CA ARG D 26 12.91 -4.01 -8.44
C ARG D 26 12.08 -4.35 -9.70
N SER D 27 10.77 -4.08 -9.69
CA SER D 27 9.83 -4.39 -10.80
C SER D 27 9.82 -3.27 -11.82
N PRO D 28 9.73 -3.58 -13.13
CA PRO D 28 9.64 -2.54 -14.16
C PRO D 28 8.32 -1.74 -14.13
N ILE D 29 7.29 -2.24 -13.44
CA ILE D 29 5.97 -1.55 -13.36
C ILE D 29 5.66 -1.17 -11.90
N ASN D 30 6.63 -0.71 -11.12
CA ASN D 30 6.36 -0.03 -9.83
C ASN D 30 5.66 1.31 -10.13
N VAL D 31 5.30 2.06 -9.10
CA VAL D 31 4.51 3.32 -9.27
C VAL D 31 5.39 4.40 -9.89
N GLU D 32 6.66 4.52 -9.49
CA GLU D 32 7.59 5.55 -10.03
C GLU D 32 7.72 5.38 -11.55
N SER D 33 7.75 4.13 -12.01
CA SER D 33 7.94 3.74 -13.43
C SER D 33 6.69 4.11 -14.22
N LEU D 34 5.51 3.84 -13.67
CA LEU D 34 4.23 4.20 -14.32
C LEU D 34 4.10 5.73 -14.37
N LEU D 35 4.58 6.46 -13.38
CA LEU D 35 4.62 7.96 -13.39
C LEU D 35 5.64 8.45 -14.44
N ASP D 36 6.84 7.87 -14.49
CA ASP D 36 7.84 8.14 -15.55
C ASP D 36 7.17 7.98 -16.92
N GLY D 37 6.36 6.93 -17.06
CA GLY D 37 5.63 6.57 -18.29
C GLY D 37 4.70 7.68 -18.72
N LEU D 38 3.94 8.25 -17.79
CA LEU D 38 2.95 9.30 -18.06
C LEU D 38 3.70 10.60 -18.35
N ASN D 39 4.72 10.91 -17.55
CA ASN D 39 5.56 12.13 -17.73
C ASN D 39 6.18 12.10 -19.14
N SER D 40 6.76 10.96 -19.53
CA SER D 40 7.52 10.78 -20.79
C SER D 40 6.57 10.91 -21.99
N LEU D 41 5.38 10.32 -21.89
CA LEU D 41 4.35 10.34 -22.96
C LEU D 41 3.93 11.80 -23.21
N VAL D 42 3.80 12.60 -22.16
CA VAL D 42 3.35 14.01 -22.25
C VAL D 42 4.47 14.86 -22.86
N LEU D 43 5.73 14.66 -22.43
CA LEU D 43 6.91 15.38 -22.99
C LEU D 43 7.05 15.11 -24.50
N ASP D 44 6.72 13.90 -24.95
CA ASP D 44 6.98 13.46 -26.34
C ASP D 44 5.79 13.77 -27.24
N LEU D 45 4.67 14.23 -26.68
CA LEU D 45 3.43 14.56 -27.43
C LEU D 45 3.21 16.08 -27.45
N ASP D 46 3.64 16.83 -26.43
CA ASP D 46 3.33 18.28 -26.32
C ASP D 46 4.28 19.07 -27.22
N PHE D 47 4.02 19.03 -28.52
CA PHE D 47 4.65 19.89 -29.56
C PHE D 47 3.54 20.33 -30.51
N PRO D 48 3.58 21.59 -31.01
CA PRO D 48 2.44 22.16 -31.77
C PRO D 48 1.95 21.28 -32.92
N ALA D 49 2.86 20.62 -33.64
CA ALA D 49 2.54 19.81 -34.85
C ALA D 49 1.75 18.55 -34.47
N LEU D 50 2.17 17.84 -33.43
CA LEU D 50 1.54 16.57 -32.96
C LEU D 50 0.12 16.87 -32.45
N ARG D 51 -0.07 18.04 -31.83
CA ARG D 51 -1.34 18.45 -31.17
C ARG D 51 -2.45 18.73 -32.21
N LYS D 52 -2.16 18.70 -33.51
CA LYS D 52 -3.21 18.84 -34.56
C LYS D 52 -3.97 17.52 -34.70
N ASN D 53 -3.40 16.45 -34.14
CA ASN D 53 -4.05 15.11 -33.93
C ASN D 53 -5.00 15.23 -32.72
N LYS D 54 -6.30 15.10 -32.94
CA LYS D 54 -7.35 15.30 -31.90
C LYS D 54 -7.11 14.36 -30.71
N ASN D 55 -6.81 13.09 -30.98
CA ASN D 55 -6.49 12.06 -29.95
C ASN D 55 -5.39 12.59 -29.00
N ILE D 56 -4.36 13.23 -29.54
CA ILE D 56 -3.22 13.74 -28.74
C ILE D 56 -3.65 14.99 -27.98
N ASP D 57 -4.32 15.93 -28.65
CA ASP D 57 -4.76 17.21 -28.03
C ASP D 57 -5.70 16.90 -26.84
N ASN D 58 -6.66 16.00 -27.03
CA ASN D 58 -7.67 15.64 -26.01
C ASN D 58 -6.96 15.00 -24.82
N PHE D 59 -6.00 14.10 -25.05
CA PHE D 59 -5.21 13.42 -24.00
C PHE D 59 -4.41 14.45 -23.20
N LEU D 60 -3.72 15.38 -23.88
CA LEU D 60 -2.85 16.40 -23.24
C LEU D 60 -3.73 17.39 -22.45
N ASN D 61 -4.88 17.79 -22.98
CA ASN D 61 -5.88 18.63 -22.26
C ASN D 61 -6.23 17.96 -20.92
N ARG D 62 -6.39 16.64 -20.92
CA ARG D 62 -6.85 15.87 -19.73
C ARG D 62 -5.71 15.70 -18.71
N TYR D 63 -4.44 15.61 -19.12
CA TYR D 63 -3.33 15.15 -18.25
C TYR D 63 -2.19 16.18 -18.10
N GLU D 64 -2.09 17.21 -18.94
CA GLU D 64 -0.88 18.08 -18.95
C GLU D 64 -0.77 18.82 -17.62
N LYS D 65 -1.90 19.25 -17.03
CA LYS D 65 -1.93 20.11 -15.81
C LYS D 65 -1.38 19.32 -14.62
N ILE D 66 -1.99 18.18 -14.32
CA ILE D 66 -1.65 17.27 -13.19
C ILE D 66 -0.21 16.75 -13.35
N VAL D 67 0.25 16.55 -14.58
CA VAL D 67 1.59 16.00 -14.88
C VAL D 67 2.65 17.07 -14.56
N LYS D 68 2.38 18.34 -14.85
CA LYS D 68 3.30 19.48 -14.53
C LYS D 68 3.36 19.67 -13.02
N LYS D 69 2.23 19.48 -12.32
CA LYS D 69 2.16 19.56 -10.83
C LYS D 69 3.06 18.48 -10.24
N ILE D 70 2.90 17.22 -10.66
CA ILE D 70 3.69 16.05 -10.20
C ILE D 70 5.19 16.32 -10.38
N ARG D 71 5.57 16.81 -11.57
CA ARG D 71 6.96 17.13 -11.96
C ARG D 71 7.56 18.13 -10.95
N GLY D 72 6.73 19.07 -10.46
CA GLY D 72 7.10 20.05 -9.42
C GLY D 72 7.60 19.39 -8.15
N LEU D 73 7.10 18.20 -7.82
CA LEU D 73 7.44 17.44 -6.58
C LEU D 73 8.73 16.63 -6.79
N GLN D 74 9.03 16.22 -8.02
CA GLN D 74 10.21 15.40 -8.39
C GLN D 74 11.51 16.10 -7.97
N MET D 75 12.47 15.30 -7.49
CA MET D 75 13.86 15.73 -7.20
C MET D 75 14.46 16.34 -8.47
N LYS D 76 15.26 17.39 -8.32
CA LYS D 76 15.83 18.24 -9.40
C LYS D 76 17.31 18.47 -9.14
N ALA D 77 18.07 18.85 -10.17
CA ALA D 77 19.48 19.27 -10.06
C ALA D 77 19.60 20.49 -9.14
N GLU D 78 18.62 21.40 -9.18
CA GLU D 78 18.60 22.67 -8.41
C GLU D 78 18.58 22.39 -6.90
N ASP D 79 18.21 21.16 -6.48
CA ASP D 79 18.20 20.72 -5.05
C ASP D 79 19.63 20.46 -4.54
N TYR D 80 20.63 20.44 -5.43
CA TYR D 80 22.05 20.16 -5.10
C TYR D 80 22.91 21.38 -5.40
N ASP D 81 23.90 21.65 -4.55
CA ASP D 81 25.00 22.61 -4.81
C ASP D 81 26.16 21.83 -5.45
N VAL D 82 26.58 22.21 -6.64
CA VAL D 82 27.78 21.61 -7.29
C VAL D 82 29.03 22.17 -6.60
N VAL D 83 29.73 21.34 -5.84
CA VAL D 83 30.98 21.73 -5.15
C VAL D 83 32.14 21.71 -6.16
N LYS D 84 32.23 20.66 -6.97
CA LYS D 84 33.36 20.46 -7.90
C LYS D 84 33.07 19.31 -8.87
N VAL D 85 33.53 19.42 -10.10
CA VAL D 85 33.53 18.32 -11.12
C VAL D 85 34.73 17.42 -10.83
N ILE D 86 34.51 16.11 -10.64
CA ILE D 86 35.57 15.13 -10.27
C ILE D 86 35.72 14.04 -11.34
N GLY D 87 34.98 14.13 -12.44
CA GLY D 87 35.07 13.16 -13.55
C GLY D 87 34.28 13.65 -14.75
N ARG D 88 34.67 13.20 -15.94
CA ARG D 88 33.91 13.43 -17.19
C ARG D 88 33.92 12.14 -18.00
N GLY D 89 32.78 11.44 -18.06
CA GLY D 89 32.50 10.37 -19.03
C GLY D 89 32.13 10.92 -20.40
N ALA D 90 31.76 10.04 -21.33
CA ALA D 90 31.39 10.38 -22.72
C ALA D 90 29.97 10.98 -22.75
N PHE D 91 29.15 10.67 -21.74
CA PHE D 91 27.71 11.03 -21.69
C PHE D 91 27.49 12.17 -20.69
N GLY D 92 28.51 12.59 -19.94
CA GLY D 92 28.40 13.74 -19.03
C GLY D 92 29.39 13.66 -17.88
N GLU D 93 29.29 14.59 -16.93
CA GLU D 93 30.32 14.73 -15.87
C GLU D 93 29.83 14.02 -14.61
N VAL D 94 30.78 13.69 -13.73
CA VAL D 94 30.53 13.28 -12.33
C VAL D 94 30.89 14.47 -11.44
N GLN D 95 29.96 14.85 -10.55
CA GLN D 95 30.00 16.10 -9.75
C GLN D 95 29.99 15.71 -8.28
N LEU D 96 30.90 16.29 -7.49
CA LEU D 96 30.79 16.33 -6.02
C LEU D 96 29.72 17.35 -5.67
N VAL D 97 28.62 16.92 -5.08
CA VAL D 97 27.45 17.79 -4.78
C VAL D 97 27.15 17.72 -3.29
N ARG D 98 26.44 18.73 -2.79
CA ARG D 98 25.87 18.75 -1.43
C ARG D 98 24.38 19.04 -1.59
N HIS D 99 23.54 18.14 -1.10
CA HIS D 99 22.07 18.31 -1.03
C HIS D 99 21.78 19.50 -0.10
N LYS D 100 21.07 20.51 -0.59
CA LYS D 100 20.86 21.79 0.13
C LYS D 100 20.10 21.56 1.43
N ALA D 101 19.01 20.78 1.40
CA ALA D 101 18.10 20.58 2.55
C ALA D 101 18.78 19.73 3.65
N SER D 102 19.54 18.70 3.29
CA SER D 102 20.14 17.75 4.26
C SER D 102 21.61 18.08 4.56
N GLN D 103 22.25 18.89 3.70
CA GLN D 103 23.69 19.27 3.79
C GLN D 103 24.60 18.04 3.63
N LYS D 104 24.08 16.92 3.12
CA LYS D 104 24.85 15.67 2.92
C LYS D 104 25.58 15.73 1.58
N VAL D 105 26.76 15.12 1.52
CA VAL D 105 27.66 15.11 0.33
C VAL D 105 27.48 13.80 -0.43
N TYR D 106 27.39 13.89 -1.76
CA TYR D 106 27.27 12.75 -2.69
C TYR D 106 28.11 13.00 -3.94
N ALA D 107 28.35 11.94 -4.71
CA ALA D 107 28.79 12.05 -6.13
C ALA D 107 27.57 11.88 -7.02
N MET D 108 27.37 12.80 -7.96
CA MET D 108 26.23 12.79 -8.89
C MET D 108 26.76 12.62 -10.32
N LYS D 109 26.36 11.53 -10.98
CA LYS D 109 26.69 11.24 -12.39
C LYS D 109 25.56 11.77 -13.28
N LEU D 110 25.89 12.59 -14.27
CA LEU D 110 24.95 13.10 -15.31
C LEU D 110 25.15 12.28 -16.58
N LEU D 111 24.06 11.77 -17.17
CA LEU D 111 24.08 11.16 -18.53
C LEU D 111 23.17 11.98 -19.45
N SER D 112 23.73 12.53 -20.52
CA SER D 112 23.02 13.35 -21.53
C SER D 112 22.08 12.44 -22.33
N LYS D 113 20.78 12.66 -22.26
CA LYS D 113 19.79 11.92 -23.09
C LYS D 113 20.10 12.12 -24.57
N PHE D 114 20.49 13.34 -24.99
CA PHE D 114 20.79 13.67 -26.40
C PHE D 114 21.97 12.82 -26.91
N GLU D 115 23.03 12.75 -26.10
CA GLU D 115 24.29 12.04 -26.49
C GLU D 115 24.03 10.54 -26.54
N MET D 116 23.18 10.00 -25.66
CA MET D 116 22.85 8.55 -25.61
C MET D 116 22.01 8.16 -26.84
N ILE D 117 21.08 9.02 -27.26
CA ILE D 117 20.22 8.78 -28.46
C ILE D 117 21.09 8.89 -29.72
N LYS D 118 21.87 9.98 -29.83
CA LYS D 118 22.78 10.25 -30.98
C LYS D 118 23.68 9.03 -31.25
N ARG D 119 24.19 8.37 -30.22
CA ARG D 119 25.16 7.24 -30.33
C ARG D 119 24.48 5.87 -30.18
N SER D 120 23.17 5.77 -30.43
CA SER D 120 22.36 4.52 -30.36
C SER D 120 22.78 3.68 -29.15
N ASP D 121 23.02 4.32 -28.01
CA ASP D 121 23.60 3.70 -26.78
C ASP D 121 22.80 4.18 -25.57
N SER D 122 21.53 3.79 -25.45
CA SER D 122 20.57 4.38 -24.48
C SER D 122 19.91 3.30 -23.59
N ALA D 123 20.63 2.20 -23.29
CA ALA D 123 20.10 1.07 -22.50
C ALA D 123 21.20 0.39 -21.66
N PHE D 124 22.38 0.98 -21.52
CA PHE D 124 23.55 0.36 -20.85
C PHE D 124 23.44 0.53 -19.34
N PHE D 125 22.66 1.51 -18.90
CA PHE D 125 22.60 2.00 -17.51
C PHE D 125 21.66 1.14 -16.65
N TRP D 126 20.89 0.22 -17.23
CA TRP D 126 19.86 -0.53 -16.45
C TRP D 126 20.50 -1.42 -15.36
N GLU D 127 21.52 -2.20 -15.70
CA GLU D 127 22.17 -3.13 -14.73
C GLU D 127 22.92 -2.31 -13.69
N GLU D 128 23.55 -1.21 -14.10
CA GLU D 128 24.25 -0.27 -13.21
C GLU D 128 23.27 0.23 -12.13
N ARG D 129 22.08 0.65 -12.54
CA ARG D 129 21.02 1.15 -11.63
C ARG D 129 20.66 0.05 -10.65
N ASP D 130 20.40 -1.15 -11.15
CA ASP D 130 19.90 -2.31 -10.36
C ASP D 130 20.97 -2.73 -9.33
N ILE D 131 22.23 -2.84 -9.75
CA ILE D 131 23.37 -3.28 -8.87
C ILE D 131 23.56 -2.24 -7.76
N MET D 132 23.63 -0.96 -8.11
CA MET D 132 23.96 0.12 -7.16
C MET D 132 22.78 0.39 -6.24
N ALA D 133 21.56 0.16 -6.70
CA ALA D 133 20.33 0.35 -5.90
C ALA D 133 20.16 -0.79 -4.89
N PHE D 134 20.38 -2.04 -5.29
CA PHE D 134 19.86 -3.24 -4.59
C PHE D 134 20.97 -4.21 -4.16
N ALA D 135 22.22 -4.04 -4.62
CA ALA D 135 23.35 -4.93 -4.22
C ALA D 135 23.39 -5.04 -2.68
N ASN D 136 23.37 -3.90 -2.00
CA ASN D 136 23.51 -3.80 -0.52
C ASN D 136 24.75 -4.60 -0.10
N SER D 137 25.89 -4.32 -0.75
CA SER D 137 27.19 -4.99 -0.54
C SER D 137 28.26 -3.96 -0.22
N PRO D 138 29.19 -4.25 0.72
CA PRO D 138 30.29 -3.33 0.99
C PRO D 138 31.22 -3.13 -0.23
N TRP D 139 31.12 -3.99 -1.25
CA TRP D 139 32.03 -4.01 -2.43
C TRP D 139 31.45 -3.19 -3.61
N VAL D 140 30.24 -2.65 -3.46
CA VAL D 140 29.48 -1.99 -4.56
C VAL D 140 29.08 -0.58 -4.11
N VAL D 141 29.45 0.44 -4.88
CA VAL D 141 29.02 1.84 -4.61
C VAL D 141 27.49 1.88 -4.60
N GLN D 142 26.95 2.58 -3.62
CA GLN D 142 25.50 2.63 -3.31
C GLN D 142 24.81 3.75 -4.08
N LEU D 143 23.66 3.48 -4.70
CA LEU D 143 22.77 4.50 -5.31
C LEU D 143 21.73 4.94 -4.28
N PHE D 144 21.60 6.24 -4.02
CA PHE D 144 20.60 6.80 -3.07
C PHE D 144 19.39 7.29 -3.85
N TYR D 145 19.63 8.08 -4.91
CA TYR D 145 18.59 8.61 -5.80
C TYR D 145 19.02 8.49 -7.26
N ALA D 146 18.06 8.13 -8.11
CA ALA D 146 18.11 8.28 -9.58
C ALA D 146 16.89 9.07 -10.03
N PHE D 147 17.10 10.17 -10.72
CA PHE D 147 16.01 11.03 -11.25
C PHE D 147 16.41 11.51 -12.64
N GLN D 148 15.50 12.19 -13.30
CA GLN D 148 15.69 12.66 -14.69
C GLN D 148 14.92 13.95 -14.90
N ASP D 149 15.43 14.82 -15.77
CA ASP D 149 14.67 15.91 -16.42
C ASP D 149 14.71 15.62 -17.93
N ASP D 150 14.21 16.54 -18.76
CA ASP D 150 14.05 16.33 -20.21
C ASP D 150 15.42 16.13 -20.87
N ARG D 151 16.51 16.57 -20.24
CA ARG D 151 17.86 16.62 -20.85
C ARG D 151 18.80 15.55 -20.28
N TYR D 152 18.71 15.21 -18.99
CA TYR D 152 19.73 14.40 -18.26
C TYR D 152 19.08 13.29 -17.41
N LEU D 153 19.76 12.14 -17.34
CA LEU D 153 19.64 11.19 -16.21
C LEU D 153 20.62 11.63 -15.13
N TYR D 154 20.22 11.52 -13.86
CA TYR D 154 21.08 11.81 -12.69
C TYR D 154 21.12 10.58 -11.79
N MET D 155 22.32 10.18 -11.37
CA MET D 155 22.52 9.12 -10.35
C MET D 155 23.31 9.71 -9.18
N VAL D 156 22.70 9.74 -8.00
CA VAL D 156 23.30 10.26 -6.74
C VAL D 156 23.82 9.06 -5.94
N MET D 157 25.14 8.97 -5.78
CA MET D 157 25.85 7.79 -5.22
C MET D 157 26.63 8.21 -3.97
N GLU D 158 27.11 7.27 -3.16
CA GLU D 158 28.05 7.60 -2.05
C GLU D 158 29.34 8.11 -2.71
N TYR D 159 29.84 9.24 -2.22
CA TYR D 159 31.12 9.85 -2.61
C TYR D 159 32.25 8.94 -2.10
N MET D 160 33.24 8.68 -2.94
CA MET D 160 34.39 7.80 -2.64
C MET D 160 35.65 8.64 -2.63
N PRO D 161 36.01 9.27 -1.49
CA PRO D 161 37.02 10.33 -1.47
C PRO D 161 38.47 9.81 -1.62
N GLY D 162 38.66 8.50 -1.61
CA GLY D 162 40.00 7.89 -1.79
C GLY D 162 40.49 7.98 -3.23
N GLY D 163 39.61 8.28 -4.17
CA GLY D 163 39.92 8.32 -5.62
C GLY D 163 39.95 6.94 -6.23
N ASP D 164 40.41 6.80 -7.47
CA ASP D 164 40.48 5.48 -8.16
C ASP D 164 41.90 4.92 -8.08
N LEU D 165 42.07 3.69 -8.53
CA LEU D 165 43.35 2.96 -8.44
C LEU D 165 44.31 3.39 -9.55
N VAL D 166 43.80 4.05 -10.60
CA VAL D 166 44.66 4.73 -11.62
C VAL D 166 45.49 5.78 -10.89
N ASN D 167 44.83 6.60 -10.08
CA ASN D 167 45.46 7.73 -9.36
C ASN D 167 46.47 7.19 -8.33
N LEU D 168 46.14 6.09 -7.66
CA LEU D 168 47.02 5.47 -6.65
C LEU D 168 48.27 4.95 -7.35
N MET D 169 48.10 4.20 -8.43
CA MET D 169 49.20 3.49 -9.14
C MET D 169 50.19 4.50 -9.71
N SER D 170 49.73 5.70 -10.07
CA SER D 170 50.57 6.77 -10.66
C SER D 170 51.17 7.70 -9.58
N ASN D 171 50.87 7.46 -8.31
CA ASN D 171 51.38 8.27 -7.17
C ASN D 171 52.29 7.43 -6.27
N TYR D 172 52.33 6.12 -6.44
CA TYR D 172 53.10 5.17 -5.59
C TYR D 172 53.74 4.09 -6.45
N ASP D 173 54.95 3.66 -6.06
CA ASP D 173 55.54 2.36 -6.46
C ASP D 173 54.85 1.28 -5.64
N VAL D 174 54.07 0.40 -6.27
CA VAL D 174 53.21 -0.59 -5.59
C VAL D 174 54.01 -1.86 -5.30
N PRO D 175 54.37 -2.14 -4.03
CA PRO D 175 55.00 -3.42 -3.68
C PRO D 175 53.97 -4.55 -3.69
N GLU D 176 54.45 -5.80 -3.68
CA GLU D 176 53.60 -7.01 -3.75
C GLU D 176 52.62 -7.03 -2.57
N LYS D 177 53.06 -6.65 -1.37
CA LYS D 177 52.23 -6.56 -0.14
C LYS D 177 50.92 -5.81 -0.47
N TRP D 178 51.01 -4.68 -1.16
CA TRP D 178 49.85 -3.83 -1.57
C TRP D 178 49.06 -4.54 -2.67
N ALA D 179 49.76 -5.08 -3.67
CA ALA D 179 49.15 -5.78 -4.82
C ALA D 179 48.28 -6.93 -4.33
N LYS D 180 48.75 -7.69 -3.32
CA LYS D 180 47.98 -8.78 -2.66
C LYS D 180 46.64 -8.22 -2.16
N PHE D 181 46.69 -7.11 -1.45
CA PHE D 181 45.52 -6.50 -0.78
C PHE D 181 44.48 -6.14 -1.84
N TYR D 182 44.86 -5.30 -2.81
CA TYR D 182 43.92 -4.74 -3.82
C TYR D 182 43.39 -5.89 -4.70
N THR D 183 44.24 -6.85 -5.06
CA THR D 183 43.85 -8.01 -5.90
C THR D 183 42.82 -8.85 -5.15
N ALA D 184 43.03 -9.09 -3.86
CA ALA D 184 42.12 -9.88 -3.00
C ALA D 184 40.76 -9.17 -2.91
N GLU D 185 40.78 -7.86 -2.69
CA GLU D 185 39.54 -7.03 -2.58
C GLU D 185 38.81 -7.05 -3.94
N VAL D 186 39.51 -6.94 -5.07
CA VAL D 186 38.90 -7.01 -6.43
C VAL D 186 38.25 -8.39 -6.61
N VAL D 187 38.90 -9.45 -6.17
CA VAL D 187 38.40 -10.85 -6.36
C VAL D 187 37.10 -11.03 -5.54
N LEU D 188 37.05 -10.49 -4.32
CA LEU D 188 35.85 -10.57 -3.45
C LEU D 188 34.72 -9.74 -4.06
N ALA D 189 35.03 -8.56 -4.60
CA ALA D 189 34.05 -7.65 -5.22
C ALA D 189 33.40 -8.37 -6.41
N LEU D 190 34.22 -8.93 -7.31
CA LEU D 190 33.74 -9.65 -8.51
C LEU D 190 32.92 -10.88 -8.09
N ASP D 191 33.33 -11.61 -7.06
CA ASP D 191 32.59 -12.78 -6.56
C ASP D 191 31.20 -12.33 -6.08
N ALA D 192 31.08 -11.13 -5.51
CA ALA D 192 29.81 -10.55 -5.02
C ALA D 192 28.92 -10.27 -6.23
N ILE D 193 29.48 -9.71 -7.30
CA ILE D 193 28.75 -9.40 -8.56
C ILE D 193 28.29 -10.73 -9.19
N HIS D 194 29.17 -11.73 -9.24
CA HIS D 194 28.85 -13.08 -9.78
C HIS D 194 27.70 -13.71 -8.98
N SER D 195 27.67 -13.53 -7.66
CA SER D 195 26.64 -14.09 -6.76
C SER D 195 25.28 -13.44 -7.01
N MET D 196 25.26 -12.22 -7.54
CA MET D 196 24.02 -11.50 -7.94
C MET D 196 23.64 -11.85 -9.40
N GLY D 197 24.31 -12.83 -10.00
CA GLY D 197 23.95 -13.40 -11.30
C GLY D 197 24.46 -12.60 -12.48
N LEU D 198 25.50 -11.79 -12.30
CA LEU D 198 26.04 -10.89 -13.35
C LEU D 198 27.51 -11.20 -13.62
N ILE D 199 27.94 -11.02 -14.86
CA ILE D 199 29.37 -10.95 -15.30
C ILE D 199 29.69 -9.49 -15.59
N HIS D 200 30.84 -8.99 -15.16
CA HIS D 200 31.17 -7.55 -15.15
C HIS D 200 31.63 -7.09 -16.53
N ARG D 201 32.71 -7.68 -17.06
CA ARG D 201 33.20 -7.53 -18.46
C ARG D 201 34.00 -6.23 -18.69
N ASP D 202 34.10 -5.34 -17.71
CA ASP D 202 34.94 -4.11 -17.77
C ASP D 202 35.65 -3.88 -16.44
N VAL D 203 36.31 -4.89 -15.90
CA VAL D 203 37.11 -4.77 -14.65
C VAL D 203 38.40 -4.04 -15.02
N LYS D 204 38.60 -2.82 -14.52
CA LYS D 204 39.82 -2.02 -14.74
C LYS D 204 39.96 -1.02 -13.60
N PRO D 205 41.19 -0.50 -13.38
CA PRO D 205 41.47 0.38 -12.25
C PRO D 205 40.59 1.64 -12.16
N ASP D 206 40.13 2.16 -13.30
CA ASP D 206 39.29 3.39 -13.38
C ASP D 206 37.93 3.15 -12.71
N ASN D 207 37.47 1.89 -12.68
CA ASN D 207 36.15 1.47 -12.14
C ASN D 207 36.28 1.06 -10.67
N MET D 208 37.50 1.02 -10.15
CA MET D 208 37.81 0.65 -8.75
C MET D 208 38.05 1.94 -7.95
N LEU D 209 37.10 2.32 -7.08
CA LEU D 209 37.21 3.52 -6.22
C LEU D 209 37.55 3.09 -4.79
N LEU D 210 38.19 3.98 -4.04
CA LEU D 210 38.62 3.77 -2.63
C LEU D 210 37.76 4.66 -1.74
N ASP D 211 37.28 4.11 -0.62
CA ASP D 211 36.39 4.81 0.34
C ASP D 211 37.24 5.59 1.35
N LYS D 212 36.58 6.16 2.37
CA LYS D 212 37.21 7.04 3.40
C LYS D 212 38.37 6.30 4.11
N HIS D 213 38.36 4.96 4.15
CA HIS D 213 39.33 4.12 4.93
C HIS D 213 40.31 3.41 4.00
N GLY D 214 40.19 3.59 2.69
CA GLY D 214 41.17 3.10 1.69
C GLY D 214 40.78 1.74 1.12
N HIS D 215 39.55 1.29 1.36
CA HIS D 215 39.03 -0.02 0.90
C HIS D 215 38.26 0.16 -0.42
N LEU D 216 38.20 -0.91 -1.21
CA LEU D 216 37.83 -0.88 -2.63
C LEU D 216 36.32 -1.05 -2.77
N LYS D 217 35.71 -0.30 -3.69
CA LYS D 217 34.33 -0.57 -4.18
C LYS D 217 34.35 -0.49 -5.69
N LEU D 218 33.59 -1.35 -6.37
CA LEU D 218 33.36 -1.27 -7.83
C LEU D 218 32.31 -0.18 -8.07
N ALA D 219 32.55 0.68 -9.06
CA ALA D 219 31.85 1.98 -9.22
C ALA D 219 31.14 2.11 -10.57
N ASP D 220 31.40 1.25 -11.54
CA ASP D 220 30.83 1.35 -12.90
C ASP D 220 30.39 -0.06 -13.30
N PHE D 221 29.21 -0.18 -13.92
CA PHE D 221 28.60 -1.48 -14.29
C PHE D 221 27.97 -1.38 -15.68
N GLY D 222 28.57 -0.56 -16.54
CA GLY D 222 28.04 -0.21 -17.88
C GLY D 222 27.95 -1.39 -18.81
N THR D 223 28.84 -2.36 -18.66
CA THR D 223 28.97 -3.54 -19.56
C THR D 223 28.44 -4.81 -18.88
N CYS D 224 27.85 -4.73 -17.69
CA CYS D 224 27.36 -5.92 -16.93
C CYS D 224 26.24 -6.62 -17.69
N MET D 225 26.19 -7.94 -17.60
CA MET D 225 25.23 -8.81 -18.30
C MET D 225 24.77 -9.91 -17.33
N LYS D 226 23.47 -10.24 -17.31
CA LYS D 226 22.92 -11.35 -16.49
C LYS D 226 23.35 -12.69 -17.11
N MET D 227 23.87 -13.60 -16.29
CA MET D 227 24.07 -15.02 -16.67
C MET D 227 22.69 -15.67 -16.84
N ASP D 228 22.58 -16.67 -17.71
CA ASP D 228 21.38 -17.53 -17.82
C ASP D 228 21.40 -18.53 -16.65
N GLU D 229 20.42 -19.44 -16.61
CA GLU D 229 20.21 -20.47 -15.55
C GLU D 229 21.47 -21.37 -15.39
N THR D 230 22.33 -21.44 -16.41
CA THR D 230 23.52 -22.35 -16.45
C THR D 230 24.80 -21.59 -16.07
N GLY D 231 24.73 -20.29 -15.82
CA GLY D 231 25.89 -19.45 -15.44
C GLY D 231 26.67 -18.90 -16.63
N MET D 232 26.11 -19.00 -17.84
CA MET D 232 26.76 -18.62 -19.12
C MET D 232 26.01 -17.44 -19.75
N VAL D 233 26.64 -16.73 -20.69
CA VAL D 233 25.99 -15.73 -21.56
C VAL D 233 26.23 -16.11 -23.02
N HIS D 234 25.22 -15.88 -23.87
CA HIS D 234 25.31 -15.77 -25.35
C HIS D 234 25.40 -14.30 -25.73
N CYS D 235 26.59 -13.83 -26.12
CA CYS D 235 26.85 -12.43 -26.54
C CYS D 235 27.86 -12.39 -27.68
N ASP D 236 27.61 -11.51 -28.66
CA ASP D 236 28.32 -11.42 -29.96
C ASP D 236 28.97 -10.03 -30.10
N THR D 237 29.21 -9.34 -28.98
CA THR D 237 29.78 -7.97 -28.92
C THR D 237 31.04 -7.97 -28.04
N ALA D 238 32.16 -7.42 -28.54
CA ALA D 238 33.41 -7.22 -27.77
C ALA D 238 33.27 -5.94 -26.97
N VAL D 239 32.96 -6.06 -25.69
CA VAL D 239 32.63 -4.92 -24.79
C VAL D 239 33.82 -4.69 -23.86
N GLY D 240 33.89 -3.49 -23.30
CA GLY D 240 34.91 -3.12 -22.30
C GLY D 240 36.13 -2.48 -22.94
N THR D 241 37.07 -2.06 -22.10
CA THR D 241 38.28 -1.30 -22.49
C THR D 241 39.26 -2.28 -23.11
N PRO D 242 39.83 -1.98 -24.30
CA PRO D 242 40.70 -2.91 -25.03
C PRO D 242 41.82 -3.59 -24.22
N ASP D 243 42.59 -2.78 -23.47
CA ASP D 243 43.74 -3.27 -22.67
C ASP D 243 43.34 -4.44 -21.75
N TYR D 244 42.09 -4.47 -21.22
CA TYR D 244 41.67 -5.43 -20.18
C TYR D 244 40.71 -6.48 -20.74
N ILE D 245 40.45 -6.50 -22.04
CA ILE D 245 39.42 -7.42 -22.64
C ILE D 245 40.01 -8.84 -22.83
N SER D 246 39.27 -9.88 -22.43
CA SER D 246 39.69 -11.30 -22.52
C SER D 246 39.61 -11.77 -23.96
N PRO D 247 40.37 -12.80 -24.36
CA PRO D 247 40.31 -13.33 -25.73
C PRO D 247 38.92 -13.81 -26.16
N GLU D 248 38.17 -14.48 -25.27
CA GLU D 248 36.86 -15.10 -25.62
C GLU D 248 35.84 -14.00 -25.95
N VAL D 249 35.88 -12.87 -25.24
CA VAL D 249 34.95 -11.73 -25.47
C VAL D 249 35.35 -11.00 -26.76
N LEU D 250 36.64 -10.79 -27.00
CA LEU D 250 37.15 -10.19 -28.25
C LEU D 250 36.72 -11.07 -29.45
N LYS D 251 36.94 -12.38 -29.34
CA LYS D 251 36.62 -13.36 -30.41
C LYS D 251 35.12 -13.41 -30.65
N SER D 252 34.30 -13.14 -29.63
CA SER D 252 32.81 -13.27 -29.68
C SER D 252 32.22 -12.28 -30.66
N GLN D 253 32.93 -11.19 -30.96
CA GLN D 253 32.54 -10.17 -31.98
C GLN D 253 32.34 -10.84 -33.34
N GLY D 254 33.13 -11.89 -33.63
CA GLY D 254 33.09 -12.67 -34.88
C GLY D 254 31.86 -13.58 -34.98
N GLY D 255 31.08 -13.69 -33.90
CA GLY D 255 29.86 -14.52 -33.82
C GLY D 255 29.97 -15.65 -32.81
N ASP D 256 28.82 -16.28 -32.53
CA ASP D 256 28.61 -17.41 -31.56
C ASP D 256 29.64 -17.36 -30.41
N GLY D 257 29.57 -16.32 -29.59
CA GLY D 257 30.26 -16.22 -28.28
C GLY D 257 29.40 -16.83 -27.18
N TYR D 258 30.01 -17.63 -26.32
CA TYR D 258 29.33 -18.47 -25.30
C TYR D 258 30.36 -18.71 -24.21
N TYR D 259 30.25 -17.98 -23.10
CA TYR D 259 31.29 -17.92 -22.04
C TYR D 259 30.63 -17.65 -20.70
N GLY D 260 31.38 -17.86 -19.63
CA GLY D 260 30.99 -17.59 -18.23
C GLY D 260 31.86 -16.51 -17.57
N ARG D 261 31.83 -16.51 -16.25
CA ARG D 261 32.35 -15.42 -15.40
C ARG D 261 33.89 -15.37 -15.45
N GLU D 262 34.55 -16.40 -15.95
CA GLU D 262 36.03 -16.53 -15.92
C GLU D 262 36.66 -15.44 -16.81
N CYS D 263 35.88 -14.75 -17.65
CA CYS D 263 36.36 -13.57 -18.42
C CYS D 263 36.75 -12.42 -17.46
N ASP D 264 36.14 -12.37 -16.28
CA ASP D 264 36.46 -11.34 -15.26
C ASP D 264 37.81 -11.67 -14.61
N TRP D 265 38.17 -12.95 -14.49
CA TRP D 265 39.45 -13.38 -13.87
C TRP D 265 40.61 -13.03 -14.80
N TRP D 266 40.40 -13.09 -16.12
CA TRP D 266 41.39 -12.59 -17.11
C TRP D 266 41.79 -11.18 -16.68
N SER D 267 40.79 -10.34 -16.48
CA SER D 267 40.95 -8.89 -16.24
C SER D 267 41.71 -8.67 -14.93
N VAL D 268 41.55 -9.55 -13.94
CA VAL D 268 42.30 -9.45 -12.66
C VAL D 268 43.80 -9.68 -12.96
N GLY D 269 44.12 -10.63 -13.83
CA GLY D 269 45.48 -10.89 -14.31
C GLY D 269 46.10 -9.65 -14.94
N VAL D 270 45.38 -8.98 -15.83
CA VAL D 270 45.85 -7.73 -16.50
C VAL D 270 46.12 -6.68 -15.42
N PHE D 271 45.19 -6.51 -14.49
CA PHE D 271 45.28 -5.54 -13.36
C PHE D 271 46.55 -5.81 -12.54
N LEU D 272 46.75 -7.05 -12.12
CA LEU D 272 47.90 -7.45 -11.27
C LEU D 272 49.22 -7.20 -12.02
N TYR D 273 49.26 -7.52 -13.32
CA TYR D 273 50.43 -7.25 -14.20
C TYR D 273 50.72 -5.74 -14.16
N GLU D 274 49.70 -4.93 -14.43
CA GLU D 274 49.86 -3.46 -14.53
C GLU D 274 50.40 -2.91 -13.21
N MET D 275 49.88 -3.39 -12.08
CA MET D 275 50.23 -2.94 -10.71
C MET D 275 51.71 -3.21 -10.46
N LEU D 276 52.21 -4.37 -10.85
CA LEU D 276 53.58 -4.84 -10.48
C LEU D 276 54.60 -4.44 -11.54
N VAL D 277 54.21 -4.28 -12.81
CA VAL D 277 55.15 -4.02 -13.93
C VAL D 277 55.15 -2.53 -14.30
N GLY D 278 53.99 -1.87 -14.24
CA GLY D 278 53.83 -0.42 -14.49
C GLY D 278 53.25 -0.11 -15.87
N ASP D 279 53.04 -1.12 -16.71
CA ASP D 279 52.33 -1.01 -18.02
C ASP D 279 51.37 -2.19 -18.16
N THR D 280 50.35 -2.09 -19.01
CA THR D 280 49.44 -3.23 -19.32
C THR D 280 50.21 -4.22 -20.19
N PRO D 281 49.94 -5.54 -20.03
CA PRO D 281 50.69 -6.57 -20.74
C PRO D 281 50.56 -6.55 -22.27
N PHE D 282 49.45 -6.03 -22.82
CA PHE D 282 49.16 -6.04 -24.28
C PHE D 282 49.06 -4.61 -24.80
N TYR D 283 49.76 -3.68 -24.14
CA TYR D 283 49.91 -2.29 -24.60
C TYR D 283 50.44 -2.29 -26.03
N ALA D 284 49.82 -1.47 -26.89
CA ALA D 284 50.30 -1.11 -28.25
C ALA D 284 49.88 0.32 -28.55
N ASP D 285 50.48 0.93 -29.59
CA ASP D 285 50.25 2.35 -29.99
C ASP D 285 48.85 2.55 -30.58
N SER D 286 48.18 1.48 -31.01
CA SER D 286 46.82 1.53 -31.61
C SER D 286 45.89 0.54 -30.88
N LEU D 287 44.58 0.72 -31.02
CA LEU D 287 43.56 -0.23 -30.52
C LEU D 287 43.72 -1.58 -31.25
N VAL D 288 43.83 -1.58 -32.58
CA VAL D 288 43.98 -2.82 -33.38
C VAL D 288 45.28 -3.56 -32.97
N GLY D 289 46.32 -2.82 -32.59
CA GLY D 289 47.60 -3.40 -32.10
C GLY D 289 47.38 -4.21 -30.83
N THR D 290 46.57 -3.69 -29.92
CA THR D 290 46.27 -4.31 -28.62
C THR D 290 45.36 -5.52 -28.85
N TYR D 291 44.31 -5.38 -29.66
CA TYR D 291 43.42 -6.48 -30.08
C TYR D 291 44.28 -7.64 -30.62
N SER D 292 45.18 -7.32 -31.53
CA SER D 292 46.09 -8.28 -32.19
C SER D 292 46.94 -9.04 -31.15
N LYS D 293 47.52 -8.33 -30.17
CA LYS D 293 48.37 -8.92 -29.11
C LYS D 293 47.54 -9.80 -28.17
N ILE D 294 46.32 -9.42 -27.88
CA ILE D 294 45.40 -10.22 -27.00
C ILE D 294 45.09 -11.55 -27.69
N MET D 295 44.70 -11.54 -28.97
CA MET D 295 44.42 -12.80 -29.72
C MET D 295 45.68 -13.68 -29.69
N ASP D 296 46.86 -13.09 -29.69
CA ASP D 296 48.16 -13.80 -29.76
C ASP D 296 48.81 -13.89 -28.37
N HIS D 297 48.03 -13.97 -27.29
CA HIS D 297 48.54 -13.84 -25.89
C HIS D 297 49.60 -14.91 -25.58
N LYS D 298 49.48 -16.10 -26.13
CA LYS D 298 50.46 -17.21 -25.91
C LYS D 298 51.87 -16.74 -26.27
N ASN D 299 51.99 -15.86 -27.28
CA ASN D 299 53.28 -15.35 -27.80
C ASN D 299 53.57 -13.94 -27.29
N SER D 300 52.53 -13.11 -27.14
CA SER D 300 52.67 -11.64 -26.98
C SER D 300 52.93 -11.28 -25.51
N LEU D 301 52.51 -12.13 -24.57
CA LEU D 301 52.74 -11.91 -23.12
C LEU D 301 54.20 -12.23 -22.80
N CYS D 302 54.94 -11.27 -22.26
CA CYS D 302 56.27 -11.53 -21.65
C CYS D 302 56.62 -10.42 -20.64
N PHE D 303 57.17 -10.81 -19.51
CA PHE D 303 57.61 -9.91 -18.43
C PHE D 303 58.94 -9.30 -18.84
N PRO D 304 59.14 -7.97 -18.68
CA PRO D 304 60.44 -7.37 -18.95
C PRO D 304 61.48 -7.97 -18.00
N GLU D 305 62.72 -8.18 -18.51
CA GLU D 305 63.81 -8.83 -17.75
C GLU D 305 64.21 -7.93 -16.56
N ASP D 306 63.97 -6.62 -16.66
CA ASP D 306 64.39 -5.60 -15.66
C ASP D 306 63.30 -5.39 -14.59
N ALA D 307 62.07 -5.85 -14.84
CA ALA D 307 60.98 -5.88 -13.82
C ALA D 307 61.30 -7.01 -12.83
N GLU D 308 61.14 -6.74 -11.54
CA GLU D 308 61.49 -7.72 -10.46
C GLU D 308 60.19 -8.19 -9.78
N ILE D 309 59.81 -9.44 -10.03
CA ILE D 309 58.49 -10.03 -9.69
C ILE D 309 58.73 -11.42 -9.07
N SER D 310 58.13 -11.68 -7.90
CA SER D 310 58.24 -12.98 -7.18
C SER D 310 57.71 -14.11 -8.08
N LYS D 311 58.20 -15.32 -7.85
CA LYS D 311 57.75 -16.55 -8.55
C LYS D 311 56.22 -16.66 -8.44
N HIS D 312 55.66 -16.40 -7.25
CA HIS D 312 54.23 -16.59 -6.93
C HIS D 312 53.36 -15.58 -7.70
N ALA D 313 53.80 -14.33 -7.81
CA ALA D 313 53.06 -13.26 -8.52
C ALA D 313 53.04 -13.57 -10.02
N LYS D 314 54.19 -13.99 -10.58
CA LYS D 314 54.31 -14.34 -12.01
C LYS D 314 53.42 -15.56 -12.29
N ASN D 315 53.40 -16.55 -11.39
CA ASN D 315 52.58 -17.78 -11.52
C ASN D 315 51.09 -17.41 -11.58
N LEU D 316 50.64 -16.51 -10.70
CA LEU D 316 49.22 -16.09 -10.59
C LEU D 316 48.82 -15.34 -11.85
N ILE D 317 49.64 -14.39 -12.30
CA ILE D 317 49.39 -13.58 -13.52
C ILE D 317 49.22 -14.56 -14.70
N CYS D 318 50.14 -15.50 -14.85
CA CYS D 318 50.16 -16.46 -15.98
C CYS D 318 49.01 -17.46 -15.87
N ALA D 319 48.52 -17.75 -14.66
CA ALA D 319 47.38 -18.67 -14.41
C ALA D 319 46.07 -17.98 -14.78
N PHE D 320 46.02 -16.64 -14.67
CA PHE D 320 44.86 -15.81 -15.11
C PHE D 320 44.92 -15.58 -16.63
N LEU D 321 46.10 -15.30 -17.18
CA LEU D 321 46.27 -14.88 -18.61
C LEU D 321 46.52 -16.11 -19.49
N THR D 322 45.54 -17.01 -19.54
CA THR D 322 45.49 -18.21 -20.40
C THR D 322 44.10 -18.28 -21.05
N ASP D 323 43.89 -19.26 -21.94
CA ASP D 323 42.57 -19.62 -22.47
C ASP D 323 41.61 -19.93 -21.30
N ARG D 324 40.33 -19.63 -21.45
CA ARG D 324 39.29 -19.80 -20.41
C ARG D 324 39.23 -21.26 -19.94
N GLU D 325 39.52 -22.20 -20.85
CA GLU D 325 39.35 -23.66 -20.60
C GLU D 325 40.26 -24.12 -19.45
N VAL D 326 41.38 -23.43 -19.21
CA VAL D 326 42.42 -23.82 -18.21
C VAL D 326 42.71 -22.64 -17.27
N ARG D 327 41.87 -21.61 -17.27
CA ARG D 327 42.11 -20.36 -16.51
C ARG D 327 41.85 -20.63 -15.03
N LEU D 328 42.65 -20.02 -14.14
CA LEU D 328 42.42 -20.06 -12.68
C LEU D 328 41.10 -19.36 -12.38
N GLY D 329 40.19 -20.03 -11.67
CA GLY D 329 38.85 -19.48 -11.31
C GLY D 329 37.73 -20.16 -12.08
N ARG D 330 38.08 -20.95 -13.09
CA ARG D 330 37.15 -21.75 -13.91
C ARG D 330 36.32 -22.68 -12.99
N ASN D 331 36.91 -23.20 -11.91
CA ASN D 331 36.26 -24.17 -10.98
C ASN D 331 35.85 -23.45 -9.68
N GLY D 332 35.69 -22.13 -9.72
CA GLY D 332 35.25 -21.35 -8.56
C GLY D 332 36.36 -20.51 -7.96
N VAL D 333 35.98 -19.49 -7.19
CA VAL D 333 36.87 -18.49 -6.56
C VAL D 333 37.73 -19.17 -5.49
N GLU D 334 37.34 -20.36 -5.01
CA GLU D 334 38.08 -21.08 -3.95
C GLU D 334 39.54 -21.31 -4.37
N GLU D 335 39.79 -21.75 -5.61
CA GLU D 335 41.17 -22.08 -6.07
C GLU D 335 42.00 -20.78 -6.26
N ILE D 336 41.36 -19.63 -6.46
CA ILE D 336 42.05 -18.30 -6.48
C ILE D 336 42.53 -17.98 -5.06
N ARG D 337 41.64 -18.07 -4.08
CA ARG D 337 41.91 -17.75 -2.65
C ARG D 337 43.09 -18.59 -2.13
N GLN D 338 43.25 -19.82 -2.60
CA GLN D 338 44.25 -20.79 -2.10
C GLN D 338 45.59 -20.60 -2.81
N HIS D 339 45.69 -19.69 -3.78
CA HIS D 339 46.97 -19.44 -4.49
C HIS D 339 48.00 -18.91 -3.51
N PRO D 340 49.25 -19.44 -3.52
CA PRO D 340 50.30 -19.02 -2.59
C PRO D 340 50.67 -17.53 -2.62
N PHE D 341 50.33 -16.79 -3.68
CA PHE D 341 50.61 -15.33 -3.77
C PHE D 341 49.95 -14.58 -2.61
N PHE D 342 48.82 -15.09 -2.12
CA PHE D 342 47.92 -14.40 -1.15
C PHE D 342 48.28 -14.76 0.30
N LYS D 343 49.20 -15.71 0.52
CA LYS D 343 49.77 -15.99 1.86
C LYS D 343 50.32 -14.68 2.44
N ASN D 344 49.87 -14.30 3.64
CA ASN D 344 50.26 -13.03 4.30
C ASN D 344 49.92 -13.11 5.79
N ASP D 345 50.43 -12.16 6.59
CA ASP D 345 50.24 -12.08 8.06
C ASP D 345 49.23 -10.99 8.42
N GLN D 346 48.83 -10.14 7.47
CA GLN D 346 48.10 -8.86 7.73
C GLN D 346 46.59 -9.13 7.78
N TRP D 347 46.06 -9.99 6.89
CA TRP D 347 44.59 -10.18 6.69
C TRP D 347 44.25 -11.62 6.30
N HIS D 348 43.02 -12.04 6.62
CA HIS D 348 42.33 -13.26 6.10
C HIS D 348 41.26 -12.83 5.08
N TRP D 349 40.77 -13.77 4.29
CA TRP D 349 39.76 -13.52 3.24
C TRP D 349 38.45 -13.07 3.87
N ASP D 350 38.13 -13.56 5.08
CA ASP D 350 36.80 -13.29 5.71
C ASP D 350 36.86 -11.99 6.53
N ASN D 351 38.02 -11.31 6.65
CA ASN D 351 38.15 -10.08 7.49
C ASN D 351 38.92 -8.95 6.77
N ILE D 352 39.35 -9.13 5.53
CA ILE D 352 40.26 -8.18 4.82
C ILE D 352 39.72 -6.74 4.94
N ARG D 353 38.41 -6.52 4.79
CA ARG D 353 37.81 -5.17 4.64
C ARG D 353 37.80 -4.42 5.99
N GLU D 354 38.19 -5.07 7.09
CA GLU D 354 38.27 -4.41 8.42
C GLU D 354 39.72 -4.38 8.92
N THR D 355 40.68 -4.76 8.09
CA THR D 355 42.14 -4.54 8.35
C THR D 355 42.56 -3.19 7.77
N ALA D 356 43.77 -2.73 8.11
CA ALA D 356 44.34 -1.47 7.62
C ALA D 356 44.66 -1.61 6.12
N ALA D 357 44.06 -0.75 5.30
CA ALA D 357 44.41 -0.58 3.87
C ALA D 357 45.83 -0.05 3.78
N PRO D 358 46.57 -0.36 2.69
CA PRO D 358 47.91 0.19 2.47
C PRO D 358 47.97 1.72 2.36
N VAL D 359 46.92 2.35 1.83
CA VAL D 359 46.81 3.84 1.69
C VAL D 359 45.49 4.29 2.30
N VAL D 360 45.55 4.89 3.49
CA VAL D 360 44.41 5.56 4.15
C VAL D 360 44.43 7.02 3.74
N PRO D 361 43.43 7.51 2.97
CA PRO D 361 43.48 8.88 2.47
C PRO D 361 43.42 9.88 3.64
N GLU D 362 44.20 10.96 3.53
CA GLU D 362 44.19 12.11 4.47
C GLU D 362 43.22 13.16 3.92
N LEU D 363 42.06 13.32 4.56
CA LEU D 363 40.98 14.24 4.12
C LEU D 363 40.82 15.34 5.18
N SER D 364 40.63 16.58 4.73
CA SER D 364 40.50 17.78 5.59
C SER D 364 39.03 18.02 5.97
N SER D 365 38.10 17.65 5.08
CA SER D 365 36.63 17.89 5.24
C SER D 365 35.84 16.91 4.38
N ASP D 366 34.51 17.03 4.39
CA ASP D 366 33.58 16.11 3.68
C ASP D 366 33.52 16.46 2.19
N ILE D 367 34.12 17.58 1.78
CA ILE D 367 34.19 18.02 0.35
C ILE D 367 35.65 18.03 -0.18
N ASP D 368 36.61 17.52 0.60
CA ASP D 368 38.00 17.29 0.12
C ASP D 368 37.95 16.36 -1.10
N SER D 369 38.42 16.83 -2.25
CA SER D 369 38.45 16.06 -3.53
C SER D 369 39.87 15.98 -4.09
N SER D 370 40.88 15.99 -3.21
CA SER D 370 42.31 16.10 -3.59
C SER D 370 42.84 14.81 -4.22
N ASN D 371 42.10 13.70 -4.14
CA ASN D 371 42.48 12.41 -4.79
C ASN D 371 41.81 12.31 -6.17
N PHE D 372 41.20 13.39 -6.64
CA PHE D 372 40.71 13.54 -8.05
C PHE D 372 41.41 14.71 -8.71
N ASP D 373 41.88 14.49 -9.94
CA ASP D 373 42.49 15.53 -10.80
C ASP D 373 41.41 16.53 -11.19
N ASP D 374 41.79 17.79 -11.42
CA ASP D 374 40.90 18.87 -11.94
C ASP D 374 40.38 18.49 -13.34
N ILE D 375 39.35 19.18 -13.82
CA ILE D 375 38.65 18.81 -15.08
C ILE D 375 38.37 20.09 -15.89
N GLU D 376 38.46 19.99 -17.23
CA GLU D 376 38.46 21.13 -18.18
C GLU D 376 39.85 21.77 -18.21
N VAL D 382 25.65 23.58 -24.65
CA VAL D 382 25.62 23.04 -26.05
C VAL D 382 24.71 21.79 -26.06
N GLU D 383 23.84 21.68 -27.09
CA GLU D 383 23.29 20.41 -27.67
C GLU D 383 21.99 20.04 -26.95
N THR D 384 20.99 19.60 -27.71
CA THR D 384 19.54 19.55 -27.34
C THR D 384 18.75 18.98 -28.52
N PHE D 385 17.57 18.39 -28.26
CA PHE D 385 16.72 17.69 -29.28
C PHE D 385 16.04 18.74 -30.15
N PRO D 386 15.95 18.54 -31.49
CA PRO D 386 15.09 19.38 -32.32
C PRO D 386 13.62 19.14 -31.93
N ILE D 387 12.79 20.15 -32.11
CA ILE D 387 11.29 20.04 -32.03
C ILE D 387 10.83 19.10 -33.14
N PRO D 388 10.25 17.93 -32.82
CA PRO D 388 9.86 16.96 -33.84
C PRO D 388 8.59 17.38 -34.59
N LYS D 389 8.47 16.93 -35.85
CA LYS D 389 7.30 17.19 -36.74
C LYS D 389 6.32 16.00 -36.64
N ALA D 390 6.83 14.84 -36.22
CA ALA D 390 6.08 13.59 -35.94
C ALA D 390 6.65 12.94 -34.68
N PHE D 391 5.85 12.15 -33.96
CA PHE D 391 6.26 11.39 -32.76
C PHE D 391 7.56 10.63 -33.04
N VAL D 392 8.57 10.81 -32.18
CA VAL D 392 9.88 10.10 -32.26
C VAL D 392 10.21 9.43 -30.92
N GLY D 393 9.57 9.86 -29.82
CA GLY D 393 9.65 9.20 -28.50
C GLY D 393 11.07 9.17 -27.95
N ASN D 394 11.72 10.33 -27.82
CA ASN D 394 13.12 10.45 -27.31
C ASN D 394 13.16 10.19 -25.79
N GLN D 395 12.02 10.29 -25.09
CA GLN D 395 11.94 10.08 -23.62
C GLN D 395 11.61 8.61 -23.29
N LEU D 396 11.20 7.79 -24.28
CA LEU D 396 10.73 6.40 -24.08
C LEU D 396 11.84 5.53 -23.48
N PRO D 397 13.11 5.66 -23.90
CA PRO D 397 14.16 4.76 -23.40
C PRO D 397 14.43 4.87 -21.89
N PHE D 398 13.89 5.89 -21.23
CA PHE D 398 14.28 6.32 -19.86
C PHE D 398 13.12 6.12 -18.86
N ILE D 399 12.00 5.60 -19.35
CA ILE D 399 10.85 5.20 -18.50
C ILE D 399 11.31 4.09 -17.55
N GLY D 400 11.20 4.32 -16.24
CA GLY D 400 11.56 3.34 -15.20
C GLY D 400 12.89 3.64 -14.53
N PHE D 401 13.54 4.73 -14.91
CA PHE D 401 14.88 5.10 -14.36
C PHE D 401 14.71 5.64 -12.93
N THR D 402 13.70 6.46 -12.70
CA THR D 402 13.51 7.15 -11.40
C THR D 402 13.53 6.12 -10.27
N TYR D 403 14.25 6.42 -9.18
CA TYR D 403 14.37 5.56 -7.98
C TYR D 403 14.70 6.41 -6.75
N TYR D 404 13.94 6.22 -5.65
CA TYR D 404 14.20 6.83 -4.31
C TYR D 404 14.42 5.72 -3.28
N ARG D 405 15.60 5.71 -2.66
CA ARG D 405 16.05 4.73 -1.64
C ARG D 405 15.07 4.73 -0.47
N3 O1S E . -29.40 -3.46 -16.59
C6 O1S E . -30.24 -3.43 -18.63
C7 O1S E . -29.35 -2.35 -18.47
C8 O1S E . -29.02 -1.34 -19.51
C10 O1S E . -29.15 -0.33 -21.59
C13 O1S E . -29.54 1.22 -24.94
C15 O1S E . -31.08 3.09 -24.34
C17 O1S E . -30.93 4.37 -26.45
C21 O1S E . -27.62 1.57 -21.72
C1 O1S E . -27.87 -1.51 -16.54
C2 O1S E . -28.86 -2.41 -17.20
N5 O1S E . -30.27 -4.09 -17.51
C9 O1S E . -29.58 -1.33 -20.74
N11 O1S E . -29.54 -0.05 -22.88
C12 O1S E . -29.03 0.95 -23.54
N14 O1S E . -29.87 2.66 -25.08
C16 O1S E . -31.41 4.47 -24.97
C18 O1S E . -30.09 3.06 -26.49
N19 O1S E . -28.06 1.77 -22.99
O22 O1S E . -26.77 2.30 -21.21
C23 O1S E . -28.19 0.50 -20.98
S24 O1S E . -27.86 -0.04 -19.34
N3 O1S F . 28.15 7.47 17.63
C6 O1S F . 29.02 7.17 19.65
C7 O1S F . 27.68 7.63 19.76
C8 O1S F . 26.98 7.90 21.03
C10 O1S F . 26.77 8.15 23.32
C13 O1S F . 26.66 8.56 27.00
C15 O1S F . 26.66 11.08 27.07
C17 O1S F . 26.09 11.37 29.45
C21 O1S F . 24.49 8.75 23.93
C1 O1S F . 25.83 8.27 18.11
C2 O1S F . 27.18 7.80 18.50
N5 O1S F . 29.29 7.08 18.36
C9 O1S F . 27.57 7.87 22.22
N11 O1S F . 27.09 8.20 24.65
C12 O1S F . 26.20 8.50 25.56
N14 O1S F . 26.16 9.81 27.65
C16 O1S F . 26.12 12.13 28.08
C18 O1S F . 26.45 9.91 29.08
N19 O1S F . 24.89 8.76 25.24
O22 O1S F . 23.35 9.01 23.60
C23 O1S F . 25.45 8.44 22.94
S24 O1S F . 25.28 8.34 21.19
#